data_9OIQ
#
_entry.id   9OIQ
#
_cell.length_a   94.281
_cell.length_b   94.281
_cell.length_c   363.761
_cell.angle_alpha   90.000
_cell.angle_beta   90.000
_cell.angle_gamma   90.000
#
_symmetry.space_group_name_H-M   'P 41 2 2'
#
loop_
_entity.id
_entity.type
_entity.pdbx_description
1 polymer Elongin-B
2 polymer Elongin-C
3 polymer 'von Hippel-Lindau disease tumor suppressor'
4 polymer Elongin-B
5 polymer 'von Hippel-Lindau disease tumor suppressor'
6 polymer Elongin-B
7 polymer Elongin-C
8 non-polymer 2-(5-amino-1H-1,3-benzimidazol-1-yl)ethan-1-ol
9 water water
#
loop_
_entity_poly.entity_id
_entity_poly.type
_entity_poly.pdbx_seq_one_letter_code
_entity_poly.pdbx_strand_id
1 'polypeptide(L)'
;MDVFLMIRRHKTTIFTDAKESSTVFELKRIVEGILKRPPDEQRLYKDDQLLDDGKTLGECGFTSQTARPQAPATVGLAFR
ADDTFEAL(CAS)IEPFSSPPELPDVMK
;
A,J
2 'polypeptide(L)'
;MGMYVKLISSDGHEFIVKREHALTSGTIKAMLSGPGQFAENETNEVNFREIPSHVLSKVCMYFTYKVRYTNSSTEIPEFP
IAPEIALELLMAANFLD(CAS)
;
B,E
3 'polypeptide(L)'
;MGSSHHHHHHSSGLVPRGSHMEAGRPRPVLRSVNSREPSQVIFCNRSPRVVLPVWLNFDGEPQPYPTLPPGTGRRIHSYR
GHLWLFRDAGTHDGLLVNQTELFVPSLNVDGQPIFANITLPVYTLKERCLQVVRSLVKPENYRRLDIVRSLYEDLEDHPN
VQKDLERLTQERIAHQRMGD
;
C,I,L
4 'polypeptide(L)'
;MDVFLMIRRHKTTIFTDAKESSTVFELKRIVEGILKRPPDEQRLYKDDQLLDDGKTLGECGFTSQTARPQAPATVGLAFR
ADDTFEALCIEPFSSPPELPDVMK
;
D
5 'polypeptide(L)'
;MGSSHHHHHHSSGLVPRGSHMEAGRPRPVLRSVNSREPSQVIF(CAS)NRSPRVVLPVWLNFDGEPQPYPTLPPGTGRRI
HSYRGHLWLFRDAGTHDGLLVNQTELFVPSLNVDGQPIFANITLPVYTLKERCLQVVRSLVKPENYRRLDIVRSLYEDLE
DHPNVQKDLERLTQERIAHQRMGD
;
F
6 'polypeptide(L)'
;MDVFLMIRRHKTTIFTDAKESSTVFELKRIVEGILKRPPDEQRLYKDDQLLDDGKTLGE(CAS)GFTSQTARPQAPATVG
LAFRADDTFEALCIEPFSSPPELPDVMK
;
G
7 'polypeptide(L)'
;MGMYVKLISSDGHEFIVKREHALTSGTIKAMLSGPGQFAENETNEVNFREIPSHVLSKVCMYFTYKVRYTNSSTEIPEFP
IAPEIALELLMAANFLDC
;
H,K
#
# COMPACT_ATOMS: atom_id res chain seq x y z
N MET A 1 -14.12 37.58 -13.08
CA MET A 1 -14.50 36.38 -12.33
C MET A 1 -15.50 36.72 -11.24
N ASP A 2 -16.42 35.80 -11.01
CA ASP A 2 -17.44 35.97 -10.00
C ASP A 2 -16.90 35.47 -8.67
N VAL A 3 -17.11 36.23 -7.62
CA VAL A 3 -16.79 35.78 -6.27
C VAL A 3 -18.12 35.63 -5.56
N PHE A 4 -18.20 34.65 -4.66
CA PHE A 4 -19.47 34.29 -4.03
C PHE A 4 -19.41 34.56 -2.54
N LEU A 5 -20.32 35.41 -2.06
CA LEU A 5 -20.21 35.98 -0.74
C LEU A 5 -21.45 35.79 0.13
N MET A 6 -21.21 35.86 1.44
CA MET A 6 -22.20 36.01 2.49
C MET A 6 -21.88 37.33 3.20
N ILE A 7 -22.72 38.35 3.01
CA ILE A 7 -22.58 39.61 3.75
C ILE A 7 -23.36 39.50 5.05
N ARG A 8 -22.67 39.66 6.18
CA ARG A 8 -23.22 39.29 7.48
C ARG A 8 -23.15 40.45 8.47
N ARG A 9 -24.29 40.79 9.06
CA ARG A 9 -24.35 41.70 10.18
C ARG A 9 -25.41 41.19 11.15
N HIS A 10 -25.03 41.10 12.43
CA HIS A 10 -25.90 40.67 13.52
C HIS A 10 -26.51 39.30 13.24
N LYS A 11 -27.82 39.28 12.98
CA LYS A 11 -28.54 38.07 12.60
C LYS A 11 -29.02 38.10 11.15
N THR A 12 -28.37 38.89 10.31
CA THR A 12 -28.72 39.06 8.90
C THR A 12 -27.60 38.52 8.04
N THR A 13 -27.97 37.77 6.99
CA THR A 13 -27.00 37.19 6.06
C THR A 13 -27.47 37.38 4.63
N ILE A 14 -26.68 38.08 3.81
CA ILE A 14 -27.01 38.26 2.41
C ILE A 14 -26.16 37.30 1.57
N PHE A 15 -26.79 36.57 0.67
CA PHE A 15 -26.06 35.75 -0.29
C PHE A 15 -26.06 36.49 -1.61
N THR A 16 -24.88 36.89 -2.07
CA THR A 16 -24.81 37.54 -3.35
C THR A 16 -23.46 37.22 -4.00
N ASP A 17 -23.30 37.67 -5.23
CA ASP A 17 -22.07 37.50 -5.99
C ASP A 17 -21.60 38.85 -6.51
N ALA A 18 -20.34 38.91 -6.91
CA ALA A 18 -19.77 40.13 -7.47
C ALA A 18 -18.55 39.74 -8.28
N LYS A 19 -18.06 40.68 -9.08
CA LYS A 19 -16.86 40.42 -9.85
C LYS A 19 -15.62 40.69 -9.00
N GLU A 20 -14.58 39.89 -9.23
CA GLU A 20 -13.35 40.09 -8.48
C GLU A 20 -12.85 41.52 -8.63
N SER A 21 -13.03 42.11 -9.82
CA SER A 21 -12.61 43.49 -10.08
C SER A 21 -13.54 44.53 -9.47
N SER A 22 -14.67 44.11 -8.90
CA SER A 22 -15.61 45.02 -8.27
C SER A 22 -14.95 45.71 -7.08
N THR A 23 -15.43 46.90 -6.70
CA THR A 23 -14.81 47.59 -5.59
C THR A 23 -15.66 47.43 -4.34
N VAL A 24 -15.01 47.69 -3.18
CA VAL A 24 -15.71 47.66 -1.91
C VAL A 24 -16.88 48.62 -1.93
N PHE A 25 -16.72 49.79 -2.57
CA PHE A 25 -17.83 50.74 -2.58
C PHE A 25 -19.02 50.19 -3.37
N GLU A 26 -18.73 49.54 -4.50
CA GLU A 26 -19.79 48.94 -5.30
C GLU A 26 -20.54 47.88 -4.51
N LEU A 27 -19.85 47.15 -3.63
CA LEU A 27 -20.54 46.20 -2.77
C LEU A 27 -21.38 46.92 -1.72
N LYS A 28 -20.94 48.09 -1.25
CA LYS A 28 -21.80 48.86 -0.35
C LYS A 28 -23.05 49.34 -1.09
N ARG A 29 -22.91 49.61 -2.39
CA ARG A 29 -24.08 49.98 -3.20
C ARG A 29 -25.05 48.83 -3.30
N ILE A 30 -24.51 47.61 -3.45
CA ILE A 30 -25.34 46.40 -3.51
C ILE A 30 -26.12 46.23 -2.21
N VAL A 31 -25.42 46.36 -1.09
CA VAL A 31 -26.07 46.29 0.21
C VAL A 31 -27.12 47.37 0.34
N GLU A 32 -26.84 48.55 -0.21
CA GLU A 32 -27.79 49.65 -0.10
C GLU A 32 -29.14 49.29 -0.73
N GLY A 33 -29.11 48.60 -1.87
CA GLY A 33 -30.34 48.15 -2.50
C GLY A 33 -31.13 47.22 -1.60
N ILE A 34 -30.47 46.22 -1.04
CA ILE A 34 -31.16 45.23 -0.22
C ILE A 34 -31.59 45.86 1.10
N LEU A 35 -30.62 46.26 1.92
CA LEU A 35 -30.95 46.68 3.28
C LEU A 35 -31.28 48.17 3.43
N LYS A 36 -31.28 48.95 2.35
CA LYS A 36 -31.77 50.34 2.36
C LYS A 36 -30.95 51.24 3.27
N ARG A 37 -29.62 51.10 3.25
CA ARG A 37 -28.75 51.99 3.98
C ARG A 37 -27.66 52.48 3.05
N PRO A 38 -27.34 53.76 3.08
CA PRO A 38 -26.39 54.33 2.15
C PRO A 38 -24.97 53.94 2.52
N PRO A 39 -24.05 53.91 1.55
CA PRO A 39 -22.66 53.58 1.87
C PRO A 39 -22.07 54.45 2.98
N ASP A 40 -22.52 55.70 3.13
CA ASP A 40 -21.97 56.58 4.17
C ASP A 40 -22.18 55.99 5.56
N GLU A 41 -23.17 55.13 5.72
CA GLU A 41 -23.49 54.52 7.01
C GLU A 41 -23.05 53.06 7.10
N GLN A 42 -22.20 52.59 6.20
CA GLN A 42 -21.78 51.20 6.18
C GLN A 42 -20.27 51.07 6.33
N ARG A 43 -19.84 50.06 7.07
CA ARG A 43 -18.44 49.64 7.10
C ARG A 43 -18.36 48.15 6.78
N LEU A 44 -17.54 47.78 5.81
CA LEU A 44 -17.39 46.37 5.42
C LEU A 44 -16.04 45.83 5.89
N TYR A 45 -16.03 44.58 6.34
CA TYR A 45 -14.88 43.98 7.01
C TYR A 45 -14.48 42.65 6.39
N LYS A 46 -13.19 42.37 6.42
CA LYS A 46 -12.71 41.02 6.24
C LYS A 46 -12.18 40.56 7.59
N ASP A 47 -12.83 39.56 8.15
CA ASP A 47 -12.50 39.12 9.50
C ASP A 47 -12.56 40.33 10.40
N ASP A 48 -11.42 40.87 10.83
CA ASP A 48 -11.44 42.02 11.71
C ASP A 48 -10.93 43.30 11.06
N GLN A 49 -10.65 43.26 9.76
CA GLN A 49 -9.99 44.37 9.08
C GLN A 49 -10.99 45.14 8.25
N LEU A 50 -11.11 46.43 8.53
CA LEU A 50 -11.93 47.30 7.71
C LEU A 50 -11.39 47.39 6.29
N LEU A 51 -12.31 47.38 5.32
CA LEU A 51 -11.97 47.42 3.91
C LEU A 51 -12.19 48.81 3.36
N ASP A 52 -11.19 49.31 2.62
CA ASP A 52 -11.26 50.63 2.01
C ASP A 52 -12.12 50.60 0.73
N ASP A 53 -12.94 51.66 0.57
CA ASP A 53 -13.92 51.70 -0.52
C ASP A 53 -13.31 51.46 -1.89
N GLY A 54 -12.09 51.98 -2.14
CA GLY A 54 -11.50 51.93 -3.47
C GLY A 54 -10.83 50.64 -3.87
N LYS A 55 -10.63 49.72 -2.93
CA LYS A 55 -9.90 48.52 -3.28
C LYS A 55 -10.87 47.50 -3.90
N THR A 56 -10.35 46.70 -4.82
CA THR A 56 -11.17 45.65 -5.42
C THR A 56 -11.29 44.46 -4.47
N LEU A 57 -12.36 43.68 -4.66
CA LEU A 57 -12.57 42.54 -3.78
C LEU A 57 -11.40 41.56 -3.86
N GLY A 58 -10.74 41.45 -5.02
CA GLY A 58 -9.58 40.58 -5.09
C GLY A 58 -8.43 41.09 -4.25
N GLU A 59 -8.17 42.42 -4.31
CA GLU A 59 -7.18 43.06 -3.45
C GLU A 59 -7.48 42.86 -1.97
N CYS A 60 -8.75 42.77 -1.61
CA CYS A 60 -9.17 42.43 -0.26
C CYS A 60 -9.17 40.93 0.01
N GLY A 61 -8.71 40.11 -0.93
CA GLY A 61 -8.61 38.68 -0.71
C GLY A 61 -9.86 37.85 -0.97
N PHE A 62 -10.86 38.40 -1.66
CA PHE A 62 -12.02 37.62 -2.10
C PHE A 62 -11.74 37.20 -3.54
N THR A 63 -11.37 35.94 -3.73
CA THR A 63 -11.00 35.39 -5.03
C THR A 63 -11.85 34.17 -5.40
N SER A 64 -11.81 33.81 -6.68
CA SER A 64 -12.58 32.66 -7.14
C SER A 64 -12.21 31.38 -6.40
N GLN A 65 -10.93 31.21 -6.03
CA GLN A 65 -10.54 30.03 -5.25
C GLN A 65 -11.11 30.09 -3.83
N THR A 66 -11.21 31.31 -3.28
CA THR A 66 -11.60 31.60 -1.91
C THR A 66 -13.11 31.69 -1.72
N ALA A 67 -13.80 32.40 -2.60
CA ALA A 67 -15.22 32.73 -2.43
C ALA A 67 -16.00 31.93 -3.46
N ARG A 68 -16.42 30.74 -3.06
CA ARG A 68 -16.94 29.79 -4.04
C ARG A 68 -18.44 29.59 -3.82
N PRO A 69 -19.17 29.13 -4.82
CA PRO A 69 -20.64 29.03 -4.65
C PRO A 69 -21.05 28.15 -3.49
N GLN A 70 -20.46 26.97 -3.37
CA GLN A 70 -20.78 26.04 -2.29
C GLN A 70 -20.08 26.40 -0.97
N ALA A 71 -19.09 27.30 -0.99
CA ALA A 71 -18.41 27.77 0.22
C ALA A 71 -18.07 29.24 0.07
N PRO A 72 -19.06 30.12 0.24
CA PRO A 72 -18.84 31.54 0.00
C PRO A 72 -18.04 32.18 1.11
N ALA A 73 -17.33 33.26 0.78
CA ALA A 73 -16.57 34.03 1.77
C ALA A 73 -17.47 35.01 2.50
N THR A 74 -17.08 35.35 3.72
CA THR A 74 -17.88 36.18 4.61
C THR A 74 -17.35 37.60 4.60
N VAL A 75 -18.24 38.58 4.45
CA VAL A 75 -17.92 39.99 4.58
C VAL A 75 -18.72 40.51 5.74
N GLY A 76 -18.04 41.09 6.73
CA GLY A 76 -18.72 41.66 7.87
C GLY A 76 -19.30 43.01 7.51
N LEU A 77 -20.44 43.30 8.12
CA LEU A 77 -21.13 44.56 7.93
C LEU A 77 -21.35 45.21 9.29
N ALA A 78 -21.08 46.52 9.35
CA ALA A 78 -21.37 47.38 10.50
C ALA A 78 -22.02 48.66 10.01
N PHE A 79 -23.04 49.12 10.73
CA PHE A 79 -23.82 50.29 10.37
C PHE A 79 -23.53 51.48 11.28
N ARG A 80 -23.72 52.68 10.72
CA ARG A 80 -23.64 53.94 11.46
C ARG A 80 -25.02 54.30 11.99
N ALA A 81 -25.11 54.56 13.29
CA ALA A 81 -26.34 55.00 13.94
C ALA A 81 -26.16 56.48 14.28
N ASP A 82 -26.78 57.36 13.45
CA ASP A 82 -26.73 58.81 13.58
C ASP A 82 -25.37 59.28 14.10
N ASP A 83 -24.37 59.29 13.22
CA ASP A 83 -23.03 59.85 13.39
C ASP A 83 -22.01 58.90 14.07
N THR A 84 -22.43 57.78 14.64
CA THR A 84 -21.49 56.86 15.30
C THR A 84 -21.60 55.46 14.73
N PHE A 85 -20.46 54.82 14.47
CA PHE A 85 -20.42 53.46 13.93
C PHE A 85 -20.43 52.40 15.03
N GLU A 86 -21.26 51.39 14.86
CA GLU A 86 -21.33 50.32 15.83
C GLU A 86 -20.10 49.43 15.72
N ALA A 87 -19.86 48.65 16.75
CA ALA A 87 -18.82 47.65 16.67
C ALA A 87 -19.28 46.48 15.81
N LEU A 88 -18.34 45.88 15.09
CA LEU A 88 -18.67 44.75 14.22
C LEU A 88 -19.15 43.55 15.00
N ILE A 90 -21.27 39.71 14.55
CA ILE A 90 -21.89 38.69 13.70
C ILE A 90 -22.40 37.57 14.58
N GLU A 91 -23.71 37.41 14.68
CA GLU A 91 -24.24 36.35 15.53
C GLU A 91 -23.88 35.01 14.90
N PRO A 92 -23.36 34.05 15.67
CA PRO A 92 -23.00 32.76 15.08
C PRO A 92 -24.24 31.98 14.69
N PHE A 93 -24.06 31.03 13.78
CA PHE A 93 -25.17 30.14 13.46
C PHE A 93 -25.39 29.15 14.61
N SER A 94 -26.52 28.45 14.55
CA SER A 94 -26.86 27.51 15.60
C SER A 94 -25.83 26.38 15.64
N SER A 95 -25.68 25.77 16.84
CA SER A 95 -24.74 24.66 17.00
C SER A 95 -25.38 23.31 16.62
N PRO A 96 -24.68 22.46 15.88
CA PRO A 96 -25.24 21.16 15.53
C PRO A 96 -25.33 20.27 16.76
N PRO A 97 -26.29 19.36 16.80
CA PRO A 97 -26.31 18.38 17.89
C PRO A 97 -25.11 17.43 17.78
N GLU A 98 -24.85 16.72 18.89
CA GLU A 98 -23.83 15.68 18.88
C GLU A 98 -24.22 14.59 17.89
N LEU A 99 -23.22 13.95 17.30
CA LEU A 99 -23.49 12.92 16.29
C LEU A 99 -24.24 11.75 16.93
N PRO A 100 -25.30 11.26 16.29
CA PRO A 100 -25.95 10.03 16.79
C PRO A 100 -24.96 8.87 16.84
N ASP A 101 -25.23 7.93 17.74
CA ASP A 101 -24.35 6.78 17.87
C ASP A 101 -24.30 6.00 16.56
N VAL A 102 -25.44 5.97 15.86
CA VAL A 102 -25.66 5.32 14.58
C VAL A 102 -24.72 5.85 13.49
N MET A 103 -23.90 6.84 13.83
CA MET A 103 -22.96 7.41 12.86
C MET A 103 -21.50 7.39 13.34
N MET B 3 -33.98 41.18 -7.69
CA MET B 3 -34.72 41.25 -6.42
C MET B 3 -34.40 40.10 -5.44
N TYR B 4 -34.69 40.34 -4.16
CA TYR B 4 -34.32 39.39 -3.12
C TYR B 4 -35.55 38.96 -2.32
N VAL B 5 -35.42 37.85 -1.59
CA VAL B 5 -36.43 37.37 -0.65
C VAL B 5 -35.70 37.01 0.65
N LYS B 6 -36.46 36.89 1.72
CA LYS B 6 -35.90 36.64 3.04
C LYS B 6 -36.46 35.33 3.59
N LEU B 7 -35.57 34.40 3.90
CA LEU B 7 -35.91 33.12 4.51
C LEU B 7 -35.42 33.16 5.96
N ILE B 8 -36.33 32.99 6.91
CA ILE B 8 -35.99 33.10 8.33
C ILE B 8 -35.94 31.71 8.95
N SER B 9 -34.85 31.44 9.66
CA SER B 9 -34.63 30.17 10.31
C SER B 9 -35.43 30.11 11.62
N SER B 10 -35.47 28.91 12.19
CA SER B 10 -36.19 28.69 13.42
C SER B 10 -35.63 29.53 14.56
N ASP B 11 -34.31 29.69 14.62
CA ASP B 11 -33.66 30.52 15.63
C ASP B 11 -33.54 32.00 15.25
N GLY B 12 -34.25 32.48 14.23
CA GLY B 12 -34.36 33.91 13.94
C GLY B 12 -33.32 34.54 13.01
N HIS B 13 -32.33 33.80 12.53
CA HIS B 13 -31.41 34.36 11.53
C HIS B 13 -32.16 34.59 10.23
N GLU B 14 -31.96 35.75 9.61
CA GLU B 14 -32.64 36.09 8.38
C GLU B 14 -31.67 35.94 7.22
N PHE B 15 -32.01 35.06 6.29
CA PHE B 15 -31.18 34.78 5.14
C PHE B 15 -31.81 35.48 3.96
N ILE B 16 -31.05 36.36 3.32
CA ILE B 16 -31.50 37.14 2.19
C ILE B 16 -30.87 36.57 0.92
N VAL B 17 -31.69 36.01 0.02
CA VAL B 17 -31.19 35.41 -1.21
C VAL B 17 -31.93 35.96 -2.40
N LYS B 18 -31.37 35.75 -3.59
CA LYS B 18 -31.99 36.24 -4.82
C LYS B 18 -33.27 35.47 -5.11
N ARG B 19 -34.30 36.18 -5.61
CA ARG B 19 -35.61 35.55 -5.78
C ARG B 19 -35.52 34.32 -6.67
N GLU B 20 -34.79 34.43 -7.80
CA GLU B 20 -34.64 33.30 -8.70
C GLU B 20 -33.98 32.12 -8.00
N HIS B 21 -33.00 32.38 -7.11
CA HIS B 21 -32.39 31.27 -6.36
C HIS B 21 -33.43 30.55 -5.51
N ALA B 22 -34.23 31.32 -4.76
CA ALA B 22 -35.22 30.68 -3.93
C ALA B 22 -36.34 30.08 -4.75
N LEU B 23 -36.61 30.66 -5.93
CA LEU B 23 -37.70 30.12 -6.73
C LEU B 23 -37.35 28.77 -7.34
N THR B 24 -36.10 28.31 -7.20
CA THR B 24 -35.76 26.95 -7.61
C THR B 24 -36.62 25.92 -6.89
N SER B 25 -36.85 26.12 -5.61
CA SER B 25 -37.69 25.23 -4.83
C SER B 25 -39.16 25.56 -5.10
N GLY B 26 -39.95 24.52 -5.44
CA GLY B 26 -41.38 24.72 -5.60
C GLY B 26 -42.09 24.92 -4.27
N THR B 27 -41.64 24.23 -3.22
CA THR B 27 -42.19 24.46 -1.89
C THR B 27 -41.99 25.89 -1.46
N ILE B 28 -40.78 26.46 -1.68
CA ILE B 28 -40.57 27.86 -1.30
C ILE B 28 -41.41 28.77 -2.18
N LYS B 29 -41.54 28.44 -3.47
CA LYS B 29 -42.40 29.20 -4.37
C LYS B 29 -43.81 29.29 -3.82
N ALA B 30 -44.34 28.15 -3.35
CA ALA B 30 -45.68 28.13 -2.78
C ALA B 30 -45.75 28.95 -1.51
N MET B 31 -44.74 28.83 -0.65
CA MET B 31 -44.72 29.57 0.59
C MET B 31 -44.73 31.08 0.35
N LEU B 32 -44.07 31.53 -0.73
CA LEU B 32 -44.00 32.95 -0.99
C LEU B 32 -45.30 33.52 -1.54
N SER B 33 -46.03 32.74 -2.34
CA SER B 33 -47.30 33.21 -2.93
C SER B 33 -48.54 32.77 -2.16
N ASN B 44 -42.77 38.81 1.00
CA ASN B 44 -41.46 38.44 0.51
C ASN B 44 -40.60 37.84 1.62
N GLU B 45 -41.26 37.23 2.60
CA GLU B 45 -40.59 36.57 3.70
C GLU B 45 -41.22 35.20 3.90
N VAL B 46 -40.39 34.21 4.24
CA VAL B 46 -40.84 32.88 4.63
C VAL B 46 -40.19 32.54 5.96
N ASN B 47 -40.95 31.92 6.86
CA ASN B 47 -40.46 31.54 8.16
C ASN B 47 -40.41 30.02 8.22
N PHE B 48 -39.29 29.48 8.69
CA PHE B 48 -39.14 28.02 8.78
C PHE B 48 -39.04 27.71 10.26
N ARG B 49 -40.13 27.19 10.83
CA ARG B 49 -40.18 26.95 12.26
C ARG B 49 -39.39 25.71 12.68
N GLU B 50 -38.99 24.84 11.76
CA GLU B 50 -38.29 23.62 12.09
C GLU B 50 -36.83 23.57 11.65
N ILE B 51 -36.36 24.54 10.87
CA ILE B 51 -35.04 24.49 10.26
C ILE B 51 -34.14 25.48 10.99
N PRO B 52 -33.15 25.03 11.72
CA PRO B 52 -32.21 25.95 12.37
C PRO B 52 -31.27 26.55 11.33
N SER B 53 -30.53 27.57 11.75
CA SER B 53 -29.75 28.38 10.81
C SER B 53 -28.57 27.62 10.24
N HIS B 54 -27.91 26.74 11.03
CA HIS B 54 -26.81 25.95 10.44
C HIS B 54 -27.33 25.09 9.29
N VAL B 55 -28.60 24.69 9.36
CA VAL B 55 -29.18 23.99 8.23
C VAL B 55 -29.50 24.96 7.11
N LEU B 56 -30.18 26.07 7.42
CA LEU B 56 -30.65 26.95 6.35
C LEU B 56 -29.50 27.63 5.61
N SER B 57 -28.38 27.89 6.27
CA SER B 57 -27.24 28.48 5.55
C SER B 57 -26.78 27.54 4.44
N LYS B 58 -26.66 26.24 4.76
CA LYS B 58 -26.28 25.29 3.73
C LYS B 58 -27.34 25.25 2.62
N VAL B 59 -28.62 25.33 2.98
CA VAL B 59 -29.66 25.38 1.95
C VAL B 59 -29.39 26.51 0.98
N CYS B 60 -29.04 27.70 1.49
CA CYS B 60 -28.76 28.80 0.57
C CYS B 60 -27.48 28.58 -0.21
N MET B 61 -26.46 27.98 0.40
CA MET B 61 -25.27 27.69 -0.40
C MET B 61 -25.60 26.74 -1.52
N TYR B 62 -26.52 25.81 -1.29
CA TYR B 62 -26.91 24.92 -2.36
C TYR B 62 -27.59 25.67 -3.49
N PHE B 63 -28.44 26.66 -3.17
CA PHE B 63 -29.05 27.49 -4.21
C PHE B 63 -28.00 28.12 -5.10
N THR B 64 -26.98 28.71 -4.48
CA THR B 64 -25.92 29.34 -5.25
C THR B 64 -25.24 28.29 -6.13
N TYR B 65 -24.99 27.12 -5.56
CA TYR B 65 -24.30 26.04 -6.24
C TYR B 65 -25.10 25.53 -7.42
N LYS B 66 -26.39 25.28 -7.18
CA LYS B 66 -27.25 24.71 -8.22
C LYS B 66 -27.36 25.63 -9.40
N VAL B 67 -27.65 26.91 -9.15
CA VAL B 67 -27.80 27.88 -10.23
C VAL B 67 -26.52 28.05 -11.01
N ARG B 68 -25.37 27.91 -10.35
CA ARG B 68 -24.09 28.13 -11.01
C ARG B 68 -23.73 26.99 -11.94
N TYR B 69 -23.85 25.75 -11.47
CA TYR B 69 -23.33 24.57 -12.16
C TYR B 69 -24.36 23.80 -12.97
N THR B 70 -25.62 24.25 -13.00
CA THR B 70 -26.68 23.43 -13.59
C THR B 70 -26.42 23.10 -15.05
N ASN B 71 -26.01 24.07 -15.84
CA ASN B 71 -25.83 23.83 -17.26
C ASN B 71 -24.41 24.12 -17.69
N SER B 72 -23.44 23.45 -17.09
CA SER B 72 -22.04 23.70 -17.41
C SER B 72 -21.28 22.41 -17.65
N SER B 73 -20.56 22.36 -18.78
CA SER B 73 -19.61 21.29 -19.10
C SER B 73 -18.30 21.44 -18.34
N THR B 74 -18.08 22.56 -17.66
CA THR B 74 -16.98 22.66 -16.71
C THR B 74 -17.14 21.60 -15.64
N GLU B 75 -16.01 21.08 -15.14
CA GLU B 75 -16.10 20.10 -14.07
C GLU B 75 -16.83 20.73 -12.90
N ILE B 76 -17.78 19.97 -12.35
CA ILE B 76 -18.63 20.39 -11.25
C ILE B 76 -17.97 19.92 -9.96
N PRO B 77 -17.84 20.76 -8.95
CA PRO B 77 -17.29 20.28 -7.68
C PRO B 77 -18.40 19.66 -6.83
N GLU B 78 -17.95 18.90 -5.86
CA GLU B 78 -18.85 18.25 -4.94
C GLU B 78 -19.52 19.30 -4.05
N PHE B 79 -20.78 19.06 -3.72
CA PHE B 79 -21.42 19.87 -2.70
C PHE B 79 -21.05 19.25 -1.35
N PRO B 80 -20.22 19.90 -0.53
CA PRO B 80 -19.76 19.29 0.72
C PRO B 80 -20.79 19.38 1.83
N ILE B 81 -20.93 18.29 2.59
CA ILE B 81 -21.85 18.25 3.72
C ILE B 81 -21.09 17.66 4.90
N ALA B 82 -20.84 18.48 5.91
CA ALA B 82 -20.21 17.97 7.11
C ALA B 82 -21.06 16.86 7.73
N PRO B 83 -20.43 15.86 8.35
CA PRO B 83 -21.21 14.77 8.95
C PRO B 83 -22.17 15.23 10.02
N GLU B 84 -21.82 16.27 10.78
CA GLU B 84 -22.65 16.69 11.90
C GLU B 84 -23.98 17.28 11.45
N ILE B 85 -24.06 17.85 10.24
CA ILE B 85 -25.29 18.49 9.81
C ILE B 85 -26.05 17.63 8.81
N ALA B 86 -25.57 16.42 8.54
CA ALA B 86 -26.13 15.58 7.48
C ALA B 86 -27.60 15.26 7.77
N LEU B 87 -27.90 14.79 8.98
CA LEU B 87 -29.27 14.34 9.24
C LEU B 87 -30.24 15.51 9.13
N GLU B 88 -29.91 16.65 9.73
CA GLU B 88 -30.85 17.78 9.71
C GLU B 88 -31.04 18.31 8.29
N LEU B 89 -29.95 18.41 7.53
CA LEU B 89 -30.07 18.86 6.15
C LEU B 89 -30.96 17.93 5.36
N LEU B 90 -30.87 16.62 5.62
CA LEU B 90 -31.69 15.65 4.90
C LEU B 90 -33.17 15.87 5.20
N MET B 91 -33.52 16.03 6.48
CA MET B 91 -34.91 16.28 6.80
C MET B 91 -35.42 17.54 6.12
N ALA B 92 -34.62 18.61 6.15
CA ALA B 92 -35.09 19.84 5.53
C ALA B 92 -35.24 19.65 4.03
N ALA B 93 -34.31 18.93 3.40
CA ALA B 93 -34.38 18.73 1.96
C ALA B 93 -35.58 17.87 1.57
N ASN B 94 -35.90 16.86 2.40
CA ASN B 94 -37.11 16.07 2.18
C ASN B 94 -38.38 16.93 2.32
N PHE B 95 -38.42 17.81 3.31
CA PHE B 95 -39.60 18.63 3.49
C PHE B 95 -39.76 19.59 2.30
N LEU B 96 -38.67 20.19 1.83
CA LEU B 96 -38.71 21.16 0.75
C LEU B 96 -38.61 20.51 -0.63
N ASP B 97 -38.41 19.19 -0.70
CA ASP B 97 -38.22 18.47 -1.96
C ASP B 97 -37.29 19.12 -2.93
N VAL C 29 -33.51 -4.86 -24.47
CA VAL C 29 -34.12 -3.61 -24.94
C VAL C 29 -33.04 -2.53 -25.17
N LEU C 30 -32.33 -2.14 -24.12
CA LEU C 30 -31.15 -1.28 -24.20
C LEU C 30 -29.93 -2.17 -24.34
N ARG C 31 -29.38 -2.24 -25.55
CA ARG C 31 -28.31 -3.18 -25.87
C ARG C 31 -27.28 -2.48 -26.74
N SER C 32 -26.04 -3.00 -26.73
CA SER C 32 -25.08 -2.52 -27.70
C SER C 32 -25.36 -3.15 -29.04
N VAL C 33 -25.01 -2.43 -30.09
CA VAL C 33 -25.08 -2.94 -31.46
C VAL C 33 -23.77 -3.63 -31.80
N ASN C 34 -23.84 -4.81 -32.39
CA ASN C 34 -22.62 -5.50 -32.84
C ASN C 34 -22.20 -4.98 -34.22
N SER C 35 -21.76 -3.73 -34.24
CA SER C 35 -21.32 -3.12 -35.49
C SER C 35 -20.01 -3.72 -35.97
N ARG C 36 -19.17 -4.19 -35.03
CA ARG C 36 -17.81 -4.62 -35.31
C ARG C 36 -16.97 -3.50 -35.92
N GLU C 37 -17.39 -2.26 -35.78
CA GLU C 37 -16.63 -1.15 -36.32
C GLU C 37 -15.89 -0.46 -35.18
N PRO C 38 -14.58 -0.59 -35.12
CA PRO C 38 -13.87 -0.14 -33.91
C PRO C 38 -13.97 1.37 -33.72
N SER C 39 -14.09 1.76 -32.45
CA SER C 39 -14.06 3.16 -32.08
C SER C 39 -13.10 3.31 -30.91
N GLN C 40 -12.17 4.25 -31.03
CA GLN C 40 -11.16 4.50 -30.02
C GLN C 40 -11.69 5.57 -29.08
N VAL C 41 -11.63 5.32 -27.77
CA VAL C 41 -12.28 6.20 -26.80
C VAL C 41 -11.33 6.50 -25.64
N ILE C 42 -11.37 7.75 -25.17
CA ILE C 42 -10.71 8.12 -23.92
C ILE C 42 -11.78 8.45 -22.89
N PHE C 43 -11.77 7.68 -21.80
CA PHE C 43 -12.59 7.90 -20.63
C PHE C 43 -11.79 8.84 -19.75
N CYS C 44 -12.23 10.09 -19.56
CA CYS C 44 -11.58 10.99 -18.61
C CYS C 44 -12.51 11.20 -17.42
N ASN C 45 -12.05 10.75 -16.26
CA ASN C 45 -12.79 10.87 -14.99
C ASN C 45 -12.56 12.25 -14.42
N ARG C 46 -13.44 13.19 -14.78
CA ARG C 46 -13.36 14.55 -14.23
C ARG C 46 -14.31 14.72 -13.05
N SER C 47 -14.27 13.79 -12.13
CA SER C 47 -15.10 13.78 -10.94
C SER C 47 -14.19 13.42 -9.80
N PRO C 48 -14.59 13.69 -8.57
CA PRO C 48 -13.79 13.29 -7.43
C PRO C 48 -14.04 11.87 -6.99
N ARG C 49 -14.76 11.08 -7.78
CA ARG C 49 -15.13 9.75 -7.36
C ARG C 49 -14.35 8.71 -8.15
N VAL C 50 -14.14 7.55 -7.54
CA VAL C 50 -13.66 6.40 -8.30
C VAL C 50 -14.76 5.97 -9.25
N VAL C 51 -14.47 5.96 -10.54
CA VAL C 51 -15.50 5.71 -11.56
C VAL C 51 -15.45 4.26 -12.02
N LEU C 52 -16.63 3.63 -12.09
CA LEU C 52 -16.79 2.27 -12.62
C LEU C 52 -17.42 2.34 -14.01
N PRO C 53 -16.68 2.02 -15.07
CA PRO C 53 -17.29 1.95 -16.40
C PRO C 53 -18.16 0.71 -16.51
N VAL C 54 -19.30 0.86 -17.18
CA VAL C 54 -20.21 -0.25 -17.43
C VAL C 54 -20.56 -0.33 -18.91
N TRP C 55 -20.24 -1.45 -19.53
CA TRP C 55 -20.61 -1.71 -20.90
C TRP C 55 -21.90 -2.53 -20.89
N LEU C 56 -22.88 -2.12 -21.71
CA LEU C 56 -24.11 -2.87 -21.90
C LEU C 56 -23.88 -3.84 -23.07
N ASN C 57 -23.89 -5.13 -22.76
CA ASN C 57 -23.51 -6.11 -23.76
C ASN C 57 -24.65 -6.31 -24.75
N PHE C 58 -24.44 -7.26 -25.66
CA PHE C 58 -25.39 -7.46 -26.75
C PHE C 58 -26.72 -8.01 -26.26
N ASP C 59 -26.76 -8.57 -25.07
CA ASP C 59 -28.02 -9.02 -24.50
C ASP C 59 -28.63 -8.02 -23.55
N GLY C 60 -28.03 -6.84 -23.39
CA GLY C 60 -28.56 -5.86 -22.47
C GLY C 60 -28.01 -5.96 -21.08
N GLU C 61 -27.15 -6.95 -20.78
CA GLU C 61 -26.61 -7.13 -19.44
C GLU C 61 -25.48 -6.15 -19.14
N PRO C 62 -25.53 -5.44 -18.03
CA PRO C 62 -24.44 -4.54 -17.70
C PRO C 62 -23.17 -5.34 -17.38
N GLN C 63 -22.06 -4.92 -17.98
CA GLN C 63 -20.77 -5.54 -17.72
C GLN C 63 -19.79 -4.55 -17.14
N PRO C 64 -19.30 -4.75 -15.93
CA PRO C 64 -18.31 -3.82 -15.35
C PRO C 64 -16.92 -3.98 -15.92
N TYR C 65 -16.20 -2.86 -16.02
CA TYR C 65 -14.84 -2.78 -16.54
C TYR C 65 -13.95 -2.22 -15.45
N PRO C 66 -12.62 -2.26 -15.58
CA PRO C 66 -11.75 -1.84 -14.47
C PRO C 66 -11.97 -0.39 -14.07
N THR C 67 -11.91 -0.11 -12.78
CA THR C 67 -12.30 1.20 -12.30
C THR C 67 -11.28 2.27 -12.71
N LEU C 68 -11.76 3.52 -12.78
CA LEU C 68 -10.98 4.70 -13.16
C LEU C 68 -10.81 5.62 -11.96
N PRO C 69 -9.60 5.84 -11.45
CA PRO C 69 -9.41 6.74 -10.29
C PRO C 69 -9.74 8.19 -10.62
N PRO C 70 -10.03 9.01 -9.60
CA PRO C 70 -10.39 10.41 -9.85
C PRO C 70 -9.26 11.12 -10.58
N GLY C 71 -9.64 11.96 -11.55
CA GLY C 71 -8.66 12.73 -12.29
C GLY C 71 -7.79 11.93 -13.23
N THR C 72 -8.19 10.70 -13.56
CA THR C 72 -7.40 9.85 -14.41
C THR C 72 -8.16 9.58 -15.72
N GLY C 73 -7.44 9.04 -16.68
CA GLY C 73 -8.01 8.76 -17.98
C GLY C 73 -7.52 7.41 -18.45
N ARG C 74 -8.30 6.79 -19.31
CA ARG C 74 -7.87 5.53 -19.86
C ARG C 74 -8.29 5.48 -21.31
N ARG C 75 -7.38 4.98 -22.15
CA ARG C 75 -7.65 4.80 -23.55
C ARG C 75 -8.37 3.48 -23.68
N ILE C 76 -9.51 3.49 -24.35
CA ILE C 76 -10.39 2.34 -24.41
C ILE C 76 -10.62 1.98 -25.86
N HIS C 77 -10.72 0.67 -26.13
CA HIS C 77 -11.06 0.15 -27.44
C HIS C 77 -12.50 -0.29 -27.39
N SER C 78 -13.38 0.43 -28.07
CA SER C 78 -14.79 0.04 -28.12
C SER C 78 -15.23 0.03 -29.57
N TYR C 79 -16.52 0.13 -29.79
CA TYR C 79 -17.05 -0.01 -31.13
C TYR C 79 -18.18 0.97 -31.33
N ARG C 80 -18.48 1.28 -32.58
CA ARG C 80 -19.57 2.20 -32.87
C ARG C 80 -20.88 1.54 -32.48
N GLY C 81 -21.77 2.31 -31.87
CA GLY C 81 -23.05 1.78 -31.47
C GLY C 81 -23.06 1.08 -30.15
N HIS C 82 -21.93 1.01 -29.46
CA HIS C 82 -21.92 0.37 -28.16
C HIS C 82 -22.41 1.31 -27.07
N LEU C 83 -22.90 0.74 -25.98
CA LEU C 83 -23.48 1.53 -24.89
C LEU C 83 -22.63 1.43 -23.63
N TRP C 84 -22.32 2.59 -23.06
CA TRP C 84 -21.56 2.69 -21.82
C TRP C 84 -22.31 3.63 -20.91
N LEU C 85 -22.30 3.33 -19.62
CA LEU C 85 -22.72 4.25 -18.58
C LEU C 85 -21.69 4.19 -17.46
N PHE C 86 -21.74 5.18 -16.54
CA PHE C 86 -20.70 5.33 -15.53
C PHE C 86 -21.28 5.57 -14.15
N ARG C 87 -20.59 5.03 -13.13
CA ARG C 87 -21.06 5.03 -11.76
C ARG C 87 -19.92 5.22 -10.77
N ASP C 88 -20.24 5.66 -9.57
CA ASP C 88 -19.31 5.64 -8.44
C ASP C 88 -19.03 4.19 -8.07
N ALA C 89 -17.76 3.78 -8.05
CA ALA C 89 -17.44 2.36 -7.88
C ALA C 89 -17.91 1.83 -6.54
N GLY C 90 -17.81 2.62 -5.48
CA GLY C 90 -18.16 2.26 -4.13
C GLY C 90 -19.65 2.29 -3.80
N THR C 91 -20.33 3.37 -4.20
CA THR C 91 -21.73 3.57 -3.87
C THR C 91 -22.70 3.30 -5.01
N HIS C 92 -22.22 3.21 -6.25
CA HIS C 92 -23.05 3.09 -7.45
C HIS C 92 -23.93 4.32 -7.70
N ASP C 93 -23.57 5.45 -7.12
CA ASP C 93 -24.23 6.70 -7.47
C ASP C 93 -24.06 6.91 -8.97
N GLY C 94 -25.07 7.47 -9.63
CA GLY C 94 -24.99 7.74 -11.05
C GLY C 94 -24.13 8.95 -11.36
N LEU C 95 -23.42 8.89 -12.50
CA LEU C 95 -22.53 9.96 -12.95
C LEU C 95 -22.92 10.29 -14.37
N LEU C 96 -22.38 11.39 -14.88
CA LEU C 96 -22.70 11.87 -16.21
C LEU C 96 -21.50 11.62 -17.12
N VAL C 97 -21.78 11.28 -18.37
CA VAL C 97 -20.76 11.19 -19.39
C VAL C 97 -21.19 12.11 -20.52
N ASN C 98 -20.37 13.13 -20.82
CA ASN C 98 -20.68 14.12 -21.84
C ASN C 98 -22.03 14.78 -21.60
N GLN C 99 -22.28 15.12 -20.33
CA GLN C 99 -23.47 15.82 -19.88
C GLN C 99 -24.75 15.01 -20.04
N THR C 100 -24.66 13.69 -20.18
CA THR C 100 -25.84 12.85 -20.38
C THR C 100 -25.59 11.52 -19.68
N GLU C 101 -26.56 10.62 -19.80
CA GLU C 101 -26.46 9.40 -19.02
C GLU C 101 -25.76 8.28 -19.76
N LEU C 102 -25.90 8.24 -21.08
CA LEU C 102 -25.40 7.17 -21.91
C LEU C 102 -24.39 7.70 -22.91
N PHE C 103 -23.28 7.00 -23.03
CA PHE C 103 -22.21 7.30 -23.98
C PHE C 103 -22.19 6.18 -25.02
N VAL C 104 -22.40 6.55 -26.28
CA VAL C 104 -22.38 5.64 -27.42
C VAL C 104 -21.22 6.04 -28.30
N PRO C 105 -20.12 5.28 -28.34
CA PRO C 105 -19.01 5.66 -29.21
C PRO C 105 -19.45 5.82 -30.65
N SER C 106 -18.89 6.83 -31.29
CA SER C 106 -19.24 7.24 -32.64
C SER C 106 -18.05 6.99 -33.55
N LEU C 107 -18.20 7.39 -34.81
CA LEU C 107 -17.12 7.26 -35.78
C LEU C 107 -15.94 8.16 -35.44
N ASN C 108 -14.75 7.56 -35.33
CA ASN C 108 -13.51 8.32 -35.17
C ASN C 108 -13.23 9.13 -36.44
N VAL C 109 -13.17 10.43 -36.31
CA VAL C 109 -12.94 11.33 -37.43
C VAL C 109 -11.51 11.83 -37.33
N ASP C 110 -10.80 11.80 -38.47
CA ASP C 110 -9.39 12.20 -38.54
C ASP C 110 -8.51 11.37 -37.62
N GLY C 111 -8.94 10.12 -37.35
CA GLY C 111 -8.18 9.18 -36.52
C GLY C 111 -7.91 9.63 -35.10
N GLN C 112 -8.74 10.52 -34.55
CA GLN C 112 -8.72 11.06 -33.19
C GLN C 112 -9.69 10.29 -32.29
N PRO C 113 -9.31 9.98 -31.05
CA PRO C 113 -10.24 9.27 -30.16
C PRO C 113 -11.43 10.14 -29.76
N ILE C 114 -12.57 9.48 -29.53
CA ILE C 114 -13.75 10.16 -29.00
C ILE C 114 -13.57 10.31 -27.51
N PHE C 115 -13.81 11.51 -26.98
CA PHE C 115 -13.56 11.79 -25.58
C PHE C 115 -14.87 11.64 -24.80
N ALA C 116 -14.85 10.81 -23.77
CA ALA C 116 -15.98 10.56 -22.88
C ALA C 116 -15.69 11.19 -21.52
N ASN C 117 -16.28 12.36 -21.26
CA ASN C 117 -16.03 13.12 -20.04
C ASN C 117 -16.97 12.73 -18.92
N ILE C 118 -16.43 12.05 -17.91
CA ILE C 118 -17.21 11.63 -16.77
C ILE C 118 -17.16 12.72 -15.72
N THR C 119 -18.33 13.24 -15.36
CA THR C 119 -18.46 14.35 -14.42
C THR C 119 -19.54 14.02 -13.41
N LEU C 120 -19.54 14.79 -12.32
CA LEU C 120 -20.60 14.73 -11.34
C LEU C 120 -21.83 15.45 -11.86
N PRO C 121 -23.02 14.89 -11.67
CA PRO C 121 -24.23 15.65 -11.95
C PRO C 121 -24.48 16.63 -10.80
N VAL C 122 -25.35 17.58 -11.05
CA VAL C 122 -25.83 18.40 -9.95
C VAL C 122 -26.91 17.61 -9.20
N TYR C 123 -26.51 16.83 -8.21
CA TYR C 123 -27.46 16.07 -7.43
C TYR C 123 -28.45 17.02 -6.77
N THR C 124 -29.63 16.50 -6.45
CA THR C 124 -30.53 17.23 -5.58
C THR C 124 -29.91 17.30 -4.19
N LEU C 125 -30.30 18.31 -3.41
CA LEU C 125 -29.85 18.32 -2.01
C LEU C 125 -30.34 17.07 -1.28
N LYS C 126 -31.53 16.56 -1.61
CA LYS C 126 -31.99 15.30 -1.03
C LYS C 126 -31.07 14.13 -1.40
N GLU C 127 -30.81 13.92 -2.70
CA GLU C 127 -29.90 12.85 -3.12
C GLU C 127 -28.52 13.01 -2.47
N ARG C 128 -27.98 14.23 -2.46
CA ARG C 128 -26.67 14.40 -1.87
C ARG C 128 -26.66 14.04 -0.39
N CYS C 129 -27.71 14.48 0.34
CA CYS C 129 -27.85 14.13 1.76
C CYS C 129 -28.01 12.62 1.97
N LEU C 130 -28.81 11.95 1.13
CA LEU C 130 -28.91 10.50 1.23
C LEU C 130 -27.54 9.86 1.03
N GLN C 131 -26.74 10.42 0.13
CA GLN C 131 -25.42 9.85 -0.14
C GLN C 131 -24.57 9.89 1.11
N VAL C 132 -24.46 11.08 1.73
CA VAL C 132 -23.58 11.24 2.89
C VAL C 132 -24.09 10.41 4.05
N VAL C 133 -25.40 10.43 4.31
CA VAL C 133 -25.99 9.66 5.40
C VAL C 133 -25.81 8.16 5.16
N ARG C 134 -26.03 7.70 3.93
CA ARG C 134 -25.75 6.30 3.67
C ARG C 134 -24.29 5.97 4.01
N SER C 135 -23.38 6.90 3.77
CA SER C 135 -21.97 6.67 4.04
C SER C 135 -21.65 6.64 5.52
N LEU C 136 -22.49 7.26 6.36
CA LEU C 136 -22.24 7.31 7.78
C LEU C 136 -23.04 6.29 8.59
N VAL C 137 -24.09 5.67 8.03
CA VAL C 137 -24.95 4.74 8.75
C VAL C 137 -25.00 3.40 8.01
N LYS C 138 -24.72 2.30 8.73
CA LYS C 138 -24.85 0.98 8.12
C LYS C 138 -26.33 0.65 7.93
N PRO C 139 -26.68 -0.06 6.86
CA PRO C 139 -28.10 -0.19 6.50
C PRO C 139 -28.97 -0.85 7.57
N GLU C 140 -28.39 -1.68 8.42
CA GLU C 140 -29.19 -2.27 9.49
C GLU C 140 -29.65 -1.21 10.49
N ASN C 141 -28.92 -0.11 10.59
CA ASN C 141 -29.20 0.94 11.56
C ASN C 141 -29.98 2.12 10.97
N TYR C 142 -30.43 2.01 9.71
CA TYR C 142 -31.18 3.09 9.11
C TYR C 142 -32.41 3.43 9.94
N ARG C 143 -33.05 2.40 10.49
CA ARG C 143 -34.26 2.60 11.26
C ARG C 143 -33.99 3.22 12.63
N ARG C 144 -32.75 3.19 13.10
CA ARG C 144 -32.47 3.83 14.38
C ARG C 144 -32.42 5.35 14.26
N LEU C 145 -32.52 5.88 13.04
CA LEU C 145 -32.49 7.31 12.77
C LEU C 145 -33.84 7.94 13.08
N ASP C 146 -33.80 9.14 13.66
CA ASP C 146 -35.03 9.81 14.08
C ASP C 146 -35.55 10.72 12.95
N ILE C 147 -36.10 10.08 11.92
CA ILE C 147 -36.58 10.79 10.74
C ILE C 147 -37.92 10.21 10.31
N VAL C 148 -38.58 10.92 9.39
CA VAL C 148 -39.86 10.47 8.85
C VAL C 148 -39.68 9.12 8.14
N ARG C 149 -40.75 8.31 8.16
CA ARG C 149 -40.67 6.97 7.62
C ARG C 149 -40.41 6.97 6.12
N SER C 150 -40.82 8.02 5.42
CA SER C 150 -40.55 8.12 3.99
C SER C 150 -39.05 8.05 3.71
N LEU C 151 -38.25 8.69 4.57
CA LEU C 151 -36.80 8.71 4.41
C LEU C 151 -36.15 7.37 4.68
N TYR C 152 -36.75 6.56 5.55
CA TYR C 152 -36.21 5.22 5.78
C TYR C 152 -36.12 4.44 4.48
N GLU C 153 -37.16 4.50 3.66
CA GLU C 153 -37.12 3.75 2.40
C GLU C 153 -36.20 4.41 1.38
N ASP C 154 -36.09 5.75 1.41
CA ASP C 154 -35.18 6.44 0.50
C ASP C 154 -33.73 6.05 0.78
N LEU C 155 -33.37 5.92 2.06
CA LEU C 155 -32.03 5.42 2.39
C LEU C 155 -31.82 4.01 1.87
N GLU C 156 -32.84 3.17 1.97
CA GLU C 156 -32.71 1.79 1.53
C GLU C 156 -32.82 1.64 0.02
N ASP C 157 -33.41 2.62 -0.66
CA ASP C 157 -33.47 2.64 -2.13
C ASP C 157 -32.15 3.18 -2.71
N HIS C 158 -31.06 2.50 -2.37
CA HIS C 158 -29.75 2.88 -2.86
C HIS C 158 -29.70 2.78 -4.38
N PRO C 159 -28.96 3.67 -5.06
CA PRO C 159 -28.88 3.61 -6.52
C PRO C 159 -28.32 2.28 -6.98
N ASN C 160 -28.81 1.83 -8.13
CA ASN C 160 -28.54 0.48 -8.61
C ASN C 160 -28.49 0.57 -10.13
N VAL C 161 -27.61 -0.21 -10.75
CA VAL C 161 -27.51 -0.10 -12.21
C VAL C 161 -28.77 -0.65 -12.87
N GLN C 162 -29.29 -1.78 -12.35
CA GLN C 162 -30.44 -2.38 -12.98
C GLN C 162 -31.68 -1.52 -12.84
N LYS C 163 -31.85 -0.89 -11.67
CA LYS C 163 -32.98 0.01 -11.48
C LYS C 163 -32.90 1.18 -12.47
N ASP C 164 -31.72 1.79 -12.58
CA ASP C 164 -31.55 2.88 -13.54
C ASP C 164 -31.77 2.38 -14.97
N LEU C 165 -31.36 1.15 -15.27
CA LEU C 165 -31.53 0.64 -16.63
C LEU C 165 -33.00 0.49 -16.99
N GLU C 166 -33.82 0.01 -16.05
CA GLU C 166 -35.24 -0.13 -16.33
C GLU C 166 -35.87 1.23 -16.60
N ARG C 167 -35.48 2.26 -15.83
CA ARG C 167 -36.04 3.60 -16.03
C ARG C 167 -35.80 4.10 -17.44
N LEU C 168 -34.54 4.05 -17.91
CA LEU C 168 -34.27 4.48 -19.28
C LEU C 168 -34.99 3.58 -20.30
N THR C 169 -35.14 2.29 -19.98
CA THR C 169 -35.95 1.36 -20.79
C THR C 169 -37.46 1.45 -20.50
N MET D 1 -1.55 5.64 22.82
CA MET D 1 -2.76 4.83 22.75
C MET D 1 -3.80 5.32 23.76
N ASP D 2 -4.80 4.49 24.03
CA ASP D 2 -5.84 4.78 25.03
C ASP D 2 -5.41 4.30 26.41
N VAL D 3 -5.69 5.10 27.42
CA VAL D 3 -5.52 4.70 28.81
C VAL D 3 -6.90 4.65 29.42
N PHE D 4 -7.09 3.75 30.39
CA PHE D 4 -8.39 3.51 30.98
C PHE D 4 -8.32 3.81 32.47
N LEU D 5 -9.14 4.74 32.95
CA LEU D 5 -8.94 5.26 34.29
C LEU D 5 -10.18 5.17 35.16
N MET D 6 -9.94 5.15 36.47
CA MET D 6 -10.96 5.33 37.51
C MET D 6 -10.66 6.64 38.21
N ILE D 7 -11.48 7.65 37.94
CA ILE D 7 -11.41 8.91 38.67
C ILE D 7 -12.24 8.79 39.94
N ARG D 8 -11.58 8.93 41.09
CA ARG D 8 -12.19 8.58 42.36
C ARG D 8 -12.14 9.75 43.31
N ARG D 9 -13.30 10.07 43.86
CA ARG D 9 -13.35 10.97 44.99
C ARG D 9 -14.40 10.57 45.99
N HIS D 10 -14.01 10.56 47.25
CA HIS D 10 -14.92 10.20 48.34
C HIS D 10 -15.52 8.84 48.08
N LYS D 11 -16.83 8.83 47.77
CA LYS D 11 -17.52 7.60 47.39
C LYS D 11 -17.95 7.60 45.92
N THR D 12 -17.28 8.39 45.08
CA THR D 12 -17.63 8.55 43.67
C THR D 12 -16.51 7.97 42.82
N THR D 13 -16.87 7.16 41.83
CA THR D 13 -15.91 6.56 40.92
C THR D 13 -16.43 6.74 39.51
N ILE D 14 -15.68 7.44 38.67
CA ILE D 14 -16.01 7.56 37.25
C ILE D 14 -15.14 6.61 36.44
N PHE D 15 -15.76 5.85 35.55
CA PHE D 15 -15.02 5.00 34.63
C PHE D 15 -14.99 5.70 33.28
N THR D 16 -13.81 6.13 32.86
CA THR D 16 -13.70 6.78 31.57
C THR D 16 -12.33 6.42 30.99
N ASP D 17 -12.11 6.84 29.75
CA ASP D 17 -10.86 6.58 29.06
C ASP D 17 -10.32 7.91 28.53
N ALA D 18 -9.05 7.87 28.13
CA ALA D 18 -8.36 9.03 27.56
C ALA D 18 -7.17 8.54 26.75
N LYS D 19 -6.63 9.44 25.94
CA LYS D 19 -5.41 9.14 25.20
C LYS D 19 -4.20 9.50 26.06
N GLU D 20 -3.10 8.78 25.85
CA GLU D 20 -1.90 9.06 26.62
C GLU D 20 -1.44 10.51 26.45
N SER D 21 -1.61 11.07 25.24
CA SER D 21 -1.17 12.43 24.96
C SER D 21 -2.08 13.49 25.56
N SER D 22 -3.26 13.12 26.03
CA SER D 22 -4.18 14.07 26.61
C SER D 22 -3.55 14.75 27.82
N THR D 23 -4.03 15.94 28.14
CA THR D 23 -3.46 16.66 29.26
C THR D 23 -4.38 16.58 30.48
N VAL D 24 -3.78 16.84 31.63
CA VAL D 24 -4.54 16.84 32.89
C VAL D 24 -5.71 17.82 32.80
N PHE D 25 -5.51 18.95 32.12
CA PHE D 25 -6.58 19.94 32.02
C PHE D 25 -7.72 19.40 31.18
N GLU D 26 -7.40 18.73 30.07
CA GLU D 26 -8.45 18.12 29.25
C GLU D 26 -9.22 17.08 30.03
N LEU D 27 -8.54 16.39 30.97
CA LEU D 27 -9.24 15.48 31.87
C LEU D 27 -10.05 16.23 32.93
N LYS D 28 -9.60 17.42 33.36
CA LYS D 28 -10.46 18.22 34.23
C LYS D 28 -11.71 18.67 33.48
N ARG D 29 -11.59 18.85 32.16
CA ARG D 29 -12.76 19.15 31.34
C ARG D 29 -13.72 17.96 31.26
N ILE D 30 -13.22 16.72 31.11
CA ILE D 30 -14.09 15.54 31.10
C ILE D 30 -14.84 15.39 32.41
N VAL D 31 -14.14 15.57 33.53
CA VAL D 31 -14.81 15.59 34.83
C VAL D 31 -15.90 16.66 34.87
N GLU D 32 -15.67 17.78 34.19
CA GLU D 32 -16.62 18.89 34.21
C GLU D 32 -17.98 18.48 33.62
N GLY D 33 -17.95 17.63 32.59
CA GLY D 33 -19.19 17.10 32.03
C GLY D 33 -19.97 16.25 33.02
N ILE D 34 -19.31 15.28 33.62
CA ILE D 34 -20.02 14.36 34.52
C ILE D 34 -20.42 15.05 35.84
N LEU D 35 -19.47 15.43 36.67
CA LEU D 35 -19.80 15.90 38.00
C LEU D 35 -20.13 17.39 38.03
N LYS D 36 -20.11 18.07 36.87
CA LYS D 36 -20.57 19.45 36.74
C LYS D 36 -19.74 20.42 37.58
N ARG D 37 -18.42 20.29 37.54
CA ARG D 37 -17.53 21.25 38.19
C ARG D 37 -16.43 21.74 37.27
N PRO D 38 -16.15 23.04 37.29
CA PRO D 38 -15.19 23.61 36.36
C PRO D 38 -13.76 23.27 36.77
N PRO D 39 -12.84 23.23 35.81
CA PRO D 39 -11.46 22.82 36.12
C PRO D 39 -10.80 23.60 37.24
N ASP D 40 -11.12 24.90 37.41
CA ASP D 40 -10.49 25.69 38.47
C ASP D 40 -10.79 25.17 39.88
N GLU D 41 -11.88 24.42 40.05
CA GLU D 41 -12.27 23.96 41.37
C GLU D 41 -11.93 22.50 41.60
N GLN D 42 -11.18 21.88 40.69
CA GLN D 42 -10.76 20.51 40.87
C GLN D 42 -9.25 20.44 40.71
N ARG D 43 -8.63 19.62 41.56
CA ARG D 43 -7.23 19.29 41.45
C ARG D 43 -7.12 17.77 41.34
N LEU D 44 -6.37 17.30 40.34
CA LEU D 44 -6.24 15.87 40.08
C LEU D 44 -4.94 15.37 40.68
N TYR D 45 -5.01 14.18 41.23
CA TYR D 45 -3.92 13.63 42.01
C TYR D 45 -3.55 12.27 41.45
N LYS D 46 -2.26 11.96 41.47
CA LYS D 46 -1.87 10.56 41.33
C LYS D 46 -1.95 9.99 42.73
N ASP D 47 -0.86 9.51 43.27
CA ASP D 47 -0.99 8.85 44.56
C ASP D 47 -1.25 9.97 45.54
N ASP D 48 -0.19 10.68 45.90
CA ASP D 48 -0.31 11.89 46.70
C ASP D 48 0.15 13.11 45.92
N GLN D 49 0.38 12.97 44.61
CA GLN D 49 1.08 13.97 43.82
C GLN D 49 0.11 14.80 42.99
N LEU D 50 0.10 16.11 43.19
CA LEU D 50 -0.73 16.99 42.36
C LEU D 50 -0.25 16.96 40.92
N LEU D 51 -1.19 16.89 39.98
CA LEU D 51 -0.82 16.89 38.57
C LEU D 51 -1.07 18.27 37.98
N ASP D 52 -0.07 18.79 37.28
CA ASP D 52 -0.18 20.08 36.66
C ASP D 52 -0.94 19.98 35.36
N ASP D 53 -1.78 20.99 35.12
CA ASP D 53 -2.73 20.97 34.01
C ASP D 53 -2.05 20.73 32.66
N GLY D 54 -0.87 21.30 32.45
CA GLY D 54 -0.23 21.21 31.16
C GLY D 54 0.45 19.90 30.85
N LYS D 55 0.61 19.03 31.84
CA LYS D 55 1.34 17.79 31.65
C LYS D 55 0.40 16.71 31.10
N THR D 56 0.94 15.86 30.21
CA THR D 56 0.16 14.78 29.62
C THR D 56 0.05 13.60 30.58
N LEU D 57 -0.95 12.75 30.32
CA LEU D 57 -1.16 11.56 31.16
C LEU D 57 0.02 10.59 31.09
N GLY D 58 0.64 10.46 29.91
CA GLY D 58 1.82 9.61 29.81
C GLY D 58 2.98 10.12 30.64
N GLU D 59 3.21 11.44 30.60
CA GLU D 59 4.23 12.07 31.44
C GLU D 59 3.97 11.82 32.91
N CYS D 60 2.70 11.80 33.29
CA CYS D 60 2.32 11.52 34.67
C CYS D 60 2.31 10.04 35.01
N GLY D 61 2.62 9.16 34.05
CA GLY D 61 2.67 7.74 34.33
C GLY D 61 1.39 6.98 34.12
N PHE D 62 0.42 7.53 33.40
CA PHE D 62 -0.79 6.79 33.02
C PHE D 62 -0.54 6.28 31.60
N THR D 63 -0.24 4.99 31.47
CA THR D 63 0.10 4.38 30.20
C THR D 63 -0.79 3.18 29.89
N SER D 64 -0.81 2.83 28.60
CA SER D 64 -1.62 1.71 28.11
C SER D 64 -1.28 0.40 28.80
N GLN D 65 -0.01 0.21 29.13
CA GLN D 65 0.37 -1.02 29.83
C GLN D 65 -0.12 -1.01 31.26
N THR D 66 -0.12 0.16 31.91
CA THR D 66 -0.55 0.27 33.29
C THR D 66 -2.05 0.53 33.47
N ALA D 67 -2.67 1.33 32.61
CA ALA D 67 -4.09 1.71 32.80
C ALA D 67 -4.93 0.96 31.77
N ARG D 68 -5.43 -0.20 32.15
CA ARG D 68 -6.01 -1.15 31.22
C ARG D 68 -7.51 -1.27 31.43
N PRO D 69 -8.26 -1.74 30.41
CA PRO D 69 -9.72 -1.84 30.58
C PRO D 69 -10.11 -2.69 31.77
N GLN D 70 -9.49 -3.87 31.90
CA GLN D 70 -9.80 -4.82 32.95
C GLN D 70 -9.14 -4.46 34.27
N ALA D 71 -8.16 -3.55 34.27
CA ALA D 71 -7.55 -3.04 35.50
C ALA D 71 -7.18 -1.57 35.30
N PRO D 72 -8.15 -0.66 35.43
CA PRO D 72 -7.86 0.76 35.20
C PRO D 72 -7.07 1.39 36.32
N ALA D 73 -6.32 2.45 35.95
CA ALA D 73 -5.54 3.23 36.92
C ALA D 73 -6.39 4.29 37.62
N THR D 74 -6.04 4.59 38.86
CA THR D 74 -6.84 5.47 39.69
C THR D 74 -6.27 6.87 39.70
N VAL D 75 -7.12 7.86 39.46
CA VAL D 75 -6.76 9.27 39.51
C VAL D 75 -7.55 9.93 40.62
N GLY D 76 -6.85 10.55 41.56
CA GLY D 76 -7.53 11.22 42.68
C GLY D 76 -8.13 12.55 42.26
N LEU D 77 -9.28 12.87 42.85
CA LEU D 77 -9.96 14.14 42.60
C LEU D 77 -10.35 14.79 43.94
N ALA D 78 -10.11 16.10 44.09
CA ALA D 78 -10.56 16.90 45.22
C ALA D 78 -10.99 18.27 44.70
N PHE D 79 -12.10 18.80 45.21
CA PHE D 79 -12.59 20.10 44.73
C PHE D 79 -12.29 21.20 45.72
N ASP D 83 -13.90 29.19 47.25
CA ASP D 83 -13.73 28.38 48.45
C ASP D 83 -12.26 28.00 48.69
N THR D 84 -12.07 26.85 49.36
CA THR D 84 -10.76 26.26 49.63
C THR D 84 -10.77 24.81 49.15
N PHE D 85 -9.60 24.33 48.71
CA PHE D 85 -9.50 22.96 48.22
C PHE D 85 -9.45 21.97 49.38
N GLU D 86 -10.23 20.89 49.28
CA GLU D 86 -10.29 19.88 50.34
C GLU D 86 -9.08 18.94 50.29
N ALA D 87 -8.88 18.22 51.39
CA ALA D 87 -7.85 17.18 51.38
C ALA D 87 -8.33 15.99 50.55
N LEU D 88 -7.40 15.38 49.81
CA LEU D 88 -7.73 14.25 48.97
C LEU D 88 -8.16 13.07 49.84
N CYS D 89 -9.44 12.70 49.74
CA CYS D 89 -10.02 11.54 50.43
C CYS D 89 -10.62 10.59 49.41
N ILE D 90 -10.26 9.32 49.50
CA ILE D 90 -10.83 8.29 48.66
C ILE D 90 -11.33 7.19 49.59
N GLU D 91 -12.66 7.06 49.70
CA GLU D 91 -13.24 6.02 50.53
C GLU D 91 -12.99 4.67 49.86
N PRO D 92 -12.47 3.67 50.60
CA PRO D 92 -12.21 2.36 49.98
C PRO D 92 -13.50 1.62 49.68
N PHE D 93 -13.40 0.65 48.78
CA PHE D 93 -14.50 -0.25 48.47
C PHE D 93 -14.67 -1.28 49.60
N SER D 94 -15.78 -2.02 49.56
CA SER D 94 -16.07 -3.01 50.59
C SER D 94 -15.04 -4.13 50.56
N SER D 95 -14.83 -4.76 51.73
CA SER D 95 -13.89 -5.88 51.83
C SER D 95 -14.56 -7.22 51.54
N PRO D 96 -13.90 -8.09 50.78
CA PRO D 96 -14.49 -9.38 50.47
C PRO D 96 -14.58 -10.27 51.72
N PRO D 97 -15.54 -11.17 51.76
CA PRO D 97 -15.59 -12.15 52.85
C PRO D 97 -14.43 -13.13 52.75
N GLU D 98 -14.17 -13.82 53.86
CA GLU D 98 -13.17 -14.87 53.84
C GLU D 98 -13.59 -15.95 52.85
N LEU D 99 -12.60 -16.57 52.23
CA LEU D 99 -12.90 -17.59 51.23
C LEU D 99 -13.64 -18.75 51.89
N PRO D 100 -14.75 -19.20 51.31
CA PRO D 100 -15.42 -20.40 51.85
C PRO D 100 -14.45 -21.56 51.86
N ASP D 101 -14.65 -22.48 52.81
CA ASP D 101 -13.68 -23.55 52.99
C ASP D 101 -13.56 -24.41 51.74
N VAL D 102 -14.68 -24.69 51.06
CA VAL D 102 -14.68 -25.46 49.82
C VAL D 102 -13.90 -24.79 48.69
N MET D 103 -13.41 -23.57 48.90
CA MET D 103 -12.71 -22.85 47.84
C MET D 103 -11.29 -22.57 48.29
N MET E 3 -25.16 10.73 28.43
CA MET E 3 -23.79 10.28 28.19
C MET E 3 -23.34 9.27 29.24
N TYR E 4 -23.57 9.57 30.52
CA TYR E 4 -23.16 8.71 31.63
C TYR E 4 -24.37 8.37 32.48
N VAL E 5 -24.27 7.24 33.20
CA VAL E 5 -25.28 6.79 34.15
C VAL E 5 -24.55 6.41 35.44
N LYS E 6 -25.32 6.27 36.50
CA LYS E 6 -24.76 6.05 37.83
C LYS E 6 -25.23 4.71 38.37
N LEU E 7 -24.29 3.87 38.76
CA LEU E 7 -24.61 2.60 39.40
C LEU E 7 -24.19 2.70 40.85
N ILE E 8 -25.15 2.55 41.76
CA ILE E 8 -24.93 2.73 43.18
C ILE E 8 -24.97 1.37 43.85
N SER E 9 -23.94 1.06 44.62
CA SER E 9 -23.80 -0.21 45.31
C SER E 9 -24.62 -0.26 46.59
N SER E 10 -24.66 -1.45 47.19
CA SER E 10 -25.40 -1.60 48.45
C SER E 10 -24.81 -0.72 49.55
N ASP E 11 -23.48 -0.57 49.60
CA ASP E 11 -22.78 0.23 50.59
C ASP E 11 -22.56 1.70 50.15
N GLY E 12 -23.26 2.19 49.13
CA GLY E 12 -23.31 3.60 48.82
C GLY E 12 -22.27 4.17 47.85
N HIS E 13 -21.31 3.38 47.36
CA HIS E 13 -20.39 3.88 46.36
C HIS E 13 -21.13 4.16 45.05
N GLU E 14 -20.88 5.31 44.45
CA GLU E 14 -21.56 5.70 43.23
C GLU E 14 -20.61 5.53 42.06
N PHE E 15 -20.94 4.64 41.13
CA PHE E 15 -20.08 4.37 39.99
C PHE E 15 -20.69 5.04 38.77
N ILE E 16 -19.95 5.92 38.14
CA ILE E 16 -20.44 6.62 36.96
C ILE E 16 -19.79 5.97 35.74
N VAL E 17 -20.61 5.35 34.88
CA VAL E 17 -20.14 4.64 33.70
C VAL E 17 -20.88 5.18 32.50
N LYS E 18 -20.31 4.93 31.31
CA LYS E 18 -20.94 5.38 30.07
C LYS E 18 -22.25 4.63 29.83
N ARG E 19 -23.25 5.35 29.30
CA ARG E 19 -24.58 4.75 29.12
C ARG E 19 -24.52 3.49 28.23
N GLU E 20 -23.80 3.56 27.12
CA GLU E 20 -23.65 2.40 26.24
C GLU E 20 -23.04 1.22 26.97
N HIS E 21 -22.10 1.47 27.91
CA HIS E 21 -21.54 0.38 28.71
C HIS E 21 -22.60 -0.28 29.56
N ALA E 22 -23.40 0.51 30.29
CA ALA E 22 -24.38 -0.13 31.13
C ALA E 22 -25.52 -0.70 30.30
N LEU E 23 -25.79 -0.13 29.13
CA LEU E 23 -26.86 -0.63 28.28
C LEU E 23 -26.51 -1.97 27.62
N THR E 24 -25.27 -2.47 27.76
CA THR E 24 -25.02 -3.83 27.30
C THR E 24 -25.92 -4.81 28.04
N SER E 25 -26.12 -4.60 29.33
CA SER E 25 -27.03 -5.42 30.11
C SER E 25 -28.48 -5.02 29.88
N GLY E 26 -29.33 -5.99 29.55
CA GLY E 26 -30.75 -5.72 29.45
C GLY E 26 -31.44 -5.49 30.79
N THR E 27 -30.95 -6.17 31.86
CA THR E 27 -31.50 -5.94 33.20
C THR E 27 -31.33 -4.49 33.63
N ILE E 28 -30.12 -3.94 33.41
CA ILE E 28 -29.86 -2.56 33.76
C ILE E 28 -30.64 -1.63 32.85
N LYS E 29 -30.74 -1.97 31.56
CA LYS E 29 -31.57 -1.18 30.66
C LYS E 29 -32.99 -1.08 31.17
N ALA E 30 -33.54 -2.19 31.67
CA ALA E 30 -34.89 -2.20 32.22
C ALA E 30 -34.96 -1.38 33.50
N MET E 31 -33.97 -1.51 34.37
CA MET E 31 -33.91 -0.68 35.55
C MET E 31 -33.82 0.80 35.17
N LEU E 32 -33.15 1.11 34.05
CA LEU E 32 -33.03 2.50 33.61
C LEU E 32 -34.33 3.01 33.00
N SER E 33 -35.02 2.19 32.21
CA SER E 33 -36.31 2.55 31.61
C SER E 33 -37.42 1.73 32.26
N GLY E 34 -37.83 2.15 33.46
CA GLY E 34 -38.83 1.43 34.24
C GLY E 34 -40.09 0.97 33.49
N THR E 43 -33.26 9.19 39.48
CA THR E 43 -33.56 9.01 38.06
C THR E 43 -32.26 9.15 37.25
N ASN E 44 -32.18 8.51 36.09
CA ASN E 44 -30.95 8.34 35.31
C ASN E 44 -29.87 7.53 36.05
N GLU E 45 -30.22 6.96 37.21
CA GLU E 45 -29.31 6.18 38.06
C GLU E 45 -30.05 4.94 38.57
N VAL E 46 -29.28 3.87 38.85
CA VAL E 46 -29.82 2.59 39.35
C VAL E 46 -29.16 2.22 40.67
N ASN E 47 -29.93 1.66 41.61
CA ASN E 47 -29.43 1.23 42.91
C ASN E 47 -29.54 -0.28 43.05
N PHE E 48 -28.48 -0.93 43.53
CA PHE E 48 -28.41 -2.39 43.69
C PHE E 48 -28.23 -2.67 45.18
N ARG E 49 -29.29 -3.06 45.86
CA ARG E 49 -29.17 -3.23 47.30
C ARG E 49 -28.44 -4.50 47.68
N GLU E 50 -28.18 -5.38 46.73
CA GLU E 50 -27.61 -6.67 47.01
C GLU E 50 -26.16 -6.83 46.56
N ILE E 51 -25.61 -5.92 45.76
CA ILE E 51 -24.28 -6.07 45.19
C ILE E 51 -23.35 -5.06 45.88
N PRO E 52 -22.37 -5.53 46.64
CA PRO E 52 -21.43 -4.59 47.28
C PRO E 52 -20.44 -4.03 46.25
N SER E 53 -19.70 -3.00 46.70
CA SER E 53 -18.89 -2.21 45.78
C SER E 53 -17.67 -2.97 45.25
N HIS E 54 -17.05 -3.83 46.06
CA HIS E 54 -15.93 -4.60 45.52
C HIS E 54 -16.38 -5.43 44.34
N VAL E 55 -17.65 -5.84 44.30
CA VAL E 55 -18.19 -6.55 43.15
C VAL E 55 -18.54 -5.59 42.04
N LEU E 56 -19.25 -4.52 42.37
CA LEU E 56 -19.74 -3.62 41.33
C LEU E 56 -18.62 -2.92 40.58
N SER E 57 -17.49 -2.68 41.23
CA SER E 57 -16.35 -2.12 40.51
C SER E 57 -15.85 -3.11 39.45
N LYS E 58 -15.73 -4.39 39.80
CA LYS E 58 -15.36 -5.35 38.78
C LYS E 58 -16.42 -5.39 37.68
N VAL E 59 -17.69 -5.28 38.05
CA VAL E 59 -18.73 -5.24 37.03
C VAL E 59 -18.48 -4.10 36.05
N CYS E 60 -18.14 -2.91 36.56
CA CYS E 60 -17.83 -1.81 35.65
C CYS E 60 -16.51 -2.04 34.91
N MET E 61 -15.53 -2.74 35.51
CA MET E 61 -14.32 -3.05 34.76
C MET E 61 -14.61 -4.07 33.65
N TYR E 62 -15.53 -5.00 33.89
CA TYR E 62 -15.95 -5.90 32.83
C TYR E 62 -16.60 -5.13 31.68
N PHE E 63 -17.42 -4.12 32.00
CA PHE E 63 -18.01 -3.27 30.96
C PHE E 63 -16.94 -2.70 30.07
N THR E 64 -15.92 -2.10 30.68
CA THR E 64 -14.86 -1.51 29.90
C THR E 64 -14.17 -2.57 29.06
N TYR E 65 -13.87 -3.71 29.69
CA TYR E 65 -13.17 -4.80 29.02
C TYR E 65 -13.99 -5.35 27.85
N LYS E 66 -15.27 -5.58 28.10
CA LYS E 66 -16.16 -6.10 27.07
C LYS E 66 -16.28 -5.13 25.91
N VAL E 67 -16.59 -3.86 26.21
CA VAL E 67 -16.76 -2.85 25.16
C VAL E 67 -15.47 -2.69 24.36
N ARG E 68 -14.32 -2.89 25.00
CA ARG E 68 -13.05 -2.67 24.34
C ARG E 68 -12.66 -3.82 23.43
N TYR E 69 -12.72 -5.05 23.91
CA TYR E 69 -12.15 -6.17 23.17
C TYR E 69 -13.16 -6.90 22.31
N THR E 70 -14.43 -6.50 22.32
CA THR E 70 -15.40 -7.13 21.45
C THR E 70 -15.05 -6.87 19.99
N ASN E 71 -14.78 -7.95 19.24
CA ASN E 71 -14.49 -7.86 17.82
C ASN E 71 -13.19 -7.14 17.50
N SER E 72 -12.06 -7.66 17.97
CA SER E 72 -10.75 -7.11 17.64
C SER E 72 -9.87 -8.28 17.23
N SER E 73 -9.19 -8.15 16.08
CA SER E 73 -8.27 -9.20 15.68
C SER E 73 -6.96 -9.18 16.48
N THR E 74 -6.68 -8.10 17.21
CA THR E 74 -5.62 -8.09 18.21
C THR E 74 -5.95 -9.08 19.32
N GLU E 75 -4.91 -9.69 19.90
CA GLU E 75 -5.10 -10.61 21.01
C GLU E 75 -5.84 -9.97 22.18
N ILE E 76 -6.77 -10.72 22.76
CA ILE E 76 -7.56 -10.33 23.93
C ILE E 76 -6.87 -10.84 25.18
N PRO E 77 -6.80 -10.05 26.26
CA PRO E 77 -6.28 -10.57 27.53
C PRO E 77 -7.37 -11.23 28.36
N GLU E 78 -6.93 -12.01 29.35
CA GLU E 78 -7.86 -12.65 30.26
C GLU E 78 -8.51 -11.62 31.16
N PHE E 79 -9.80 -11.82 31.44
CA PHE E 79 -10.44 -10.98 32.45
C PHE E 79 -10.12 -11.59 33.81
N PRO E 80 -9.33 -10.90 34.62
CA PRO E 80 -8.91 -11.47 35.89
C PRO E 80 -10.00 -11.35 36.94
N ILE E 81 -10.19 -12.41 37.72
CA ILE E 81 -11.13 -12.45 38.83
C ILE E 81 -10.40 -12.98 40.05
N ALA E 82 -10.23 -12.14 41.06
CA ALA E 82 -9.63 -12.62 42.29
C ALA E 82 -10.51 -13.70 42.89
N PRO E 83 -9.93 -14.76 43.47
CA PRO E 83 -10.76 -15.83 44.03
C PRO E 83 -11.68 -15.38 45.15
N GLU E 84 -11.28 -14.39 45.95
CA GLU E 84 -12.10 -13.97 47.08
C GLU E 84 -13.39 -13.31 46.63
N ILE E 85 -13.42 -12.77 45.40
CA ILE E 85 -14.61 -12.13 44.85
C ILE E 85 -15.32 -13.01 43.83
N ALA E 86 -14.81 -14.22 43.59
CA ALA E 86 -15.31 -15.04 42.51
C ALA E 86 -16.78 -15.39 42.74
N LEU E 87 -17.10 -15.90 43.92
CA LEU E 87 -18.46 -16.35 44.15
C LEU E 87 -19.44 -15.20 44.06
N GLU E 88 -19.11 -14.06 44.67
CA GLU E 88 -20.05 -12.96 44.65
C GLU E 88 -20.24 -12.42 43.24
N LEU E 89 -19.15 -12.28 42.49
CA LEU E 89 -19.27 -11.82 41.12
C LEU E 89 -20.18 -12.76 40.32
N LEU E 90 -20.11 -14.06 40.62
CA LEU E 90 -20.96 -15.03 39.94
C LEU E 90 -22.43 -14.75 40.22
N MET E 91 -22.77 -14.54 41.48
CA MET E 91 -24.17 -14.29 41.82
C MET E 91 -24.67 -13.01 41.13
N ALA E 92 -23.88 -11.94 41.19
CA ALA E 92 -24.33 -10.70 40.57
C ALA E 92 -24.44 -10.87 39.07
N ALA E 93 -23.53 -11.64 38.47
CA ALA E 93 -23.59 -11.86 37.03
C ALA E 93 -24.77 -12.73 36.66
N ASN E 94 -25.15 -13.65 37.55
CA ASN E 94 -26.34 -14.46 37.34
C ASN E 94 -27.58 -13.59 37.37
N PHE E 95 -27.64 -12.67 38.34
CA PHE E 95 -28.81 -11.83 38.52
C PHE E 95 -29.01 -10.90 37.34
N LEU E 96 -27.92 -10.32 36.85
CA LEU E 96 -27.92 -9.30 35.80
C LEU E 96 -27.87 -9.89 34.39
N ASP E 97 -27.70 -11.21 34.27
CA ASP E 97 -27.52 -11.91 32.98
C ASP E 97 -26.57 -11.23 32.00
N VAL F 29 -24.86 -32.72 9.62
CA VAL F 29 -23.64 -33.24 10.22
C VAL F 29 -22.47 -32.32 9.86
N LEU F 30 -21.69 -31.99 10.88
CA LEU F 30 -20.46 -31.22 10.77
C LEU F 30 -19.31 -32.20 10.53
N ARG F 31 -18.80 -32.26 9.30
CA ARG F 31 -17.81 -33.26 8.93
C ARG F 31 -16.74 -32.62 8.07
N SER F 32 -15.57 -33.24 8.03
CA SER F 32 -14.56 -32.79 7.09
C SER F 32 -14.81 -33.35 5.71
N VAL F 33 -14.49 -32.56 4.72
CA VAL F 33 -14.63 -32.98 3.33
C VAL F 33 -13.30 -33.59 2.91
N ASN F 34 -13.35 -34.76 2.26
CA ASN F 34 -12.11 -35.38 1.79
C ASN F 34 -11.72 -34.79 0.42
N SER F 35 -11.26 -33.53 0.46
CA SER F 35 -10.90 -32.85 -0.78
C SER F 35 -9.65 -33.45 -1.41
N ARG F 36 -8.72 -33.94 -0.58
CA ARG F 36 -7.38 -34.33 -0.99
C ARG F 36 -6.59 -33.17 -1.61
N GLU F 37 -7.02 -31.93 -1.39
CA GLU F 37 -6.28 -30.77 -1.89
C GLU F 37 -5.57 -30.12 -0.72
N PRO F 38 -4.25 -30.27 -0.59
CA PRO F 38 -3.58 -29.86 0.66
C PRO F 38 -3.56 -28.35 0.89
N SER F 39 -3.70 -27.97 2.16
CA SER F 39 -3.62 -26.60 2.61
C SER F 39 -2.68 -26.52 3.79
N GLN F 40 -1.70 -25.63 3.70
CA GLN F 40 -0.70 -25.43 4.72
C GLN F 40 -1.15 -24.31 5.64
N VAL F 41 -1.20 -24.58 6.94
CA VAL F 41 -1.75 -23.67 7.93
C VAL F 41 -0.79 -23.62 9.10
N ILE F 42 -0.71 -22.46 9.75
CA ILE F 42 -0.02 -22.30 11.03
C ILE F 42 -1.06 -22.03 12.12
N PHE F 43 -1.06 -22.89 13.15
CA PHE F 43 -1.93 -22.66 14.29
C PHE F 43 -1.21 -21.71 15.19
N ASN F 45 -1.26 -19.83 18.81
CA ASN F 45 -1.92 -19.72 20.08
C ASN F 45 -1.72 -18.32 20.67
N ARG F 46 -2.58 -17.39 20.29
CA ARG F 46 -2.56 -16.03 20.85
C ARG F 46 -3.53 -15.89 22.01
N SER F 47 -3.43 -16.82 22.95
CA SER F 47 -4.27 -16.83 24.14
C SER F 47 -3.39 -17.21 25.32
N PRO F 48 -3.84 -17.03 26.55
CA PRO F 48 -3.06 -17.51 27.70
C PRO F 48 -3.32 -18.96 28.06
N ARG F 49 -4.06 -19.71 27.27
CA ARG F 49 -4.45 -21.06 27.66
C ARG F 49 -3.67 -22.09 26.85
N VAL F 50 -3.49 -23.26 27.47
CA VAL F 50 -3.04 -24.41 26.71
C VAL F 50 -4.14 -24.78 25.75
N VAL F 51 -3.84 -24.79 24.46
CA VAL F 51 -4.86 -24.97 23.43
C VAL F 51 -4.83 -26.42 22.92
N LEU F 52 -6.01 -27.03 22.82
CA LEU F 52 -6.16 -28.36 22.23
C LEU F 52 -6.79 -28.23 20.85
N PRO F 53 -6.06 -28.47 19.77
CA PRO F 53 -6.68 -28.43 18.45
C PRO F 53 -7.56 -29.66 18.29
N VAL F 54 -8.75 -29.48 17.71
CA VAL F 54 -9.63 -30.61 17.45
C VAL F 54 -10.05 -30.60 15.99
N TRP F 55 -9.75 -31.70 15.29
CA TRP F 55 -10.16 -31.90 13.92
C TRP F 55 -11.42 -32.73 13.92
N LEU F 56 -12.42 -32.30 13.17
CA LEU F 56 -13.63 -33.10 12.97
C LEU F 56 -13.37 -34.07 11.81
N ASN F 57 -13.45 -35.37 12.07
CA ASN F 57 -13.05 -36.33 11.05
C ASN F 57 -14.14 -36.44 9.98
N PHE F 58 -13.95 -37.35 9.04
CA PHE F 58 -14.86 -37.46 7.91
C PHE F 58 -16.24 -37.96 8.29
N ASP F 59 -16.34 -38.63 9.44
CA ASP F 59 -17.59 -39.09 10.01
C ASP F 59 -18.16 -38.16 11.06
N GLY F 60 -17.57 -36.99 11.28
CA GLY F 60 -18.08 -36.08 12.27
C GLY F 60 -17.52 -36.26 13.68
N GLU F 61 -16.68 -37.30 13.91
CA GLU F 61 -16.15 -37.53 15.25
C GLU F 61 -14.98 -36.59 15.54
N PRO F 62 -14.99 -35.86 16.66
CA PRO F 62 -13.88 -34.95 16.97
C PRO F 62 -12.62 -35.75 17.25
N GLN F 63 -11.52 -35.33 16.62
CA GLN F 63 -10.23 -35.99 16.80
C GLN F 63 -9.24 -34.99 17.40
N PRO F 64 -8.76 -35.23 18.62
CA PRO F 64 -7.83 -34.31 19.26
C PRO F 64 -6.43 -34.44 18.67
N TYR F 65 -5.70 -33.33 18.70
CA TYR F 65 -4.33 -33.18 18.21
C TYR F 65 -3.43 -32.70 19.36
N PRO F 66 -2.10 -32.73 19.21
CA PRO F 66 -1.22 -32.36 20.34
C PRO F 66 -1.38 -30.90 20.76
N THR F 67 -1.33 -30.66 22.07
CA THR F 67 -1.66 -29.34 22.58
C THR F 67 -0.60 -28.32 22.19
N LEU F 68 -1.03 -27.05 22.19
CA LEU F 68 -0.20 -25.87 21.92
C LEU F 68 -0.02 -25.07 23.19
N PRO F 69 1.19 -24.91 23.72
CA PRO F 69 1.38 -24.06 24.89
C PRO F 69 1.05 -22.62 24.54
N PRO F 70 0.79 -21.79 25.53
CA PRO F 70 0.44 -20.39 25.27
C PRO F 70 1.51 -19.66 24.49
N GLY F 71 1.07 -18.83 23.54
CA GLY F 71 2.02 -18.00 22.82
C GLY F 71 2.95 -18.73 21.90
N THR F 72 2.62 -19.96 21.52
CA THR F 72 3.45 -20.78 20.65
C THR F 72 2.70 -21.07 19.35
N GLY F 73 3.44 -21.60 18.38
CA GLY F 73 2.90 -21.84 17.07
C GLY F 73 3.29 -23.22 16.56
N ARG F 74 2.47 -23.74 15.66
CA ARG F 74 2.77 -25.04 15.08
C ARG F 74 2.38 -24.96 13.61
N ARG F 75 3.26 -25.49 12.76
CA ARG F 75 3.00 -25.59 11.32
C ARG F 75 2.24 -26.89 11.06
N ILE F 76 1.11 -26.81 10.36
CA ILE F 76 0.20 -27.93 10.23
C ILE F 76 -0.06 -28.25 8.76
N HIS F 77 -0.16 -29.54 8.44
CA HIS F 77 -0.55 -30.01 7.10
C HIS F 77 -2.01 -30.43 7.18
N SER F 78 -2.89 -29.66 6.54
CA SER F 78 -4.30 -30.01 6.54
C SER F 78 -4.73 -29.99 5.07
N TYR F 79 -6.04 -29.91 4.86
CA TYR F 79 -6.61 -29.95 3.54
C TYR F 79 -7.74 -28.96 3.48
N ARG F 80 -8.06 -28.54 2.25
CA ARG F 80 -9.14 -27.58 2.11
C ARG F 80 -10.45 -28.29 2.40
N GLY F 81 -11.33 -27.59 3.12
CA GLY F 81 -12.59 -28.16 3.53
C GLY F 81 -12.55 -28.95 4.82
N HIS F 82 -11.39 -29.05 5.47
CA HIS F 82 -11.35 -29.74 6.75
C HIS F 82 -11.83 -28.77 7.83
N LEU F 83 -12.36 -29.34 8.91
CA LEU F 83 -13.00 -28.55 9.96
C LEU F 83 -12.15 -28.66 11.21
N TRP F 84 -11.82 -27.53 11.79
CA TRP F 84 -11.04 -27.49 13.02
C TRP F 84 -11.75 -26.59 14.02
N LEU F 85 -11.70 -26.98 15.29
CA LEU F 85 -12.09 -26.13 16.40
C LEU F 85 -11.01 -26.24 17.46
N PHE F 86 -10.99 -25.27 18.37
CA PHE F 86 -9.92 -25.15 19.36
C PHE F 86 -10.51 -24.94 20.75
N ARG F 87 -9.84 -25.52 21.75
CA ARG F 87 -10.32 -25.58 23.12
C ARG F 87 -9.18 -25.39 24.09
N ASP F 88 -9.56 -25.02 25.31
CA ASP F 88 -8.64 -25.04 26.43
C ASP F 88 -8.38 -26.51 26.76
N ALA F 89 -7.10 -26.90 26.80
CA ALA F 89 -6.77 -28.32 26.97
C ALA F 89 -7.20 -28.84 28.33
N GLY F 90 -7.09 -28.02 29.36
CA GLY F 90 -7.47 -28.45 30.70
C GLY F 90 -8.97 -28.39 30.96
N THR F 91 -9.62 -27.28 30.62
CA THR F 91 -11.02 -27.07 31.02
C THR F 91 -12.02 -27.30 29.89
N HIS F 92 -11.56 -27.43 28.65
CA HIS F 92 -12.41 -27.52 27.46
C HIS F 92 -13.24 -26.25 27.23
N ASP F 93 -12.82 -25.14 27.83
CA ASP F 93 -13.45 -23.85 27.53
C ASP F 93 -13.33 -23.59 26.02
N GLY F 94 -14.35 -22.93 25.47
CA GLY F 94 -14.34 -22.64 24.05
C GLY F 94 -13.38 -21.50 23.72
N LEU F 95 -12.72 -21.62 22.56
CA LEU F 95 -11.82 -20.59 22.08
C LEU F 95 -12.23 -20.22 20.67
N LEU F 96 -11.68 -19.11 20.20
CA LEU F 96 -11.96 -18.58 18.88
C LEU F 96 -10.74 -18.78 18.00
N VAL F 97 -10.98 -19.09 16.73
CA VAL F 97 -9.92 -19.15 15.75
C VAL F 97 -10.32 -18.21 14.62
N ASN F 98 -9.47 -17.21 14.37
CA ASN F 98 -9.78 -16.18 13.37
C ASN F 98 -11.12 -15.52 13.66
N GLN F 99 -11.37 -15.25 14.94
CA GLN F 99 -12.55 -14.55 15.46
C GLN F 99 -13.85 -15.33 15.32
N THR F 100 -13.81 -16.64 15.15
CA THR F 100 -15.01 -17.43 14.99
C THR F 100 -14.76 -18.79 15.62
N GLU F 101 -15.75 -19.69 15.46
CA GLU F 101 -15.69 -21.00 16.13
C GLU F 101 -15.08 -22.09 15.27
N LEU F 102 -15.20 -22.03 13.96
CA LEU F 102 -14.73 -23.11 13.12
C LEU F 102 -13.71 -22.57 12.15
N PHE F 103 -12.60 -23.29 11.98
CA PHE F 103 -11.54 -22.93 11.05
C PHE F 103 -11.53 -23.91 9.90
N VAL F 104 -11.69 -23.41 8.69
CA VAL F 104 -11.69 -24.24 7.49
C VAL F 104 -10.53 -23.77 6.65
N PRO F 105 -9.45 -24.56 6.53
CA PRO F 105 -8.30 -24.13 5.71
C PRO F 105 -8.75 -23.76 4.31
N SER F 106 -8.12 -22.74 3.75
CA SER F 106 -8.47 -22.27 2.42
C SER F 106 -7.31 -22.49 1.46
N LEU F 107 -7.47 -21.97 0.25
CA LEU F 107 -6.43 -22.04 -0.77
C LEU F 107 -5.20 -21.24 -0.34
N ASN F 108 -4.02 -21.90 -0.32
CA ASN F 108 -2.79 -21.15 -0.13
C ASN F 108 -2.52 -20.31 -1.38
N VAL F 109 -2.42 -19.01 -1.22
CA VAL F 109 -2.21 -18.12 -2.36
C VAL F 109 -0.76 -17.70 -2.37
N ASP F 110 -0.12 -17.79 -3.55
CA ASP F 110 1.30 -17.50 -3.69
C ASP F 110 2.12 -18.38 -2.76
N GLY F 111 1.61 -19.59 -2.48
CA GLY F 111 2.24 -20.54 -1.58
C GLY F 111 2.34 -20.03 -0.15
N GLN F 112 1.45 -19.10 0.26
CA GLN F 112 1.53 -18.58 1.62
C GLN F 112 0.66 -19.41 2.55
N PRO F 113 1.18 -19.82 3.71
CA PRO F 113 0.37 -20.61 4.64
C PRO F 113 -0.75 -19.78 5.27
N ILE F 114 -1.86 -20.45 5.56
CA ILE F 114 -3.02 -19.80 6.18
C ILE F 114 -2.81 -19.72 7.67
N PHE F 115 -3.13 -18.58 8.27
CA PHE F 115 -2.99 -18.42 9.70
C PHE F 115 -4.32 -18.69 10.39
N ALA F 116 -4.27 -19.56 11.41
CA ALA F 116 -5.38 -19.85 12.31
C ALA F 116 -5.06 -19.20 13.65
N ASN F 117 -5.59 -18.00 13.89
CA ASN F 117 -5.25 -17.24 15.09
C ASN F 117 -6.19 -17.62 16.24
N ILE F 118 -5.66 -18.36 17.20
CA ILE F 118 -6.44 -18.80 18.35
C ILE F 118 -6.36 -17.75 19.44
N THR F 119 -7.52 -17.18 19.80
CA THR F 119 -7.63 -16.09 20.76
C THR F 119 -8.72 -16.42 21.77
N LEU F 120 -8.74 -15.69 22.87
CA LEU F 120 -9.79 -15.85 23.86
C LEU F 120 -11.06 -15.15 23.37
N PRO F 121 -12.23 -15.71 23.63
CA PRO F 121 -13.46 -14.97 23.33
C PRO F 121 -13.65 -13.91 24.41
N VAL F 122 -14.52 -12.97 24.15
CA VAL F 122 -14.97 -12.15 25.26
C VAL F 122 -16.06 -12.96 25.95
N TYR F 123 -15.66 -13.77 26.93
CA TYR F 123 -16.63 -14.58 27.66
C TYR F 123 -17.65 -13.68 28.34
N THR F 124 -18.84 -14.22 28.60
CA THR F 124 -19.73 -13.47 29.47
C THR F 124 -19.12 -13.44 30.86
N LEU F 125 -19.52 -12.43 31.63
CA LEU F 125 -19.06 -12.37 33.01
C LEU F 125 -19.52 -13.60 33.79
N LYS F 126 -20.73 -14.10 33.50
CA LYS F 126 -21.19 -15.34 34.14
C LYS F 126 -20.28 -16.51 33.79
N GLU F 127 -20.05 -16.76 32.49
CA GLU F 127 -19.14 -17.85 32.11
C GLU F 127 -17.77 -17.69 32.78
N ARG F 128 -17.25 -16.46 32.81
CA ARG F 128 -15.94 -16.23 33.39
C ARG F 128 -15.92 -16.61 34.88
N CYS F 129 -16.99 -16.25 35.60
CA CYS F 129 -17.15 -16.66 37.00
C CYS F 129 -17.30 -18.18 37.13
N LEU F 130 -18.07 -18.80 36.24
CA LEU F 130 -18.19 -20.25 36.28
C LEU F 130 -16.82 -20.89 36.09
N GLN F 131 -15.98 -20.29 35.23
CA GLN F 131 -14.63 -20.82 35.01
C GLN F 131 -13.79 -20.73 36.27
N VAL F 132 -13.73 -19.55 36.90
CA VAL F 132 -12.91 -19.36 38.10
C VAL F 132 -13.43 -20.20 39.26
N VAL F 133 -14.75 -20.16 39.49
CA VAL F 133 -15.31 -20.93 40.60
C VAL F 133 -15.08 -22.41 40.36
N ARG F 134 -15.31 -22.89 39.12
CA ARG F 134 -15.03 -24.29 38.82
C ARG F 134 -13.59 -24.65 39.14
N SER F 135 -12.66 -23.71 38.92
CA SER F 135 -11.25 -23.99 39.18
C SER F 135 -10.93 -24.03 40.67
N LEU F 136 -11.75 -23.37 41.50
CA LEU F 136 -11.49 -23.32 42.93
C LEU F 136 -12.24 -24.38 43.76
N VAL F 137 -13.27 -25.04 43.21
CA VAL F 137 -14.06 -26.03 43.92
C VAL F 137 -14.09 -27.33 43.14
N LYS F 138 -13.81 -28.45 43.82
CA LYS F 138 -13.93 -29.75 43.20
C LYS F 138 -15.41 -30.05 42.97
N PRO F 139 -15.75 -30.77 41.90
CA PRO F 139 -17.17 -30.96 41.55
C PRO F 139 -18.00 -31.63 42.65
N GLU F 140 -17.39 -32.37 43.57
CA GLU F 140 -18.12 -32.95 44.69
C GLU F 140 -18.67 -31.89 45.64
N ASN F 141 -18.02 -30.72 45.73
CA ASN F 141 -18.39 -29.65 46.66
C ASN F 141 -19.16 -28.50 46.02
N TYR F 142 -19.61 -28.63 44.76
CA TYR F 142 -20.35 -27.54 44.14
C TYR F 142 -21.59 -27.21 44.94
N ARG F 143 -22.27 -28.23 45.44
CA ARG F 143 -23.48 -28.02 46.22
C ARG F 143 -23.20 -27.44 47.59
N ARG F 144 -21.96 -27.47 48.08
CA ARG F 144 -21.73 -26.86 49.38
C ARG F 144 -21.62 -25.35 49.29
N LEU F 145 -21.59 -24.79 48.08
CA LEU F 145 -21.52 -23.35 47.89
C LEU F 145 -22.91 -22.76 48.13
N ASP F 146 -22.95 -21.58 48.77
CA ASP F 146 -24.22 -20.97 49.15
C ASP F 146 -24.74 -20.07 48.03
N ILE F 147 -25.26 -20.70 46.98
CA ILE F 147 -25.74 -20.01 45.81
C ILE F 147 -27.06 -20.62 45.37
N VAL F 148 -27.71 -19.93 44.42
CA VAL F 148 -28.99 -20.36 43.87
C VAL F 148 -28.89 -21.73 43.17
N ARG F 149 -30.00 -22.46 43.18
CA ARG F 149 -30.04 -23.78 42.55
C ARG F 149 -29.77 -23.68 41.05
N SER F 150 -30.03 -22.52 40.46
CA SER F 150 -29.63 -22.24 39.09
C SER F 150 -28.14 -22.42 38.91
N LEU F 151 -27.36 -21.88 39.84
CA LEU F 151 -25.91 -21.87 39.69
C LEU F 151 -25.31 -23.26 39.85
N TYR F 152 -25.90 -24.12 40.69
CA TYR F 152 -25.36 -25.48 40.82
C TYR F 152 -25.37 -26.20 39.49
N GLU F 153 -26.48 -26.10 38.76
CA GLU F 153 -26.56 -26.78 37.47
C GLU F 153 -25.67 -26.10 36.43
N ASP F 154 -25.50 -24.78 36.52
CA ASP F 154 -24.61 -24.07 35.61
C ASP F 154 -23.14 -24.45 35.81
N LEU F 155 -22.70 -24.58 37.06
CA LEU F 155 -21.33 -25.03 37.32
C LEU F 155 -21.12 -26.46 36.84
N GLU F 156 -22.14 -27.31 37.00
CA GLU F 156 -22.03 -28.72 36.63
C GLU F 156 -22.12 -28.94 35.13
N ASP F 157 -22.69 -28.00 34.37
CA ASP F 157 -22.69 -28.08 32.90
C ASP F 157 -21.35 -27.56 32.37
N HIS F 158 -20.27 -28.25 32.75
CA HIS F 158 -18.97 -27.79 32.29
C HIS F 158 -18.93 -27.88 30.77
N PRO F 159 -18.30 -26.92 30.10
CA PRO F 159 -18.27 -26.93 28.63
C PRO F 159 -17.66 -28.21 28.09
N ASN F 160 -18.21 -28.66 26.96
CA ASN F 160 -17.80 -29.93 26.38
C ASN F 160 -17.99 -29.81 24.86
N VAL F 161 -17.08 -30.45 24.11
CA VAL F 161 -17.06 -30.29 22.66
C VAL F 161 -18.29 -30.93 22.03
N GLN F 162 -18.70 -32.08 22.56
CA GLN F 162 -19.82 -32.79 21.94
C GLN F 162 -21.10 -31.98 22.06
N LYS F 163 -21.28 -31.28 23.20
CA LYS F 163 -22.42 -30.37 23.36
C LYS F 163 -22.36 -29.25 22.34
N ASP F 164 -21.19 -28.61 22.22
CA ASP F 164 -21.03 -27.50 21.29
C ASP F 164 -21.30 -27.91 19.86
N LEU F 165 -20.97 -29.14 19.50
CA LEU F 165 -21.20 -29.59 18.14
C LEU F 165 -22.69 -29.64 17.82
N GLU F 166 -23.50 -30.07 18.79
CA GLU F 166 -24.93 -30.12 18.59
C GLU F 166 -25.50 -28.74 18.38
N ARG F 167 -25.05 -27.76 19.18
CA ARG F 167 -25.50 -26.38 19.01
C ARG F 167 -25.13 -25.86 17.63
N LEU F 168 -23.84 -26.00 17.25
CA LEU F 168 -23.39 -25.53 15.94
C LEU F 168 -24.10 -26.26 14.82
N THR F 169 -24.53 -27.49 15.07
CA THR F 169 -25.37 -28.18 14.10
C THR F 169 -26.84 -27.73 14.22
N GLN F 170 -27.07 -26.43 14.47
CA GLN F 170 -28.41 -25.88 14.48
C GLN F 170 -28.89 -25.62 13.06
N GLU F 171 -30.14 -26.02 12.79
CA GLU F 171 -30.67 -26.03 11.43
C GLU F 171 -30.96 -24.62 10.93
N ARG F 172 -30.22 -24.20 9.91
CA ARG F 172 -30.39 -22.88 9.26
C ARG F 172 -30.26 -21.73 10.25
N MET G 1 35.05 -8.43 -0.97
CA MET G 1 35.07 -7.03 -0.53
C MET G 1 33.86 -6.64 0.37
N ASP G 2 32.81 -7.47 0.41
CA ASP G 2 31.67 -7.20 1.29
C ASP G 2 31.87 -7.88 2.63
N VAL G 3 31.58 -7.16 3.71
CA VAL G 3 31.69 -7.72 5.06
C VAL G 3 30.31 -7.84 5.67
N PHE G 4 30.16 -8.82 6.55
CA PHE G 4 28.88 -9.13 7.17
C PHE G 4 29.01 -9.00 8.68
N LEU G 5 28.22 -8.10 9.27
CA LEU G 5 28.44 -7.69 10.65
C LEU G 5 27.20 -7.87 11.50
N MET G 6 27.45 -8.04 12.79
CA MET G 6 26.46 -7.97 13.85
C MET G 6 26.78 -6.79 14.74
N ILE G 7 26.00 -5.71 14.64
CA ILE G 7 26.10 -4.63 15.60
C ILE G 7 25.27 -5.00 16.82
N ARG G 8 25.92 -5.06 17.97
CA ARG G 8 25.29 -5.61 19.17
C ARG G 8 25.38 -4.59 20.31
N ARG G 9 24.23 -4.32 20.93
CA ARG G 9 24.13 -3.51 22.14
C ARG G 9 23.12 -4.15 23.09
N HIS G 10 23.56 -4.41 24.32
CA HIS G 10 22.71 -4.96 25.36
C HIS G 10 22.05 -6.26 24.87
N LYS G 11 20.74 -6.22 24.67
CA LYS G 11 19.98 -7.35 24.15
C LYS G 11 19.51 -7.09 22.72
N THR G 12 20.19 -6.18 22.02
CA THR G 12 19.81 -5.75 20.68
C THR G 12 20.93 -6.15 19.72
N THR G 13 20.56 -6.81 18.62
CA THR G 13 21.52 -7.28 17.62
C THR G 13 21.03 -6.88 16.24
N ILE G 14 21.82 -6.07 15.53
CA ILE G 14 21.51 -5.72 14.15
C ILE G 14 22.34 -6.58 13.24
N PHE G 15 21.69 -7.15 12.22
CA PHE G 15 22.37 -7.87 11.14
C PHE G 15 22.35 -6.97 9.90
N THR G 16 23.51 -6.51 9.48
CA THR G 16 23.60 -5.76 8.25
C THR G 16 24.94 -6.05 7.58
N ASP G 17 25.10 -5.55 6.36
CA ASP G 17 26.32 -5.75 5.60
C ASP G 17 26.87 -4.40 5.17
N ALA G 18 28.15 -4.42 4.80
CA ALA G 18 28.85 -3.22 4.36
C ALA G 18 30.07 -3.65 3.53
N LYS G 19 30.60 -2.69 2.79
CA LYS G 19 31.83 -2.89 2.02
C LYS G 19 33.03 -2.53 2.89
N GLU G 20 34.14 -3.20 2.64
CA GLU G 20 35.36 -2.97 3.40
C GLU G 20 35.79 -1.51 3.38
N SER G 21 35.55 -0.81 2.28
CA SER G 21 35.97 0.57 2.11
C SER G 21 35.11 1.60 2.83
N SER G 22 33.91 1.23 3.31
CA SER G 22 33.06 2.19 4.01
C SER G 22 33.67 2.56 5.36
N THR G 23 33.26 3.71 5.89
CA THR G 23 33.83 4.20 7.14
C THR G 23 32.89 3.90 8.31
N VAL G 24 33.45 3.98 9.52
CA VAL G 24 32.68 3.75 10.74
C VAL G 24 31.48 4.69 10.82
N PHE G 25 31.65 5.93 10.36
CA PHE G 25 30.58 6.93 10.42
C PHE G 25 29.43 6.55 9.49
N GLU G 26 29.75 6.07 8.30
CA GLU G 26 28.74 5.62 7.37
C GLU G 26 27.94 4.46 7.95
N LEU G 27 28.58 3.69 8.84
CA LEU G 27 27.96 2.63 9.61
C LEU G 27 27.14 3.18 10.78
N LYS G 28 27.58 4.28 11.39
CA LYS G 28 26.77 4.92 12.42
C LYS G 28 25.49 5.48 11.81
N ARG G 29 25.55 5.93 10.55
CA ARG G 29 24.35 6.39 9.85
C ARG G 29 23.35 5.27 9.70
N ILE G 30 23.84 4.06 9.44
CA ILE G 30 22.96 2.91 9.28
C ILE G 30 22.23 2.63 10.60
N VAL G 31 22.97 2.65 11.73
CA VAL G 31 22.36 2.51 13.05
C VAL G 31 21.33 3.59 13.30
N GLU G 32 21.63 4.80 12.82
CA GLU G 32 20.69 5.90 13.01
C GLU G 32 19.37 5.60 12.33
N GLY G 33 19.42 4.88 11.20
CA GLY G 33 18.22 4.37 10.58
C GLY G 33 17.50 3.36 11.45
N ILE G 34 18.17 2.30 11.90
CA ILE G 34 17.48 1.26 12.66
C ILE G 34 17.11 1.74 14.06
N LEU G 35 18.12 2.02 14.90
CA LEU G 35 17.84 2.31 16.30
C LEU G 35 17.54 3.78 16.57
N LYS G 36 17.52 4.62 15.52
CA LYS G 36 17.01 5.99 15.60
C LYS G 36 17.80 6.86 16.60
N ARG G 37 19.13 6.75 16.59
CA ARG G 37 20.00 7.60 17.40
C ARG G 37 21.12 8.20 16.57
N PRO G 38 21.46 9.47 16.79
CA PRO G 38 22.43 10.13 15.92
C PRO G 38 23.84 9.66 16.18
N PRO G 39 24.73 9.72 15.18
CA PRO G 39 26.14 9.33 15.37
C PRO G 39 26.85 10.06 16.49
N ASP G 40 26.48 11.31 16.74
CA ASP G 40 27.06 12.05 17.86
C ASP G 40 26.77 11.37 19.18
N GLU G 41 25.73 10.54 19.25
CA GLU G 41 25.32 9.87 20.48
C GLU G 41 25.66 8.37 20.53
N GLN G 42 26.45 7.85 19.58
CA GLN G 42 26.78 6.43 19.59
C GLN G 42 28.28 6.20 19.44
N ARG G 43 28.79 5.19 20.15
CA ARG G 43 30.16 4.73 20.04
C ARG G 43 30.22 3.28 19.59
N LEU G 44 31.01 3.01 18.55
CA LEU G 44 31.19 1.67 18.02
C LEU G 44 32.53 1.11 18.46
N TYR G 45 32.57 -0.18 18.76
CA TYR G 45 33.75 -0.82 19.31
C TYR G 45 34.08 -2.08 18.54
N LYS G 46 35.38 -2.34 18.33
CA LYS G 46 35.87 -3.65 17.91
C LYS G 46 36.54 -4.22 19.15
N ASP G 47 35.90 -5.23 19.73
CA ASP G 47 36.17 -5.64 21.10
C ASP G 47 36.18 -4.44 22.03
N ASP G 48 37.35 -4.00 22.51
CA ASP G 48 37.40 -2.90 23.46
C ASP G 48 37.96 -1.62 22.84
N GLN G 49 38.11 -1.57 21.53
CA GLN G 49 38.76 -0.46 20.87
C GLN G 49 37.69 0.42 20.27
N LEU G 50 37.64 1.68 20.68
CA LEU G 50 36.74 2.60 20.01
C LEU G 50 37.24 2.80 18.58
N LEU G 51 36.29 2.89 17.66
CA LEU G 51 36.55 2.93 16.23
C LEU G 51 36.47 4.38 15.77
N ASP G 52 37.50 4.85 15.08
CA ASP G 52 37.52 6.23 14.61
C ASP G 52 36.62 6.38 13.38
N ASP G 53 35.84 7.46 13.35
CA ASP G 53 34.85 7.65 12.27
C ASP G 53 35.51 7.69 10.88
N GLY G 54 36.67 8.33 10.76
CA GLY G 54 37.22 8.48 9.44
C GLY G 54 37.88 7.24 8.87
N LYS G 55 38.02 6.20 9.70
CA LYS G 55 38.70 4.96 9.32
C LYS G 55 37.74 4.01 8.62
N THR G 56 38.24 3.28 7.62
CA THR G 56 37.43 2.28 6.93
C THR G 56 37.38 0.98 7.72
N LEU G 57 36.33 0.19 7.45
CA LEU G 57 36.18 -1.10 8.11
C LEU G 57 37.35 -2.02 7.81
N GLY G 58 37.90 -1.93 6.59
CA GLY G 58 39.05 -2.74 6.27
C GLY G 58 40.25 -2.41 7.13
N GLU G 59 40.48 -1.13 7.36
CA GLU G 59 41.57 -0.70 8.22
C GLU G 59 41.40 -1.34 9.58
N GLY G 61 40.32 -3.95 10.42
CA GLY G 61 40.50 -5.38 10.47
C GLY G 61 39.27 -6.23 10.22
N PHE G 62 38.24 -5.63 9.65
CA PHE G 62 37.04 -6.35 9.22
C PHE G 62 37.25 -6.74 7.77
N THR G 63 37.48 -8.03 7.51
CA THR G 63 37.76 -8.49 6.16
C THR G 63 36.69 -9.48 5.70
N SER G 64 36.57 -9.61 4.38
CA SER G 64 35.58 -10.53 3.82
C SER G 64 35.78 -11.95 4.33
N GLN G 65 37.03 -12.34 4.59
CA GLN G 65 37.34 -13.66 5.14
C GLN G 65 36.97 -13.76 6.63
N THR G 66 37.11 -12.69 7.41
CA THR G 66 36.76 -12.81 8.83
C THR G 66 35.28 -12.53 9.08
N ALA G 67 34.68 -11.57 8.37
CA ALA G 67 33.30 -11.15 8.64
C ALA G 67 32.41 -11.71 7.53
N ARG G 68 31.84 -12.88 7.76
CA ARG G 68 31.18 -13.66 6.73
C ARG G 68 29.69 -13.81 7.01
N PRO G 69 28.89 -14.08 5.98
CA PRO G 69 27.43 -14.21 6.21
C PRO G 69 27.08 -15.30 7.21
N GLN G 70 27.69 -16.48 7.08
CA GLN G 70 27.43 -17.58 7.99
C GLN G 70 28.10 -17.39 9.35
N ALA G 71 29.07 -16.47 9.45
CA ALA G 71 29.74 -16.15 10.73
C ALA G 71 30.09 -14.66 10.78
N PRO G 72 29.11 -13.81 11.10
CA PRO G 72 29.33 -12.36 11.05
C PRO G 72 30.18 -11.81 12.19
N ALA G 73 30.92 -10.73 11.88
CA ALA G 73 31.76 -10.06 12.87
C ALA G 73 30.94 -9.13 13.76
N THR G 74 31.39 -8.97 14.99
CA THR G 74 30.64 -8.21 15.98
C THR G 74 31.22 -6.82 16.16
N VAL G 75 30.36 -5.82 16.11
CA VAL G 75 30.70 -4.43 16.43
C VAL G 75 29.87 -4.01 17.62
N GLY G 76 30.56 -3.53 18.66
CA GLY G 76 29.88 -3.06 19.85
C GLY G 76 29.25 -1.69 19.65
N LEU G 77 28.14 -1.48 20.34
CA LEU G 77 27.42 -0.22 20.32
C LEU G 77 27.20 0.27 21.73
N ALA G 78 27.50 1.54 21.97
CA ALA G 78 27.18 2.19 23.22
C ALA G 78 26.59 3.54 22.84
N PHE G 79 25.49 3.89 23.52
CA PHE G 79 24.73 5.09 23.24
C PHE G 79 25.01 6.11 24.33
N ARG G 80 25.11 7.39 23.95
CA ARG G 80 25.20 8.46 24.93
C ARG G 80 23.83 8.72 25.53
N ALA G 81 23.69 8.48 26.83
CA ALA G 81 22.47 8.79 27.56
C ALA G 81 22.63 10.12 28.29
N ASP G 82 21.70 11.05 28.01
CA ASP G 82 21.81 12.45 28.43
C ASP G 82 23.15 13.02 27.97
N ASP G 83 24.05 13.36 28.90
CA ASP G 83 25.28 14.02 28.46
C ASP G 83 26.51 13.12 28.46
N THR G 84 26.43 11.91 29.01
CA THR G 84 27.59 11.04 29.10
C THR G 84 27.33 9.69 28.44
N PHE G 85 28.37 9.14 27.80
CA PHE G 85 28.28 7.88 27.08
C PHE G 85 28.24 6.69 28.04
N GLU G 86 27.44 5.69 27.69
CA GLU G 86 27.35 4.49 28.50
C GLU G 86 28.58 3.60 28.30
N ALA G 87 28.79 2.68 29.25
CA ALA G 87 29.83 1.66 29.08
C ALA G 87 29.32 0.58 28.15
N LEU G 88 30.21 0.08 27.29
CA LEU G 88 29.83 -0.94 26.33
C LEU G 88 29.43 -2.23 27.05
N CYS G 89 28.14 -2.60 27.03
CA CYS G 89 27.66 -3.85 27.62
C CYS G 89 26.90 -4.65 26.55
N ILE G 90 27.36 -5.87 26.27
CA ILE G 90 26.73 -6.71 25.26
C ILE G 90 26.24 -7.98 25.97
N GLU G 91 24.94 -8.11 26.10
CA GLU G 91 24.38 -9.24 26.82
C GLU G 91 24.58 -10.52 26.02
N PRO G 92 25.09 -11.59 26.62
CA PRO G 92 25.33 -12.82 25.87
C PRO G 92 24.05 -13.56 25.55
N PHE G 93 24.11 -14.40 24.53
CA PHE G 93 22.97 -15.22 24.19
C PHE G 93 22.83 -16.33 25.22
N SER G 94 21.70 -17.03 25.17
CA SER G 94 21.48 -18.09 26.16
C SER G 94 22.52 -19.20 25.97
N SER G 95 22.79 -19.90 27.02
CA SER G 95 23.71 -21.01 26.90
C SER G 95 22.95 -22.23 26.42
N PRO G 96 23.47 -22.97 25.44
CA PRO G 96 22.81 -24.18 25.00
C PRO G 96 22.80 -25.22 26.12
N PRO G 97 21.82 -26.10 26.15
CA PRO G 97 21.81 -27.19 27.15
C PRO G 97 22.96 -28.13 26.90
N GLU G 98 23.24 -28.96 27.90
CA GLU G 98 24.22 -30.01 27.70
C GLU G 98 23.75 -30.96 26.60
N LEU G 99 24.70 -31.52 25.88
CA LEU G 99 24.39 -32.40 24.78
C LEU G 99 23.65 -33.65 25.28
N PRO G 100 22.61 -34.08 24.56
CA PRO G 100 22.03 -35.38 24.87
C PRO G 100 23.09 -36.48 24.81
N ASP G 101 22.88 -37.53 25.61
CA ASP G 101 23.87 -38.60 25.70
C ASP G 101 24.05 -39.30 24.37
N VAL G 102 22.97 -39.47 23.62
CA VAL G 102 22.94 -40.08 22.29
C VAL G 102 23.81 -39.31 21.29
N MET G 103 24.41 -38.20 21.73
CA MET G 103 25.27 -37.31 20.93
C MET G 103 26.64 -37.15 21.57
N MET H 3 12.63 -0.92 6.45
CA MET H 3 13.44 -1.88 5.70
C MET H 3 13.89 -3.00 6.63
N TYR H 4 13.62 -2.87 7.92
CA TYR H 4 14.08 -3.84 8.89
C TYR H 4 12.90 -4.38 9.70
N VAL H 5 13.12 -5.54 10.30
CA VAL H 5 12.12 -6.19 11.14
C VAL H 5 12.83 -6.66 12.41
N LYS H 6 12.04 -6.99 13.42
CA LYS H 6 12.56 -7.37 14.73
C LYS H 6 12.11 -8.79 15.06
N LEU H 7 13.07 -9.67 15.34
CA LEU H 7 12.78 -11.02 15.79
C LEU H 7 13.25 -11.14 17.23
N ILE H 8 12.35 -11.50 18.13
CA ILE H 8 12.65 -11.53 19.55
C ILE H 8 12.68 -12.96 20.05
N SER H 9 13.75 -13.33 20.75
CA SER H 9 13.89 -14.69 21.26
C SER H 9 13.10 -14.86 22.56
N SER H 10 13.00 -16.13 22.99
CA SER H 10 12.28 -16.45 24.22
C SER H 10 12.92 -15.77 25.43
N ASP H 11 14.25 -15.70 25.46
CA ASP H 11 14.94 -15.04 26.55
C ASP H 11 15.12 -13.54 26.30
N GLY H 12 14.36 -12.97 25.37
CA GLY H 12 14.24 -11.52 25.23
C GLY H 12 15.25 -10.82 24.34
N HIS H 13 16.21 -11.53 23.75
CA HIS H 13 17.14 -10.89 22.82
C HIS H 13 16.38 -10.41 21.59
N GLU H 14 16.66 -9.18 21.16
CA GLU H 14 15.98 -8.57 20.02
C GLU H 14 16.92 -8.53 18.83
N PHE H 15 16.53 -9.23 17.76
CA PHE H 15 17.32 -9.34 16.52
C PHE H 15 16.69 -8.51 15.42
N ILE H 16 17.44 -7.54 14.92
CA ILE H 16 16.98 -6.66 13.85
C ILE H 16 17.67 -7.09 12.58
N VAL H 17 16.88 -7.61 11.64
CA VAL H 17 17.39 -8.18 10.40
C VAL H 17 16.64 -7.52 9.24
N LYS H 18 17.25 -7.57 8.07
CA LYS H 18 16.62 -6.94 6.90
C LYS H 18 15.40 -7.74 6.45
N ARG H 19 14.36 -7.03 6.01
CA ARG H 19 13.09 -7.67 5.64
C ARG H 19 13.23 -8.69 4.51
N GLU H 20 13.89 -8.32 3.41
CA GLU H 20 14.05 -9.27 2.31
C GLU H 20 14.79 -10.54 2.78
N HIS H 21 15.78 -10.38 3.65
CA HIS H 21 16.48 -11.54 4.22
C HIS H 21 15.55 -12.36 5.10
N ALA H 22 14.77 -11.69 5.96
CA ALA H 22 13.86 -12.40 6.84
C ALA H 22 12.70 -13.00 6.08
N LEU H 23 12.42 -12.51 4.87
CA LEU H 23 11.35 -13.08 4.07
C LEU H 23 11.67 -14.50 3.59
N THR H 24 12.90 -14.96 3.80
CA THR H 24 13.29 -16.33 3.50
C THR H 24 12.37 -17.32 4.18
N SER H 25 12.03 -17.08 5.44
CA SER H 25 11.11 -17.95 6.16
C SER H 25 9.69 -17.69 5.67
N GLY H 26 9.01 -18.75 5.22
CA GLY H 26 7.64 -18.60 4.76
C GLY H 26 6.70 -18.28 5.91
N THR H 27 6.99 -18.82 7.09
CA THR H 27 6.21 -18.46 8.27
C THR H 27 6.33 -16.97 8.58
N ILE H 28 7.56 -16.43 8.57
CA ILE H 28 7.75 -15.01 8.81
C ILE H 28 7.16 -14.19 7.67
N LYS H 29 7.30 -14.67 6.43
CA LYS H 29 6.74 -14.00 5.27
C LYS H 29 5.26 -13.73 5.46
N ALA H 30 4.51 -14.77 5.89
CA ALA H 30 3.08 -14.62 6.16
C ALA H 30 2.84 -13.70 7.36
N MET H 31 3.67 -13.84 8.41
CA MET H 31 3.50 -13.03 9.61
C MET H 31 3.61 -11.54 9.30
N LEU H 32 4.50 -11.16 8.40
CA LEU H 32 4.69 -9.75 8.07
C LEU H 32 3.59 -9.20 7.17
N SER H 33 2.97 -10.03 6.34
CA SER H 33 1.92 -9.51 5.47
C SER H 33 0.55 -9.58 6.15
N GLY H 34 0.21 -10.72 6.76
CA GLY H 34 -1.04 -10.84 7.49
C GLY H 34 -0.86 -10.82 9.00
N ASN H 44 7.81 -4.05 11.27
CA ASN H 44 7.08 -4.67 12.37
C ASN H 44 7.99 -5.59 13.18
N GLU H 45 7.39 -6.32 14.12
CA GLU H 45 8.12 -7.19 15.03
C GLU H 45 7.41 -8.55 15.16
N VAL H 46 8.20 -9.61 15.36
CA VAL H 46 7.68 -10.94 15.60
C VAL H 46 8.30 -11.46 16.90
N ASN H 47 7.50 -12.18 17.70
CA ASN H 47 7.92 -12.72 18.99
C ASN H 47 7.88 -14.25 18.93
N PHE H 48 8.95 -14.89 19.37
CA PHE H 48 9.04 -16.35 19.37
C PHE H 48 9.21 -16.80 20.81
N ARG H 49 8.13 -17.23 21.45
CA ARG H 49 8.29 -17.64 22.83
C ARG H 49 8.98 -18.98 22.97
N GLU H 50 9.22 -19.69 21.87
CA GLU H 50 9.79 -21.02 21.93
C GLU H 50 11.25 -21.10 21.49
N ILE H 51 11.78 -20.06 20.88
CA ILE H 51 13.10 -20.14 20.26
C ILE H 51 14.07 -19.28 21.07
N PRO H 52 15.06 -19.89 21.72
CA PRO H 52 16.04 -19.11 22.49
C PRO H 52 17.03 -18.39 21.60
N SER H 53 17.85 -17.55 22.23
CA SER H 53 18.71 -16.64 21.47
C SER H 53 19.86 -17.37 20.77
N HIS H 54 20.44 -18.41 21.38
CA HIS H 54 21.43 -19.17 20.64
C HIS H 54 20.84 -19.82 19.39
N VAL H 55 19.55 -20.14 19.36
CA VAL H 55 18.94 -20.65 18.12
C VAL H 55 18.64 -19.50 17.15
N LEU H 56 17.96 -18.44 17.61
CA LEU H 56 17.49 -17.40 16.71
C LEU H 56 18.65 -16.62 16.07
N SER H 57 19.78 -16.53 16.75
CA SER H 57 20.95 -15.86 16.16
C SER H 57 21.45 -16.62 14.95
N LYS H 58 21.57 -17.94 15.06
CA LYS H 58 22.01 -18.75 13.92
C LYS H 58 21.02 -18.65 12.76
N VAL H 59 19.72 -18.62 13.08
CA VAL H 59 18.70 -18.45 12.05
C VAL H 59 18.95 -17.17 11.24
N CYS H 60 19.23 -16.06 11.92
CA CYS H 60 19.44 -14.84 11.16
C CYS H 60 20.69 -14.93 10.33
N MET H 61 21.65 -15.69 10.80
CA MET H 61 22.86 -15.91 10.02
C MET H 61 22.54 -16.68 8.75
N TYR H 62 21.62 -17.65 8.85
CA TYR H 62 21.23 -18.39 7.66
C TYR H 62 20.58 -17.47 6.62
N PHE H 63 19.77 -16.51 7.07
CA PHE H 63 19.14 -15.57 6.15
C PHE H 63 20.20 -14.84 5.33
N THR H 64 21.25 -14.36 6.00
CA THR H 64 22.36 -13.68 5.33
C THR H 64 23.04 -14.63 4.34
N TYR H 65 23.32 -15.85 4.79
CA TYR H 65 24.00 -16.85 3.97
C TYR H 65 23.17 -17.22 2.73
N LYS H 66 21.88 -17.47 2.93
CA LYS H 66 21.01 -17.84 1.81
C LYS H 66 20.94 -16.73 0.76
N VAL H 67 20.66 -15.49 1.17
CA VAL H 67 20.53 -14.41 0.21
C VAL H 67 21.85 -14.19 -0.54
N ARG H 68 22.98 -14.38 0.14
CA ARG H 68 24.26 -14.15 -0.51
C ARG H 68 24.55 -15.24 -1.54
N TYR H 69 24.42 -16.50 -1.15
CA TYR H 69 24.96 -17.56 -1.99
C TYR H 69 23.95 -18.20 -2.96
N THR H 70 22.66 -17.86 -2.91
CA THR H 70 21.74 -18.35 -3.94
C THR H 70 22.02 -17.62 -5.26
N ASN H 71 21.93 -18.37 -6.35
CA ASN H 71 22.17 -17.84 -7.69
C ASN H 71 23.55 -17.19 -7.80
N SER H 72 24.57 -17.91 -7.33
CA SER H 72 25.97 -17.50 -7.49
C SER H 72 26.78 -18.75 -7.79
N SER H 73 27.51 -18.73 -8.91
CA SER H 73 28.47 -19.78 -9.21
C SER H 73 29.75 -19.64 -8.40
N THR H 74 29.92 -18.53 -7.67
CA THR H 74 31.02 -18.45 -6.72
C THR H 74 30.88 -19.62 -5.75
N GLU H 75 32.01 -20.23 -5.37
CA GLU H 75 31.94 -21.41 -4.51
C GLU H 75 31.18 -21.10 -3.22
N ILE H 76 30.27 -21.98 -2.86
CA ILE H 76 29.39 -21.80 -1.71
C ILE H 76 30.08 -22.49 -0.54
N PRO H 77 30.23 -21.84 0.61
CA PRO H 77 30.84 -22.50 1.77
C PRO H 77 29.82 -23.24 2.62
N GLU H 78 30.32 -24.10 3.49
CA GLU H 78 29.45 -24.83 4.38
C GLU H 78 28.81 -23.85 5.37
N PHE H 79 27.54 -24.07 5.69
CA PHE H 79 26.90 -23.33 6.77
C PHE H 79 27.20 -24.06 8.07
N PRO H 80 27.98 -23.48 8.97
CA PRO H 80 28.39 -24.18 10.19
C PRO H 80 27.30 -24.16 11.25
N ILE H 81 27.10 -25.32 11.90
CA ILE H 81 26.10 -25.48 12.95
C ILE H 81 26.74 -26.19 14.13
N ALA H 82 26.87 -25.51 15.25
CA ALA H 82 27.47 -26.12 16.45
C ALA H 82 26.64 -27.31 16.91
N PRO H 83 27.28 -28.38 17.39
CA PRO H 83 26.54 -29.59 17.77
C PRO H 83 25.53 -29.36 18.87
N GLU H 84 25.84 -28.47 19.82
CA GLU H 84 24.99 -28.24 20.97
C GLU H 84 23.71 -27.51 20.59
N ILE H 85 23.70 -26.82 19.46
CA ILE H 85 22.51 -26.11 19.02
C ILE H 85 21.79 -26.82 17.89
N ALA H 86 22.26 -28.01 17.48
CA ALA H 86 21.70 -28.66 16.30
C ALA H 86 20.24 -29.02 16.49
N LEU H 87 19.95 -29.78 17.55
CA LEU H 87 18.58 -30.26 17.75
C LEU H 87 17.60 -29.09 17.88
N GLU H 88 18.02 -28.03 18.59
CA GLU H 88 17.17 -26.87 18.75
C GLU H 88 17.00 -26.09 17.45
N LEU H 89 18.08 -25.92 16.68
CA LEU H 89 17.98 -25.24 15.40
C LEU H 89 17.03 -25.96 14.44
N LEU H 90 17.06 -27.30 14.45
CA LEU H 90 16.15 -28.07 13.60
C LEU H 90 14.69 -27.79 13.94
N MET H 91 14.34 -27.84 15.23
CA MET H 91 12.95 -27.56 15.63
C MET H 91 12.54 -26.15 15.19
N ALA H 92 13.46 -25.18 15.28
CA ALA H 92 13.12 -23.84 14.83
C ALA H 92 12.88 -23.78 13.32
N ALA H 93 13.72 -24.45 12.53
CA ALA H 93 13.57 -24.37 11.08
C ALA H 93 12.32 -25.09 10.61
N ASN H 94 11.92 -26.14 11.33
CA ASN H 94 10.68 -26.85 11.02
C ASN H 94 9.51 -25.88 11.07
N PHE H 95 9.46 -25.03 12.09
CA PHE H 95 8.37 -24.06 12.20
C PHE H 95 8.52 -22.94 11.16
N LEU H 96 9.75 -22.49 10.89
CA LEU H 96 9.91 -21.32 10.03
C LEU H 96 9.88 -21.64 8.54
N ASP H 97 9.94 -22.92 8.16
CA ASP H 97 10.04 -23.32 6.76
C ASP H 97 11.09 -22.48 6.04
N CYS H 98 12.34 -22.71 6.41
CA CYS H 98 13.49 -22.11 5.74
C CYS H 98 14.62 -23.17 5.57
N VAL I 29 14.20 -44.88 -18.15
CA VAL I 29 13.96 -43.47 -18.44
C VAL I 29 15.20 -42.64 -18.12
N LEU I 30 15.64 -42.63 -16.85
CA LEU I 30 16.88 -41.94 -16.49
C LEU I 30 18.03 -42.93 -16.66
N ARG I 31 18.67 -42.88 -17.82
CA ARG I 31 19.61 -43.91 -18.27
C ARG I 31 20.69 -43.23 -19.10
N SER I 32 21.84 -43.88 -19.23
CA SER I 32 22.86 -43.39 -20.16
C SER I 32 22.61 -43.91 -21.56
N VAL I 33 23.00 -43.11 -22.53
CA VAL I 33 22.92 -43.50 -23.93
C VAL I 33 24.23 -44.16 -24.31
N ASN I 34 24.16 -45.29 -25.00
CA ASN I 34 25.38 -45.95 -25.46
C ASN I 34 25.83 -45.37 -26.80
N SER I 35 26.28 -44.12 -26.75
CA SER I 35 26.73 -43.46 -27.98
C SER I 35 27.99 -44.12 -28.54
N ARG I 36 28.85 -44.66 -27.67
CA ARG I 36 30.18 -45.09 -28.07
C ARG I 36 30.99 -43.92 -28.63
N GLU I 37 30.54 -42.70 -28.34
CA GLU I 37 31.19 -41.50 -28.81
C GLU I 37 31.90 -40.83 -27.64
N PRO I 38 33.23 -40.88 -27.57
CA PRO I 38 33.96 -40.46 -26.37
C PRO I 38 33.86 -38.96 -26.08
N SER I 39 33.86 -38.65 -24.79
CA SER I 39 33.88 -37.28 -24.30
C SER I 39 34.87 -37.16 -23.15
N GLN I 40 35.75 -36.17 -23.24
CA GLN I 40 36.77 -35.90 -22.24
C GLN I 40 36.24 -34.91 -21.22
N VAL I 41 36.31 -35.28 -19.94
CA VAL I 41 35.68 -34.52 -18.86
C VAL I 41 36.64 -34.34 -17.70
N ILE I 42 36.62 -33.16 -17.07
CA ILE I 42 37.29 -32.95 -15.79
C ILE I 42 36.27 -32.71 -14.70
N PHE I 43 36.28 -33.57 -13.66
CA PHE I 43 35.44 -33.44 -12.47
C PHE I 43 36.16 -32.52 -11.50
N CYS I 44 35.57 -31.36 -11.20
CA CYS I 44 36.22 -30.35 -10.38
C CYS I 44 35.41 -30.20 -9.11
N ASN I 45 35.98 -30.70 -8.01
CA ASN I 45 35.31 -30.71 -6.72
C ASN I 45 35.51 -29.35 -6.05
N ARG I 46 34.55 -28.45 -6.29
CA ARG I 46 34.46 -27.13 -5.67
C ARG I 46 33.56 -27.13 -4.44
N SER I 47 33.71 -28.12 -3.56
CA SER I 47 32.90 -28.22 -2.37
C SER I 47 33.77 -28.63 -1.19
N PRO I 48 33.28 -28.48 0.03
CA PRO I 48 34.05 -28.95 1.20
C PRO I 48 33.84 -30.42 1.52
N ARG I 49 33.20 -31.17 0.63
CA ARG I 49 32.83 -32.56 0.87
C ARG I 49 33.66 -33.47 0.00
N VAL I 50 33.87 -34.69 0.51
CA VAL I 50 34.41 -35.76 -0.32
C VAL I 50 33.32 -36.16 -1.31
N VAL I 51 33.60 -36.03 -2.61
CA VAL I 51 32.56 -36.17 -3.63
C VAL I 51 32.59 -37.57 -4.24
N LEU I 52 31.42 -38.20 -4.34
CA LEU I 52 31.25 -39.49 -4.98
C LEU I 52 30.58 -39.31 -6.34
N PRO I 53 31.31 -39.54 -7.43
CA PRO I 53 30.69 -39.53 -8.76
C PRO I 53 29.81 -40.76 -8.91
N VAL I 54 28.64 -40.59 -9.50
CA VAL I 54 27.76 -41.71 -9.77
C VAL I 54 27.37 -41.69 -11.25
N TRP I 55 27.70 -42.75 -11.96
CA TRP I 55 27.33 -42.89 -13.37
C TRP I 55 26.04 -43.68 -13.44
N LEU I 56 25.09 -43.20 -14.23
CA LEU I 56 23.89 -43.98 -14.47
C LEU I 56 24.19 -44.90 -15.64
N ASN I 57 24.13 -46.21 -15.40
CA ASN I 57 24.51 -47.16 -16.41
C ASN I 57 23.37 -47.32 -17.43
N PHE I 58 23.56 -48.24 -18.37
CA PHE I 58 22.60 -48.40 -19.47
C PHE I 58 21.28 -48.99 -19.00
N ASP I 59 21.26 -49.62 -17.83
CA ASP I 59 20.01 -50.12 -17.28
C ASP I 59 19.40 -49.16 -16.29
N GLY I 60 20.01 -47.99 -16.09
CA GLY I 60 19.50 -47.05 -15.12
C GLY I 60 20.06 -47.24 -13.73
N GLU I 61 20.89 -48.28 -13.52
CA GLU I 61 21.40 -48.57 -12.18
C GLU I 61 22.55 -47.64 -11.83
N PRO I 62 22.53 -46.99 -10.65
CA PRO I 62 23.63 -46.09 -10.28
C PRO I 62 24.93 -46.85 -10.07
N GLN I 63 26.02 -46.31 -10.62
CA GLN I 63 27.31 -46.98 -10.44
C GLN I 63 28.33 -46.05 -9.82
N PRO I 64 28.82 -46.36 -8.62
CA PRO I 64 29.80 -45.47 -7.96
C PRO I 64 31.21 -45.54 -8.59
N TYR I 65 31.90 -44.41 -8.57
CA TYR I 65 33.26 -44.29 -9.09
C TYR I 65 34.14 -43.77 -7.95
N PRO I 66 35.48 -43.79 -8.08
CA PRO I 66 36.33 -43.39 -6.95
C PRO I 66 36.07 -41.96 -6.49
N THR I 67 36.15 -41.75 -5.18
CA THR I 67 35.80 -40.46 -4.58
C THR I 67 36.81 -39.37 -4.96
N LEU I 68 36.36 -38.11 -4.84
CA LEU I 68 37.18 -36.92 -5.06
C LEU I 68 37.38 -36.17 -3.76
N PRO I 69 38.61 -36.03 -3.25
CA PRO I 69 38.81 -35.22 -2.05
C PRO I 69 38.43 -33.78 -2.32
N PRO I 70 38.08 -33.03 -1.28
CA PRO I 70 37.71 -31.61 -1.46
C PRO I 70 38.83 -30.79 -2.11
N GLY I 71 38.43 -29.89 -3.01
CA GLY I 71 39.37 -29.00 -3.67
C GLY I 71 40.26 -29.64 -4.72
N THR I 72 39.91 -30.82 -5.21
CA THR I 72 40.73 -31.55 -6.17
C THR I 72 39.98 -31.73 -7.50
N GLY I 73 40.73 -32.14 -8.50
CA GLY I 73 40.17 -32.37 -9.81
C GLY I 73 40.72 -33.68 -10.34
N ARG I 74 39.92 -34.33 -11.16
CA ARG I 74 40.30 -35.58 -11.80
C ARG I 74 39.81 -35.57 -13.23
N ARG I 75 40.66 -36.01 -14.14
CA ARG I 75 40.32 -36.15 -15.54
C ARG I 75 39.67 -37.52 -15.76
N ILE I 76 38.47 -37.55 -16.32
CA ILE I 76 37.73 -38.80 -16.48
C ILE I 76 37.38 -38.96 -17.95
N HIS I 77 37.30 -40.22 -18.40
CA HIS I 77 36.91 -40.58 -19.76
C HIS I 77 35.46 -41.03 -19.78
N SER I 78 34.60 -40.27 -20.45
CA SER I 78 33.19 -40.58 -20.53
C SER I 78 32.74 -40.57 -21.99
N TYR I 79 31.43 -40.45 -22.21
CA TYR I 79 30.87 -40.54 -23.56
C TYR I 79 29.76 -39.52 -23.69
N ARG I 80 29.44 -39.11 -24.91
CA ARG I 80 28.33 -38.20 -25.08
C ARG I 80 27.02 -38.88 -24.74
N GLY I 81 26.16 -38.17 -24.02
CA GLY I 81 24.88 -38.72 -23.64
C GLY I 81 24.88 -39.56 -22.37
N HIS I 82 26.02 -39.72 -21.71
CA HIS I 82 26.04 -40.48 -20.47
C HIS I 82 25.55 -39.60 -19.32
N LEU I 83 25.04 -40.24 -18.26
CA LEU I 83 24.45 -39.53 -17.13
C LEU I 83 25.29 -39.71 -15.89
N TRP I 84 25.58 -38.58 -15.24
CA TRP I 84 26.37 -38.54 -14.03
C TRP I 84 25.64 -37.69 -13.00
N LEU I 85 25.73 -38.12 -11.76
CA LEU I 85 25.31 -37.29 -10.65
C LEU I 85 26.33 -37.43 -9.53
N PHE I 86 26.30 -36.50 -8.59
CA PHE I 86 27.35 -36.42 -7.60
C PHE I 86 26.75 -36.29 -6.21
N ARG I 87 27.41 -36.93 -5.25
CA ARG I 87 26.94 -37.07 -3.88
C ARG I 87 28.10 -36.94 -2.90
N ASP I 88 27.73 -36.62 -1.67
CA ASP I 88 28.65 -36.68 -0.55
C ASP I 88 28.97 -38.14 -0.28
N ALA I 89 30.25 -38.50 -0.30
CA ALA I 89 30.61 -39.91 -0.24
C ALA I 89 30.17 -40.53 1.06
N GLY I 90 30.24 -39.79 2.17
CA GLY I 90 29.82 -40.38 3.43
C GLY I 90 28.32 -40.41 3.65
N THR I 91 27.66 -39.27 3.48
CA THR I 91 26.27 -39.10 3.88
C THR I 91 25.26 -39.30 2.75
N HIS I 92 25.72 -39.36 1.50
CA HIS I 92 24.90 -39.39 0.29
C HIS I 92 24.05 -38.13 0.10
N ASP I 93 24.42 -37.06 0.80
CA ASP I 93 23.81 -35.76 0.53
C ASP I 93 24.03 -35.43 -0.95
N GLY I 94 23.01 -34.86 -1.57
CA GLY I 94 23.14 -34.49 -2.96
C GLY I 94 23.99 -33.26 -3.14
N LEU I 95 24.74 -33.24 -4.24
CA LEU I 95 25.56 -32.10 -4.59
C LEU I 95 25.11 -31.66 -5.96
N LEU I 96 25.55 -30.49 -6.37
CA LEU I 96 25.17 -29.93 -7.65
C LEU I 96 26.37 -30.00 -8.57
N VAL I 97 26.13 -30.27 -9.84
CA VAL I 97 27.18 -30.21 -10.83
C VAL I 97 26.72 -29.21 -11.87
N ASN I 98 27.52 -28.17 -12.10
CA ASN I 98 27.19 -27.12 -13.06
C ASN I 98 25.83 -26.48 -12.80
N GLN I 99 25.55 -26.24 -11.52
CA GLN I 99 24.34 -25.57 -11.02
C GLN I 99 23.07 -26.41 -11.23
N THR I 100 23.20 -27.70 -11.46
CA THR I 100 22.06 -28.59 -11.66
C THR I 100 22.42 -29.96 -11.09
N GLU I 101 21.49 -30.90 -11.22
CA GLU I 101 21.69 -32.19 -10.60
C GLU I 101 22.33 -33.22 -11.49
N LEU I 102 22.18 -33.12 -12.80
CA LEU I 102 22.69 -34.16 -13.68
C LEU I 102 23.71 -33.56 -14.63
N PHE I 103 24.80 -34.30 -14.84
CA PHE I 103 25.85 -33.91 -15.78
C PHE I 103 25.85 -34.88 -16.95
N VAL I 104 25.68 -34.34 -18.16
CA VAL I 104 25.70 -35.12 -19.38
C VAL I 104 26.86 -34.64 -20.25
N PRO I 105 27.95 -35.40 -20.30
CA PRO I 105 29.10 -34.99 -21.13
C PRO I 105 28.66 -34.78 -22.58
N SER I 106 29.24 -33.77 -23.20
CA SER I 106 28.88 -33.41 -24.56
C SER I 106 30.11 -33.55 -25.48
N LEU I 107 29.96 -33.04 -26.69
CA LEU I 107 30.98 -33.04 -27.70
C LEU I 107 32.15 -32.15 -27.29
N ASN I 108 33.38 -32.70 -27.27
CA ASN I 108 34.59 -31.88 -27.10
C ASN I 108 34.86 -31.08 -28.36
N VAL I 109 34.95 -29.76 -28.23
CA VAL I 109 35.21 -28.89 -29.37
C VAL I 109 36.65 -28.41 -29.31
N ASP I 110 37.38 -28.59 -30.41
CA ASP I 110 38.77 -28.16 -30.49
C ASP I 110 39.60 -28.81 -29.39
N GLY I 111 39.26 -30.02 -28.99
CA GLY I 111 40.02 -30.68 -27.95
C GLY I 111 39.95 -30.03 -26.57
N GLN I 112 38.85 -29.31 -26.25
CA GLN I 112 38.74 -28.80 -24.89
C GLN I 112 37.92 -29.78 -24.03
N PRO I 113 38.40 -30.15 -22.84
CA PRO I 113 37.63 -31.03 -21.97
C PRO I 113 36.41 -30.32 -21.42
N ILE I 114 35.38 -31.10 -21.11
CA ILE I 114 34.18 -30.53 -20.49
C ILE I 114 34.39 -30.48 -18.99
N PHE I 115 34.07 -29.35 -18.39
CA PHE I 115 34.29 -29.16 -16.96
C PHE I 115 32.98 -29.41 -16.23
N ALA I 116 33.02 -30.29 -15.22
CA ALA I 116 31.87 -30.56 -14.37
C ALA I 116 32.15 -29.99 -12.98
N ASN I 117 31.64 -28.81 -12.70
CA ASN I 117 31.98 -28.13 -11.45
C ASN I 117 31.01 -28.58 -10.35
N ILE I 118 31.51 -29.37 -9.41
CA ILE I 118 30.71 -29.91 -8.34
C ILE I 118 30.78 -28.94 -7.19
N THR I 119 29.62 -28.42 -6.76
CA THR I 119 29.56 -27.41 -5.71
C THR I 119 28.53 -27.83 -4.67
N LEU I 120 28.60 -27.20 -3.54
CA LEU I 120 27.62 -27.43 -2.49
C LEU I 120 26.34 -26.64 -2.80
N PRO I 121 25.17 -27.25 -2.65
CA PRO I 121 23.91 -26.52 -2.87
C PRO I 121 23.61 -25.62 -1.69
N VAL I 122 22.70 -24.68 -1.93
CA VAL I 122 22.20 -23.93 -0.79
C VAL I 122 21.15 -24.78 -0.09
N TYR I 123 21.58 -25.64 0.83
CA TYR I 123 20.65 -26.50 1.56
C TYR I 123 19.65 -25.65 2.33
N THR I 124 18.46 -26.20 2.57
CA THR I 124 17.61 -25.52 3.53
C THR I 124 18.24 -25.63 4.91
N LEU I 125 17.84 -24.72 5.79
CA LEU I 125 18.31 -24.83 7.15
C LEU I 125 17.86 -26.15 7.76
N LYS I 126 16.64 -26.60 7.41
CA LYS I 126 16.15 -27.88 7.93
C LYS I 126 17.05 -29.02 7.48
N GLU I 127 17.29 -29.10 6.16
CA GLU I 127 18.16 -30.14 5.62
C GLU I 127 19.54 -30.09 6.27
N ARG I 128 20.09 -28.88 6.46
CA ARG I 128 21.39 -28.80 7.09
C ARG I 128 21.35 -29.34 8.51
N CYS I 129 20.30 -28.97 9.26
CA CYS I 129 20.19 -29.47 10.63
C CYS I 129 20.05 -30.97 10.66
N LEU I 130 19.23 -31.53 9.76
CA LEU I 130 19.11 -32.98 9.69
C LEU I 130 20.47 -33.63 9.43
N GLN I 131 21.31 -32.99 8.61
CA GLN I 131 22.65 -33.50 8.30
C GLN I 131 23.52 -33.60 9.54
N VAL I 132 23.58 -32.51 10.32
CA VAL I 132 24.44 -32.47 11.51
C VAL I 132 23.98 -33.48 12.54
N VAL I 133 22.66 -33.54 12.78
CA VAL I 133 22.14 -34.47 13.77
C VAL I 133 22.37 -35.91 13.34
N ARG I 134 22.12 -36.24 12.06
CA ARG I 134 22.42 -37.59 11.59
C ARG I 134 23.89 -37.95 11.79
N SER I 135 24.77 -36.97 11.64
CA SER I 135 26.21 -37.17 11.83
C SER I 135 26.57 -37.36 13.30
N LEU I 136 25.74 -36.89 14.22
CA LEU I 136 26.03 -37.00 15.65
C LEU I 136 25.32 -38.15 16.36
N VAL I 137 24.29 -38.75 15.76
CA VAL I 137 23.51 -39.78 16.44
C VAL I 137 23.52 -41.07 15.62
N LYS I 138 23.76 -42.18 16.29
CA LYS I 138 23.63 -43.47 15.64
C LYS I 138 22.16 -43.71 15.32
N PRO I 139 21.86 -44.37 14.20
CA PRO I 139 20.44 -44.49 13.77
C PRO I 139 19.58 -45.27 14.75
N GLU I 140 20.18 -46.14 15.57
CA GLU I 140 19.43 -46.88 16.59
C GLU I 140 18.85 -45.92 17.64
N ASN I 141 19.51 -44.80 17.87
CA ASN I 141 19.15 -43.85 18.92
C ASN I 141 18.41 -42.62 18.40
N TYR I 142 17.97 -42.61 17.14
CA TYR I 142 17.21 -41.48 16.63
C TYR I 142 15.94 -41.25 17.47
N ARG I 143 15.27 -42.33 17.86
CA ARG I 143 14.00 -42.19 18.56
C ARG I 143 14.17 -41.67 19.98
N ARG I 144 15.36 -41.76 20.55
CA ARG I 144 15.57 -41.23 21.89
C ARG I 144 15.73 -39.71 21.89
N LEU I 145 15.66 -39.06 20.73
CA LEU I 145 15.79 -37.61 20.69
C LEU I 145 14.47 -37.00 21.13
N ASP I 146 14.55 -35.84 21.80
CA ASP I 146 13.35 -35.19 22.31
C ASP I 146 12.75 -34.31 21.22
N ILE I 147 12.20 -34.97 20.20
CA ILE I 147 11.62 -34.28 19.05
C ILE I 147 10.34 -35.00 18.65
N VAL I 148 9.56 -34.31 17.83
CA VAL I 148 8.31 -34.86 17.29
C VAL I 148 8.62 -36.03 16.35
N ARG I 149 7.65 -36.94 16.24
CA ARG I 149 7.86 -38.10 15.38
C ARG I 149 7.99 -37.70 13.91
N SER I 150 7.39 -36.58 13.50
CA SER I 150 7.60 -36.12 12.12
C SER I 150 9.07 -35.85 11.88
N LEU I 151 9.73 -35.15 12.80
CA LEU I 151 11.14 -34.86 12.63
C LEU I 151 11.99 -36.12 12.78
N TYR I 152 11.58 -37.03 13.68
CA TYR I 152 12.27 -38.32 13.76
C TYR I 152 12.15 -39.06 12.44
N GLU I 153 11.00 -38.95 11.77
CA GLU I 153 10.84 -39.59 10.47
C GLU I 153 11.64 -38.87 9.40
N ASP I 154 11.76 -37.54 9.51
CA ASP I 154 12.64 -36.81 8.61
C ASP I 154 14.11 -37.21 8.82
N LEU I 155 14.52 -37.57 10.05
CA LEU I 155 15.87 -38.09 10.25
C LEU I 155 16.07 -39.43 9.55
N GLU I 156 15.06 -40.30 9.57
CA GLU I 156 15.24 -41.65 9.01
C GLU I 156 15.17 -41.69 7.50
N ASP I 157 14.64 -40.65 6.85
CA ASP I 157 14.62 -40.51 5.40
C ASP I 157 15.98 -40.01 4.91
N HIS I 158 17.00 -40.86 5.11
CA HIS I 158 18.35 -40.52 4.70
C HIS I 158 18.37 -40.20 3.21
N PRO I 159 19.14 -39.21 2.77
CA PRO I 159 19.22 -38.94 1.33
C PRO I 159 19.74 -40.18 0.62
N ASN I 160 19.18 -40.41 -0.57
CA ASN I 160 19.37 -41.64 -1.33
C ASN I 160 19.38 -41.33 -2.83
N VAL I 161 20.25 -42.02 -3.56
CA VAL I 161 20.36 -41.80 -5.00
C VAL I 161 19.14 -42.37 -5.73
N GLN I 162 18.69 -43.57 -5.34
CA GLN I 162 17.52 -44.17 -5.98
C GLN I 162 16.26 -43.37 -5.68
N LYS I 163 16.13 -42.85 -4.47
CA LYS I 163 15.00 -41.98 -4.18
C LYS I 163 15.05 -40.77 -5.09
N ASP I 164 16.22 -40.14 -5.19
CA ASP I 164 16.36 -38.97 -6.03
C ASP I 164 16.06 -39.27 -7.49
N LEU I 165 16.42 -40.47 -7.97
CA LEU I 165 16.12 -40.84 -9.35
C LEU I 165 14.62 -40.98 -9.58
N GLU I 166 13.90 -41.54 -8.61
CA GLU I 166 12.45 -41.64 -8.73
C GLU I 166 11.80 -40.26 -8.77
N ARG I 167 12.26 -39.34 -7.91
CA ARG I 167 11.76 -37.97 -7.89
C ARG I 167 12.03 -37.25 -9.21
N LEU I 168 13.26 -37.34 -9.72
CA LEU I 168 13.62 -36.72 -10.99
C LEU I 168 12.83 -37.31 -12.15
N THR I 169 12.42 -38.59 -12.04
CA THR I 169 11.64 -39.19 -13.11
C THR I 169 10.18 -38.74 -13.04
N GLN I 170 9.61 -38.61 -11.83
CA GLN I 170 8.33 -37.92 -11.72
C GLN I 170 8.46 -36.43 -12.05
N GLU I 171 9.70 -35.91 -12.11
CA GLU I 171 9.99 -34.49 -12.40
C GLU I 171 9.41 -33.56 -11.35
N MET J 1 23.29 24.69 -37.20
CA MET J 1 23.23 23.62 -36.21
C MET J 1 22.20 23.96 -35.14
N ASP J 2 21.19 23.10 -35.05
CA ASP J 2 20.11 23.27 -34.09
C ASP J 2 20.55 22.72 -32.74
N VAL J 3 20.31 23.45 -31.68
CA VAL J 3 20.57 22.92 -30.35
C VAL J 3 19.24 22.84 -29.62
N PHE J 4 19.14 21.87 -28.72
CA PHE J 4 17.88 21.53 -28.06
C PHE J 4 18.00 21.69 -26.56
N LEU J 5 17.12 22.51 -25.97
CA LEU J 5 17.25 22.96 -24.59
C LEU J 5 16.01 22.72 -23.74
N MET J 6 16.26 22.69 -22.43
CA MET J 6 15.26 22.77 -21.37
C MET J 6 15.56 24.02 -20.58
N ILE J 7 14.77 25.08 -20.75
CA ILE J 7 14.88 26.28 -19.92
C ILE J 7 14.04 26.01 -18.70
N ARG J 8 14.68 26.00 -17.53
CA ARG J 8 14.04 25.50 -16.32
C ARG J 8 14.13 26.53 -15.20
N ARG J 9 12.98 26.82 -14.58
CA ARG J 9 12.91 27.67 -13.39
C ARG J 9 11.95 27.04 -12.41
N HIS J 10 12.41 26.85 -11.17
CA HIS J 10 11.52 26.33 -10.13
C HIS J 10 10.84 25.03 -10.53
N LYS J 11 9.55 25.08 -10.82
CA LYS J 11 8.85 23.91 -11.32
C LYS J 11 8.40 24.06 -12.78
N THR J 12 9.08 24.92 -13.55
CA THR J 12 8.71 25.18 -14.93
C THR J 12 9.84 24.73 -15.85
N THR J 13 9.49 23.97 -16.88
CA THR J 13 10.47 23.51 -17.86
C THR J 13 9.95 23.86 -19.23
N ILE J 14 10.66 24.70 -19.95
CA ILE J 14 10.31 25.03 -21.32
C ILE J 14 11.20 24.23 -22.26
N PHE J 15 10.57 23.55 -23.22
CA PHE J 15 11.28 22.80 -24.26
C PHE J 15 11.29 23.65 -25.52
N THR J 16 12.48 24.07 -25.92
CA THR J 16 12.65 24.83 -27.14
C THR J 16 13.95 24.46 -27.81
N ASP J 17 14.12 24.93 -29.03
CA ASP J 17 15.34 24.72 -29.78
C ASP J 17 15.79 26.09 -30.26
N ALA J 18 17.06 26.19 -30.64
CA ALA J 18 17.63 27.43 -31.12
C ALA J 18 18.88 27.06 -31.92
N LYS J 19 19.42 28.05 -32.62
CA LYS J 19 20.65 27.78 -33.36
C LYS J 19 21.86 28.02 -32.47
N GLU J 20 22.92 27.25 -32.72
CA GLU J 20 24.14 27.41 -31.91
C GLU J 20 24.60 28.85 -31.93
N SER J 21 24.43 29.53 -33.07
CA SER J 21 24.84 30.92 -33.24
C SER J 21 23.86 31.92 -32.63
N SER J 22 22.65 31.49 -32.25
CA SER J 22 21.75 32.45 -31.63
C SER J 22 22.35 32.91 -30.30
N THR J 23 21.87 34.04 -29.79
CA THR J 23 22.45 34.61 -28.59
C THR J 23 21.62 34.30 -27.36
N VAL J 24 22.27 34.49 -26.20
CA VAL J 24 21.58 34.37 -24.93
C VAL J 24 20.38 35.32 -24.88
N PHE J 25 20.51 36.53 -25.47
CA PHE J 25 19.40 37.48 -25.43
C PHE J 25 18.22 37.00 -26.27
N GLU J 26 18.50 36.47 -27.47
CA GLU J 26 17.43 35.94 -28.32
C GLU J 26 16.70 34.81 -27.61
N LEU J 27 17.42 34.06 -26.79
CA LEU J 27 16.79 33.05 -25.94
C LEU J 27 16.03 33.68 -24.78
N LYS J 28 16.47 34.82 -24.25
CA LYS J 28 15.65 35.52 -23.27
C LYS J 28 14.37 36.04 -23.89
N ARG J 29 14.44 36.41 -25.18
CA ARG J 29 13.25 36.86 -25.91
C ARG J 29 12.19 35.78 -25.96
N ILE J 30 12.61 34.52 -26.08
CA ILE J 30 11.69 33.39 -26.12
C ILE J 30 10.97 33.25 -24.80
N VAL J 31 11.71 33.31 -23.70
CA VAL J 31 11.11 33.18 -22.37
C VAL J 31 10.07 34.28 -22.17
N GLU J 32 10.37 35.48 -22.69
CA GLU J 32 9.45 36.61 -22.54
C GLU J 32 8.12 36.30 -23.20
N GLY J 33 8.14 35.60 -24.34
CA GLY J 33 6.90 35.17 -24.96
C GLY J 33 6.12 34.20 -24.08
N ILE J 34 6.76 33.13 -23.65
CA ILE J 34 6.05 32.10 -22.91
C ILE J 34 5.71 32.59 -21.51
N LEU J 35 6.72 32.90 -20.70
CA LEU J 35 6.45 33.22 -19.30
C LEU J 35 6.14 34.71 -19.03
N LYS J 36 6.09 35.55 -20.07
CA LYS J 36 5.58 36.92 -19.95
C LYS J 36 6.42 37.80 -19.01
N ARG J 37 7.76 37.73 -19.12
CA ARG J 37 8.64 38.61 -18.37
C ARG J 37 9.70 39.15 -19.29
N PRO J 38 10.03 40.45 -19.25
CA PRO J 38 10.97 41.00 -20.21
C PRO J 38 12.40 40.56 -19.91
N PRO J 39 13.29 40.53 -20.92
CA PRO J 39 14.69 40.11 -20.70
C PRO J 39 15.39 40.82 -19.56
N ASP J 40 15.07 42.10 -19.32
CA ASP J 40 15.73 42.86 -18.26
C ASP J 40 15.53 42.22 -16.89
N GLU J 41 14.47 41.45 -16.73
CA GLU J 41 14.11 40.83 -15.46
C GLU J 41 14.41 39.33 -15.44
N GLN J 42 15.25 38.86 -16.38
CA GLN J 42 15.62 37.46 -16.53
C GLN J 42 17.14 37.29 -16.43
N ARG J 43 17.56 36.25 -15.72
CA ARG J 43 18.95 35.81 -15.70
C ARG J 43 18.99 34.36 -16.14
N LEU J 44 19.81 34.07 -17.14
CA LEU J 44 19.95 32.70 -17.61
C LEU J 44 21.27 32.11 -17.12
N TYR J 45 21.25 30.83 -16.75
CA TYR J 45 22.42 30.22 -16.16
C TYR J 45 22.78 28.93 -16.91
N LYS J 46 24.07 28.65 -17.05
CA LYS J 46 24.53 27.31 -17.37
C LYS J 46 25.18 26.78 -16.11
N ASP J 47 24.51 25.82 -15.48
CA ASP J 47 24.83 25.33 -14.15
C ASP J 47 24.81 26.48 -13.15
N ASP J 48 25.96 26.95 -12.67
CA ASP J 48 25.93 28.07 -11.73
C ASP J 48 26.51 29.33 -12.33
N GLN J 49 26.72 29.34 -13.63
CA GLN J 49 27.39 30.43 -14.28
C GLN J 49 26.39 31.32 -14.99
N LEU J 50 26.38 32.60 -14.65
CA LEU J 50 25.54 33.56 -15.36
C LEU J 50 26.03 33.68 -16.80
N LEU J 51 25.09 33.78 -17.73
CA LEU J 51 25.39 33.79 -19.16
C LEU J 51 25.29 35.22 -19.69
N ASP J 52 26.31 35.67 -20.43
CA ASP J 52 26.31 37.01 -21.00
C ASP J 52 25.40 37.06 -22.23
N ASP J 53 24.60 38.15 -22.35
CA ASP J 53 23.62 38.25 -23.43
C ASP J 53 24.27 38.14 -24.81
N GLY J 54 25.43 38.74 -25.00
CA GLY J 54 26.01 38.80 -26.32
C GLY J 54 26.67 37.53 -26.81
N LYS J 55 26.78 36.52 -25.95
CA LYS J 55 27.51 35.33 -26.32
C LYS J 55 26.62 34.40 -27.14
N THR J 56 27.23 33.67 -28.06
CA THR J 56 26.44 32.67 -28.78
C THR J 56 26.25 31.45 -27.87
N LEU J 57 25.24 30.66 -28.18
CA LEU J 57 25.02 29.47 -27.37
C LEU J 57 26.21 28.51 -27.51
N GLY J 58 26.85 28.46 -28.67
CA GLY J 58 27.99 27.58 -28.80
C GLY J 58 29.12 28.01 -27.88
N GLU J 59 29.35 29.32 -27.78
CA GLU J 59 30.31 29.87 -26.84
C GLU J 59 29.94 29.54 -25.39
N CYS J 60 28.67 29.31 -25.10
CA CYS J 60 28.29 28.92 -23.76
C CYS J 60 28.32 27.41 -23.56
N GLY J 61 28.77 26.65 -24.55
CA GLY J 61 28.96 25.23 -24.43
C GLY J 61 27.76 24.39 -24.79
N PHE J 62 26.76 24.97 -25.44
CA PHE J 62 25.60 24.25 -25.96
C PHE J 62 25.91 23.95 -27.41
N THR J 63 26.19 22.69 -27.71
CA THR J 63 26.54 22.22 -29.04
C THR J 63 25.59 21.12 -29.44
N SER J 64 25.60 20.77 -30.74
CA SER J 64 24.71 19.70 -31.18
C SER J 64 24.99 18.41 -30.44
N GLN J 65 26.25 18.15 -30.08
CA GLN J 65 26.61 16.94 -29.36
C GLN J 65 26.14 16.99 -27.90
N THR J 66 26.18 18.17 -27.29
CA THR J 66 25.79 18.26 -25.88
C THR J 66 24.29 18.46 -25.71
N ALA J 67 23.66 19.22 -26.60
CA ALA J 67 22.24 19.56 -26.48
C ALA J 67 21.44 18.89 -27.59
N ARG J 68 20.92 17.70 -27.32
CA ARG J 68 20.32 16.81 -28.31
C ARG J 68 18.82 16.69 -28.10
N PRO J 69 18.04 16.35 -29.14
CA PRO J 69 16.59 16.30 -28.95
C PRO J 69 16.17 15.28 -27.90
N GLN J 70 16.74 14.09 -27.93
CA GLN J 70 16.41 13.06 -26.96
C GLN J 70 17.09 13.30 -25.62
N ALA J 71 18.09 14.19 -25.59
CA ALA J 71 18.81 14.58 -24.37
C ALA J 71 19.13 16.06 -24.39
N PRO J 72 18.15 16.91 -24.09
CA PRO J 72 18.36 18.36 -24.16
C PRO J 72 19.17 18.91 -23.00
N ALA J 73 19.89 20.00 -23.28
CA ALA J 73 20.71 20.68 -22.28
C ALA J 73 19.86 21.62 -21.45
N THR J 74 20.31 21.87 -20.23
CA THR J 74 19.57 22.64 -19.25
C THR J 74 20.08 24.07 -19.11
N VAL J 75 19.16 25.02 -19.20
CA VAL J 75 19.46 26.42 -18.95
C VAL J 75 18.63 26.87 -17.76
N GLY J 76 19.30 27.39 -16.75
CA GLY J 76 18.61 27.90 -15.59
C GLY J 76 18.02 29.28 -15.81
N LEU J 77 16.89 29.52 -15.17
CA LEU J 77 16.16 30.76 -15.27
C LEU J 77 15.93 31.31 -13.87
N ALA J 78 16.18 32.59 -13.68
CA ALA J 78 15.90 33.28 -12.44
C ALA J 78 15.23 34.59 -12.76
N PHE J 79 14.20 34.93 -11.99
CA PHE J 79 13.40 36.13 -12.22
C PHE J 79 13.71 37.20 -11.18
N ARG J 80 13.32 38.44 -11.49
CA ARG J 80 13.50 39.57 -10.58
C ARG J 80 12.26 39.72 -9.70
N ALA J 81 12.45 39.64 -8.37
CA ALA J 81 11.39 39.86 -7.39
C ALA J 81 11.58 41.25 -6.76
N ASP J 82 10.67 42.18 -7.08
CA ASP J 82 10.81 43.61 -6.74
C ASP J 82 12.10 44.09 -7.42
N ASP J 83 13.04 44.68 -6.70
CA ASP J 83 14.29 45.13 -7.31
C ASP J 83 15.44 44.16 -7.06
N THR J 84 15.16 42.96 -6.56
CA THR J 84 16.21 42.00 -6.28
C THR J 84 15.92 40.73 -7.07
N PHE J 85 16.96 40.16 -7.68
CA PHE J 85 16.80 38.93 -8.43
C PHE J 85 16.73 37.78 -7.46
N GLU J 86 15.85 36.83 -7.74
CA GLU J 86 15.75 35.68 -6.89
C GLU J 86 17.00 34.82 -7.06
N ALA J 87 17.21 33.93 -6.10
CA ALA J 87 18.29 32.96 -6.27
C ALA J 87 17.86 31.91 -7.30
N LEU J 88 18.83 31.40 -8.05
CA LEU J 88 18.52 30.38 -9.04
C LEU J 88 18.01 29.12 -8.33
N ILE J 90 15.86 25.29 -9.06
CA ILE J 90 15.29 24.36 -10.01
C ILE J 90 14.81 23.13 -9.26
N GLU J 91 13.51 22.97 -9.14
CA GLU J 91 13.00 21.82 -8.42
C GLU J 91 13.31 20.56 -9.22
N PRO J 92 13.86 19.53 -8.61
CA PRO J 92 14.19 18.31 -9.37
C PRO J 92 12.94 17.55 -9.77
N PHE J 93 13.09 16.67 -10.76
CA PHE J 93 11.96 15.83 -11.12
C PHE J 93 11.77 14.74 -10.04
N SER J 94 10.64 14.05 -10.11
CA SER J 94 10.36 13.01 -9.13
C SER J 94 11.33 11.85 -9.25
N SER J 95 11.53 11.14 -8.15
CA SER J 95 12.44 10.00 -8.18
C SER J 95 11.72 8.79 -8.73
N PRO J 96 12.34 8.06 -9.67
CA PRO J 96 11.72 6.83 -10.16
C PRO J 96 11.70 5.80 -9.05
N PRO J 97 10.73 4.88 -9.07
CA PRO J 97 10.67 3.84 -8.04
C PRO J 97 11.85 2.89 -8.16
N GLU J 98 12.03 2.09 -7.12
CA GLU J 98 13.07 1.07 -7.16
C GLU J 98 12.79 0.12 -8.33
N LEU J 99 13.85 -0.40 -8.91
CA LEU J 99 13.65 -1.29 -10.03
C LEU J 99 12.99 -2.57 -9.52
N PRO J 100 11.93 -3.05 -10.17
CA PRO J 100 11.38 -4.36 -9.83
C PRO J 100 12.45 -5.44 -9.99
N ASP J 101 12.26 -6.55 -9.25
CA ASP J 101 13.25 -7.61 -9.25
C ASP J 101 13.46 -8.17 -10.65
N VAL J 102 12.37 -8.35 -11.40
CA VAL J 102 12.38 -8.86 -12.76
C VAL J 102 13.16 -7.99 -13.75
N MET J 103 13.65 -6.83 -13.29
CA MET J 103 14.35 -5.91 -14.19
C MET J 103 15.78 -5.59 -13.68
N GLY K 2 5.95 30.71 -32.50
CA GLY K 2 5.12 29.51 -32.54
C GLY K 2 4.35 29.31 -31.24
N MET K 3 3.10 28.86 -31.34
CA MET K 3 2.29 28.66 -30.15
C MET K 3 2.87 27.55 -29.26
N TYR K 4 2.55 27.62 -27.97
CA TYR K 4 3.00 26.67 -26.96
C TYR K 4 1.79 26.09 -26.23
N VAL K 5 2.00 24.96 -25.55
CA VAL K 5 0.99 24.33 -24.70
C VAL K 5 1.66 23.90 -23.40
N LYS K 6 0.85 23.64 -22.38
CA LYS K 6 1.35 23.33 -21.05
C LYS K 6 0.90 21.93 -20.65
N LEU K 7 1.84 21.05 -20.36
CA LEU K 7 1.54 19.72 -19.83
C LEU K 7 2.00 19.64 -18.39
N ILE K 8 1.08 19.36 -17.48
CA ILE K 8 1.37 19.43 -16.06
C ILE K 8 1.42 18.02 -15.49
N SER K 9 2.52 17.68 -14.85
CA SER K 9 2.62 16.34 -14.32
C SER K 9 1.88 16.23 -12.98
N SER K 10 1.78 14.98 -12.52
CA SER K 10 1.08 14.71 -11.28
C SER K 10 1.73 15.45 -10.11
N ASP K 11 3.07 15.52 -10.08
CA ASP K 11 3.74 16.21 -8.99
C ASP K 11 3.91 17.71 -9.25
N GLY K 12 3.14 18.28 -10.17
CA GLY K 12 3.06 19.72 -10.32
C GLY K 12 4.06 20.39 -11.24
N HIS K 13 5.02 19.66 -11.80
CA HIS K 13 5.95 20.23 -12.76
C HIS K 13 5.19 20.62 -14.03
N GLU K 14 5.46 21.81 -14.55
CA GLU K 14 4.78 22.29 -15.76
C GLU K 14 5.75 22.28 -16.91
N PHE K 15 5.41 21.54 -17.96
CA PHE K 15 6.24 21.41 -19.13
C PHE K 15 5.60 22.17 -20.27
N ILE K 16 6.32 23.15 -20.80
CA ILE K 16 5.82 24.00 -21.88
C ILE K 16 6.54 23.60 -23.15
N VAL K 17 5.79 23.10 -24.14
CA VAL K 17 6.33 22.60 -25.40
C VAL K 17 5.59 23.23 -26.57
N LYS K 18 6.19 23.17 -27.75
CA LYS K 18 5.50 23.73 -28.91
C LYS K 18 4.26 22.91 -29.22
N ARG K 19 3.22 23.61 -29.69
CA ARG K 19 1.94 22.96 -30.00
C ARG K 19 2.13 21.80 -30.97
N GLU K 20 2.88 22.02 -32.03
CA GLU K 20 3.07 20.97 -33.02
C GLU K 20 3.66 19.71 -32.40
N HIS K 21 4.61 19.88 -31.48
CA HIS K 21 5.24 18.74 -30.82
C HIS K 21 4.22 17.95 -29.99
N ALA K 22 3.40 18.64 -29.21
CA ALA K 22 2.43 17.92 -28.41
C ALA K 22 1.36 17.31 -29.29
N LEU K 23 1.21 17.83 -30.52
CA LEU K 23 0.26 17.23 -31.43
C LEU K 23 0.69 15.85 -31.90
N THR K 24 1.92 15.45 -31.57
CA THR K 24 2.39 14.10 -31.87
C THR K 24 1.52 13.03 -31.21
N SER K 25 1.14 13.24 -29.95
CA SER K 25 0.25 12.31 -29.27
C SER K 25 -1.19 12.58 -29.72
N GLY K 26 -1.87 11.52 -30.18
CA GLY K 26 -3.26 11.68 -30.60
C GLY K 26 -4.19 11.94 -29.44
N THR K 27 -3.90 11.36 -28.27
CA THR K 27 -4.67 11.68 -27.09
C THR K 27 -4.60 13.17 -26.76
N ILE K 28 -3.39 13.74 -26.85
CA ILE K 28 -3.23 15.17 -26.59
C ILE K 28 -3.94 15.99 -27.68
N LYS K 29 -3.92 15.52 -28.93
CA LYS K 29 -4.60 16.26 -29.99
C LYS K 29 -6.07 16.50 -29.66
N ALA K 30 -6.76 15.48 -29.17
CA ALA K 30 -8.16 15.68 -28.80
C ALA K 30 -8.29 16.60 -27.59
N MET K 31 -7.47 16.40 -26.56
CA MET K 31 -7.54 17.23 -25.36
C MET K 31 -7.30 18.71 -25.65
N LEU K 32 -6.38 19.02 -26.53
CA LEU K 32 -6.11 20.43 -26.83
C LEU K 32 -7.19 20.99 -27.75
N SER K 33 -7.73 20.15 -28.63
CA SER K 33 -8.75 20.56 -29.57
C SER K 33 -10.14 20.26 -29.02
N THR K 43 -8.63 24.86 -25.60
CA THR K 43 -7.73 24.46 -24.53
C THR K 43 -6.25 24.69 -24.91
N ASN K 44 -5.49 25.27 -23.97
CA ASN K 44 -4.05 25.49 -24.12
C ASN K 44 -3.22 24.84 -23.02
N GLU K 45 -3.85 24.16 -22.06
CA GLU K 45 -3.17 23.48 -20.97
C GLU K 45 -3.80 22.11 -20.77
N VAL K 46 -2.97 21.11 -20.42
CA VAL K 46 -3.44 19.76 -20.11
C VAL K 46 -2.84 19.31 -18.79
N ASN K 47 -3.65 18.65 -17.96
CA ASN K 47 -3.23 18.18 -16.65
C ASN K 47 -3.24 16.65 -16.62
N PHE K 48 -2.17 16.06 -16.13
CA PHE K 48 -2.03 14.60 -16.04
C PHE K 48 -1.83 14.19 -14.59
N ARG K 49 -2.89 13.70 -13.94
CA ARG K 49 -2.74 13.22 -12.57
C ARG K 49 -2.08 11.85 -12.56
N GLU K 50 -1.83 11.28 -13.75
CA GLU K 50 -1.37 9.93 -13.89
C GLU K 50 0.12 9.81 -14.16
N ILE K 51 0.76 10.87 -14.62
CA ILE K 51 2.13 10.82 -15.12
C ILE K 51 3.02 11.68 -14.22
N PRO K 52 3.99 11.10 -13.51
CA PRO K 52 4.94 11.91 -12.73
C PRO K 52 5.97 12.59 -13.64
N SER K 53 6.76 13.50 -13.02
CA SER K 53 7.63 14.40 -13.82
C SER K 53 8.81 13.66 -14.45
N HIS K 54 9.38 12.65 -13.78
CA HIS K 54 10.44 11.89 -14.43
C HIS K 54 9.92 11.19 -15.70
N VAL K 55 8.62 10.83 -15.75
CA VAL K 55 8.02 10.27 -16.96
C VAL K 55 7.68 11.34 -17.99
N LEU K 56 6.95 12.39 -17.59
CA LEU K 56 6.45 13.35 -18.57
C LEU K 56 7.58 14.14 -19.23
N SER K 57 8.71 14.33 -18.54
CA SER K 57 9.83 15.02 -19.17
C SER K 57 10.35 14.21 -20.36
N LYS K 58 10.54 12.89 -20.16
CA LYS K 58 10.95 12.02 -21.26
C LYS K 58 9.92 12.02 -22.37
N VAL K 59 8.63 12.08 -22.02
CA VAL K 59 7.59 12.17 -23.02
C VAL K 59 7.84 13.38 -23.94
N CYS K 60 8.15 14.54 -23.37
CA CYS K 60 8.42 15.71 -24.18
C CYS K 60 9.73 15.58 -24.93
N MET K 61 10.71 14.91 -24.33
CA MET K 61 11.95 14.70 -25.06
C MET K 61 11.70 13.85 -26.29
N TYR K 62 10.81 12.86 -26.18
CA TYR K 62 10.41 12.07 -27.33
C TYR K 62 9.69 12.91 -28.38
N PHE K 63 8.83 13.84 -27.94
CA PHE K 63 8.17 14.71 -28.92
C PHE K 63 9.21 15.44 -29.76
N THR K 64 10.21 16.03 -29.10
CA THR K 64 11.29 16.71 -29.80
C THR K 64 12.01 15.75 -30.74
N TYR K 65 12.28 14.54 -30.26
CA TYR K 65 13.00 13.56 -31.06
C TYR K 65 12.21 13.19 -32.31
N LYS K 66 10.93 12.92 -32.16
CA LYS K 66 10.16 12.51 -33.34
C LYS K 66 10.10 13.61 -34.39
N VAL K 67 9.73 14.84 -33.99
CA VAL K 67 9.59 15.91 -34.97
C VAL K 67 10.90 16.16 -35.70
N ARG K 68 12.03 16.00 -35.01
CA ARG K 68 13.33 16.30 -35.63
C ARG K 68 13.70 15.25 -36.66
N TYR K 69 13.56 13.96 -36.34
CA TYR K 69 14.11 12.91 -37.18
C TYR K 69 13.12 12.28 -38.15
N THR K 70 11.84 12.62 -38.03
CA THR K 70 10.85 12.10 -38.94
C THR K 70 11.08 12.65 -40.34
N ASN K 71 11.13 11.75 -41.32
CA ASN K 71 11.32 12.10 -42.73
C ASN K 71 12.69 12.74 -42.96
N SER K 72 13.74 12.05 -42.52
CA SER K 72 15.11 12.48 -42.77
C SER K 72 15.96 11.26 -43.09
N SER K 73 16.70 11.33 -44.20
CA SER K 73 17.73 10.33 -44.50
C SER K 73 18.99 10.55 -43.67
N THR K 74 19.10 11.68 -42.96
CA THR K 74 20.16 11.84 -41.96
C THR K 74 20.02 10.72 -40.94
N GLU K 75 21.15 10.14 -40.52
CA GLU K 75 21.06 9.01 -39.62
C GLU K 75 20.36 9.39 -38.32
N ILE K 76 19.40 8.56 -37.96
CA ILE K 76 18.52 8.73 -36.82
C ILE K 76 19.22 8.02 -35.68
N PRO K 77 19.37 8.65 -34.53
CA PRO K 77 19.99 7.99 -33.38
C PRO K 77 18.92 7.33 -32.51
N GLU K 78 19.39 6.48 -31.60
CA GLU K 78 18.52 5.80 -30.69
C GLU K 78 17.90 6.77 -29.70
N PHE K 79 16.62 6.54 -29.37
CA PHE K 79 15.99 7.25 -28.27
C PHE K 79 16.28 6.46 -27.00
N PRO K 80 17.11 6.97 -26.10
CA PRO K 80 17.49 6.21 -24.91
C PRO K 80 16.39 6.29 -23.86
N ILE K 81 16.16 5.17 -23.20
CA ILE K 81 15.20 5.08 -22.10
C ILE K 81 15.92 4.41 -20.95
N ALA K 82 16.14 5.16 -19.89
CA ALA K 82 16.76 4.58 -18.70
C ALA K 82 15.87 3.47 -18.14
N PRO K 83 16.48 2.40 -17.62
CA PRO K 83 15.68 1.25 -17.15
C PRO K 83 14.73 1.59 -16.02
N GLU K 84 15.08 2.58 -15.19
CA GLU K 84 14.25 2.89 -14.04
C GLU K 84 12.92 3.48 -14.44
N ILE K 85 12.84 4.12 -15.61
CA ILE K 85 11.61 4.73 -16.04
C ILE K 85 10.91 3.94 -17.11
N ALA K 86 11.44 2.77 -17.48
CA ALA K 86 10.92 2.05 -18.64
C ALA K 86 9.45 1.70 -18.46
N LEU K 87 9.11 1.06 -17.35
CA LEU K 87 7.74 0.61 -17.18
C LEU K 87 6.77 1.77 -17.13
N GLU K 88 7.11 2.84 -16.41
CA GLU K 88 6.21 3.99 -16.34
C GLU K 88 6.10 4.70 -17.68
N LEU K 89 7.23 4.81 -18.38
CA LEU K 89 7.16 5.41 -19.71
C LEU K 89 6.25 4.58 -20.60
N LEU K 90 6.29 3.26 -20.46
CA LEU K 90 5.41 2.41 -21.25
C LEU K 90 3.94 2.71 -20.95
N MET K 91 3.59 2.78 -19.65
CA MET K 91 2.20 3.10 -19.31
C MET K 91 1.77 4.45 -19.87
N ALA K 92 2.62 5.47 -19.78
CA ALA K 92 2.20 6.77 -20.28
C ALA K 92 1.95 6.74 -21.78
N ALA K 93 2.84 6.07 -22.52
CA ALA K 93 2.69 6.06 -23.97
C ALA K 93 1.44 5.30 -24.40
N ASN K 94 1.11 4.23 -23.68
CA ASN K 94 -0.11 3.51 -24.01
C ASN K 94 -1.31 4.42 -23.91
N PHE K 95 -1.36 5.25 -22.87
CA PHE K 95 -2.45 6.21 -22.72
C PHE K 95 -2.38 7.31 -23.78
N LEU K 96 -1.19 7.81 -24.10
CA LEU K 96 -1.08 8.96 -25.00
C LEU K 96 -1.04 8.59 -26.48
N ASP K 97 -0.99 7.31 -26.81
CA ASP K 97 -0.84 6.86 -28.19
C ASP K 97 0.22 7.68 -28.94
N CYS K 98 1.46 7.64 -28.45
CA CYS K 98 2.53 8.22 -29.23
C CYS K 98 3.61 7.17 -29.47
N VAL L 29 3.58 -15.11 -52.62
CA VAL L 29 3.36 -13.82 -53.28
C VAL L 29 4.60 -12.94 -53.13
N LEU L 30 5.04 -12.69 -51.90
CA LEU L 30 6.24 -11.88 -51.65
C LEU L 30 7.50 -12.75 -51.64
N ARG L 31 8.16 -12.82 -52.79
CA ARG L 31 9.28 -13.72 -53.00
C ARG L 31 10.31 -13.06 -53.90
N SER L 32 11.51 -13.61 -53.91
CA SER L 32 12.46 -13.17 -54.90
C SER L 32 12.12 -13.77 -56.26
N VAL L 33 12.39 -13.01 -57.31
CA VAL L 33 12.26 -13.43 -58.69
C VAL L 33 13.59 -14.05 -59.11
N ASN L 34 13.57 -15.21 -59.77
CA ASN L 34 14.83 -15.81 -60.24
C ASN L 34 15.26 -15.27 -61.59
N SER L 35 15.76 -14.02 -61.57
CA SER L 35 16.19 -13.35 -62.80
C SER L 35 17.47 -13.95 -63.35
N ARG L 36 18.36 -14.41 -62.47
CA ARG L 36 19.71 -14.80 -62.85
C ARG L 36 20.48 -13.65 -63.47
N GLU L 37 19.99 -12.42 -63.29
CA GLU L 37 20.70 -11.23 -63.77
C GLU L 37 21.38 -10.55 -62.59
N PRO L 38 22.71 -10.65 -62.50
CA PRO L 38 23.41 -10.22 -61.27
C PRO L 38 23.33 -8.73 -61.01
N SER L 39 23.31 -8.40 -59.72
CA SER L 39 23.35 -7.05 -59.19
C SER L 39 24.32 -6.94 -58.03
N GLN L 40 25.20 -5.95 -58.08
CA GLN L 40 26.15 -5.71 -57.02
C GLN L 40 25.59 -4.65 -56.07
N VAL L 41 25.62 -4.95 -54.77
CA VAL L 41 24.97 -4.15 -53.73
C VAL L 41 25.94 -3.91 -52.58
N ILE L 42 25.91 -2.72 -51.98
CA ILE L 42 26.54 -2.50 -50.68
C ILE L 42 25.47 -2.27 -49.64
N PHE L 43 25.49 -3.10 -48.60
CA PHE L 43 24.64 -2.96 -47.42
C PHE L 43 25.38 -2.02 -46.50
N CYS L 44 24.75 -0.89 -46.16
CA CYS L 44 25.40 0.13 -45.33
C CYS L 44 24.61 0.32 -44.03
N ASN L 45 25.15 -0.23 -42.94
CA ASN L 45 24.50 -0.24 -41.62
C ASN L 45 24.70 1.14 -41.01
N ARG L 46 23.75 2.00 -41.29
CA ARG L 46 23.73 3.34 -40.74
C ARG L 46 22.78 3.41 -39.55
N SER L 47 22.87 2.47 -38.62
CA SER L 47 21.99 2.40 -37.46
C SER L 47 22.86 1.98 -36.28
N PRO L 48 22.39 2.08 -35.04
CA PRO L 48 23.21 1.62 -33.90
C PRO L 48 23.04 0.15 -33.54
N ARG L 49 22.37 -0.65 -34.36
CA ARG L 49 22.08 -2.03 -34.03
C ARG L 49 22.92 -2.95 -34.89
N VAL L 50 23.15 -4.17 -34.40
CA VAL L 50 23.72 -5.21 -35.25
C VAL L 50 22.66 -5.63 -36.25
N VAL L 51 22.99 -5.53 -37.52
CA VAL L 51 21.98 -5.73 -38.55
C VAL L 51 22.05 -7.16 -39.10
N LEU L 52 20.88 -7.76 -39.23
CA LEU L 52 20.71 -9.06 -39.87
C LEU L 52 20.04 -8.93 -41.23
N PRO L 53 20.76 -9.10 -42.34
CA PRO L 53 20.10 -9.16 -43.64
C PRO L 53 19.27 -10.43 -43.78
N VAL L 54 18.09 -10.29 -44.37
CA VAL L 54 17.18 -11.40 -44.60
C VAL L 54 16.81 -11.43 -46.08
N TRP L 55 17.15 -12.52 -46.76
CA TRP L 55 16.82 -12.67 -48.17
C TRP L 55 15.53 -13.46 -48.27
N LEU L 56 14.61 -13.00 -49.10
CA LEU L 56 13.40 -13.77 -49.35
C LEU L 56 13.69 -14.77 -50.46
N ASN L 57 13.58 -16.06 -50.15
CA ASN L 57 14.00 -17.03 -51.15
C ASN L 57 12.92 -17.15 -52.22
N PHE L 58 13.16 -18.03 -53.19
CA PHE L 58 12.24 -18.10 -54.31
C PHE L 58 10.89 -18.65 -53.90
N ASP L 59 10.81 -19.31 -52.76
CA ASP L 59 9.55 -19.82 -52.23
C ASP L 59 8.93 -18.89 -51.20
N GLY L 60 9.53 -17.70 -50.96
CA GLY L 60 9.00 -16.78 -49.98
C GLY L 60 9.55 -16.94 -48.58
N GLU L 61 10.39 -17.94 -48.32
CA GLU L 61 10.91 -18.22 -46.98
C GLU L 61 12.05 -17.26 -46.62
N PRO L 62 12.00 -16.65 -45.43
CA PRO L 62 13.09 -15.75 -45.02
C PRO L 62 14.37 -16.52 -44.79
N GLN L 63 15.46 -16.04 -45.37
CA GLN L 63 16.76 -16.68 -45.19
C GLN L 63 17.79 -15.71 -44.64
N PRO L 64 18.32 -15.96 -43.46
CA PRO L 64 19.31 -15.03 -42.88
C PRO L 64 20.68 -15.10 -43.53
N TYR L 65 21.36 -13.95 -43.54
CA TYR L 65 22.72 -13.78 -44.05
C TYR L 65 23.59 -13.21 -42.93
N PRO L 66 24.91 -13.20 -43.07
CA PRO L 66 25.77 -12.78 -41.95
C PRO L 66 25.52 -11.34 -41.50
N THR L 67 25.61 -11.14 -40.19
CA THR L 67 25.25 -9.88 -39.56
C THR L 67 26.26 -8.78 -39.89
N LEU L 68 25.78 -7.53 -39.83
CA LEU L 68 26.59 -6.33 -40.01
C LEU L 68 26.70 -5.58 -38.69
N PRO L 69 27.88 -5.46 -38.09
CA PRO L 69 28.02 -4.65 -36.87
C PRO L 69 27.65 -3.20 -37.15
N PRO L 70 27.29 -2.43 -36.11
CA PRO L 70 26.90 -1.03 -36.33
C PRO L 70 28.02 -0.22 -36.97
N GLY L 71 27.62 0.70 -37.84
CA GLY L 71 28.54 1.58 -38.55
C GLY L 71 29.40 0.93 -39.64
N THR L 72 29.05 -0.26 -40.11
CA THR L 72 29.86 -0.94 -41.11
C THR L 72 29.06 -1.15 -42.39
N GLY L 73 29.80 -1.54 -43.42
CA GLY L 73 29.23 -1.82 -44.72
C GLY L 73 29.86 -3.08 -45.27
N ARG L 74 29.12 -3.77 -46.14
CA ARG L 74 29.60 -4.98 -46.80
C ARG L 74 29.14 -5.03 -48.23
N ARG L 75 30.03 -5.48 -49.11
CA ARG L 75 29.67 -5.66 -50.50
C ARG L 75 29.07 -7.06 -50.67
N ILE L 76 27.88 -7.15 -51.21
CA ILE L 76 27.19 -8.43 -51.33
C ILE L 76 26.82 -8.64 -52.80
N HIS L 77 26.81 -9.90 -53.23
CA HIS L 77 26.44 -10.25 -54.59
C HIS L 77 25.01 -10.74 -54.63
N SER L 78 24.15 -9.98 -55.29
CA SER L 78 22.75 -10.33 -55.38
C SER L 78 22.30 -10.37 -56.84
N TYR L 79 21.00 -10.26 -57.04
CA TYR L 79 20.39 -10.43 -58.35
C TYR L 79 19.29 -9.40 -58.51
N ARG L 80 18.95 -9.09 -59.76
CA ARG L 80 17.88 -8.15 -60.03
C ARG L 80 16.55 -8.79 -59.65
N GLY L 81 15.68 -8.01 -59.03
CA GLY L 81 14.39 -8.55 -58.69
C GLY L 81 14.36 -9.35 -57.41
N HIS L 82 15.50 -9.49 -56.73
CA HIS L 82 15.48 -10.23 -55.48
C HIS L 82 14.98 -9.35 -54.33
N LEU L 83 14.48 -10.00 -53.27
CA LEU L 83 13.89 -9.30 -52.12
C LEU L 83 14.73 -9.44 -50.87
N TRP L 84 14.99 -8.33 -50.20
CA TRP L 84 15.74 -8.28 -48.96
C TRP L 84 15.02 -7.40 -47.95
N LEU L 85 15.09 -7.77 -46.68
CA LEU L 85 14.69 -6.89 -45.59
C LEU L 85 15.73 -7.04 -44.48
N PHE L 86 15.70 -6.10 -43.53
CA PHE L 86 16.75 -6.02 -42.54
C PHE L 86 16.17 -5.85 -41.15
N ARG L 87 16.82 -6.47 -40.17
CA ARG L 87 16.30 -6.56 -38.81
C ARG L 87 17.44 -6.43 -37.81
N ASP L 88 17.06 -6.12 -36.57
CA ASP L 88 17.99 -6.20 -35.45
C ASP L 88 18.30 -7.66 -35.15
N ALA L 89 19.59 -7.99 -35.16
CA ALA L 89 20.03 -9.38 -35.07
C ALA L 89 19.62 -10.02 -33.76
N GLY L 90 19.65 -9.28 -32.66
CA GLY L 90 19.27 -9.85 -31.39
C GLY L 90 17.76 -9.91 -31.14
N THR L 91 17.07 -8.81 -31.41
CA THR L 91 15.67 -8.66 -31.03
C THR L 91 14.67 -8.86 -32.18
N HIS L 92 15.14 -8.88 -33.42
CA HIS L 92 14.30 -8.93 -34.63
C HIS L 92 13.43 -7.68 -34.82
N ASP L 93 13.78 -6.57 -34.16
CA ASP L 93 13.13 -5.28 -34.40
C ASP L 93 13.21 -4.94 -35.88
N GLY L 94 12.19 -4.27 -36.39
CA GLY L 94 12.22 -3.87 -37.79
C GLY L 94 13.20 -2.74 -38.03
N LEU L 95 13.82 -2.75 -39.20
CA LEU L 95 14.71 -1.67 -39.59
C LEU L 95 14.25 -1.18 -40.95
N LEU L 96 14.78 -0.04 -41.37
CA LEU L 96 14.44 0.53 -42.66
C LEU L 96 15.62 0.36 -43.58
N VAL L 97 15.37 0.07 -44.84
CA VAL L 97 16.41 0.07 -45.86
C VAL L 97 15.98 1.05 -46.92
N ASN L 98 16.82 2.07 -47.16
CA ASN L 98 16.46 3.12 -48.12
C ASN L 98 15.10 3.72 -47.77
N GLN L 99 14.87 3.94 -46.47
CA GLN L 99 13.65 4.57 -45.94
C GLN L 99 12.41 3.76 -46.21
N THR L 100 12.55 2.47 -46.50
CA THR L 100 11.41 1.61 -46.81
C THR L 100 11.66 0.22 -46.23
N GLU L 101 10.72 -0.69 -46.44
CA GLU L 101 10.81 -1.97 -45.77
C GLU L 101 11.53 -3.02 -46.60
N LEU L 102 11.40 -2.96 -47.91
CA LEU L 102 11.95 -3.98 -48.79
C LEU L 102 12.95 -3.36 -49.76
N PHE L 103 14.10 -4.02 -49.93
CA PHE L 103 15.15 -3.60 -50.84
C PHE L 103 15.20 -4.59 -51.99
N VAL L 104 15.02 -4.09 -53.21
CA VAL L 104 15.08 -4.93 -54.42
C VAL L 104 16.24 -4.51 -55.31
N PRO L 105 17.33 -5.27 -55.36
CA PRO L 105 18.47 -4.90 -56.21
C PRO L 105 18.06 -4.69 -57.67
N SER L 106 18.64 -3.69 -58.30
CA SER L 106 18.29 -3.32 -59.67
C SER L 106 19.52 -3.48 -60.59
N LEU L 107 19.34 -3.07 -61.85
CA LEU L 107 20.42 -3.15 -62.81
C LEU L 107 21.52 -2.14 -62.50
N ASN L 108 22.76 -2.62 -62.33
CA ASN L 108 23.91 -1.74 -62.09
C ASN L 108 24.23 -0.95 -63.35
N VAL L 109 24.25 0.37 -63.25
CA VAL L 109 24.53 1.22 -64.40
C VAL L 109 25.92 1.86 -64.24
N ASP L 110 26.71 1.81 -65.32
CA ASP L 110 28.08 2.36 -65.34
C ASP L 110 28.95 1.73 -64.27
N GLY L 111 28.70 0.46 -63.95
CA GLY L 111 29.47 -0.22 -62.92
C GLY L 111 29.32 0.37 -61.53
N GLN L 112 28.17 1.04 -61.23
CA GLN L 112 28.03 1.54 -59.87
C GLN L 112 27.21 0.57 -59.01
N PRO L 113 27.68 0.22 -57.82
CA PRO L 113 26.89 -0.65 -56.93
C PRO L 113 25.69 0.09 -56.37
N ILE L 114 24.62 -0.66 -56.09
CA ILE L 114 23.42 -0.10 -55.49
C ILE L 114 23.62 -0.04 -53.98
N PHE L 115 23.29 1.09 -53.37
CA PHE L 115 23.46 1.25 -51.93
C PHE L 115 22.14 0.93 -51.23
N ALA L 116 22.21 0.03 -50.26
CA ALA L 116 21.08 -0.29 -49.41
C ALA L 116 21.41 0.33 -48.05
N ASN L 117 20.83 1.49 -47.78
CA ASN L 117 21.13 2.21 -46.56
C ASN L 117 20.18 1.74 -45.46
N ILE L 118 20.73 0.99 -44.50
CA ILE L 118 19.96 0.45 -43.39
C ILE L 118 19.99 1.45 -42.26
N THR L 119 18.81 1.90 -41.85
CA THR L 119 18.66 2.92 -40.82
C THR L 119 17.63 2.49 -39.78
N LEU L 120 17.73 3.10 -38.63
CA LEU L 120 16.77 2.89 -37.55
C LEU L 120 15.51 3.69 -37.86
N PRO L 121 14.32 3.11 -37.68
CA PRO L 121 13.09 3.87 -37.89
C PRO L 121 12.86 4.82 -36.72
N VAL L 122 11.97 5.79 -36.96
CA VAL L 122 11.47 6.57 -35.85
C VAL L 122 10.36 5.76 -35.19
N TYR L 123 10.73 4.94 -34.22
CA TYR L 123 9.75 4.12 -33.52
C TYR L 123 8.78 5.00 -32.75
N THR L 124 7.60 4.45 -32.51
CA THR L 124 6.73 5.10 -31.55
C THR L 124 7.36 4.99 -30.16
N LEU L 125 6.95 5.89 -29.26
CA LEU L 125 7.41 5.76 -27.88
C LEU L 125 6.98 4.43 -27.28
N LYS L 126 5.77 3.94 -27.62
CA LYS L 126 5.31 2.66 -27.09
C LYS L 126 6.22 1.52 -27.49
N GLU L 127 6.42 1.35 -28.79
CA GLU L 127 7.27 0.25 -29.24
C GLU L 127 8.67 0.38 -28.67
N ARG L 128 9.20 1.60 -28.60
CA ARG L 128 10.52 1.76 -28.02
C ARG L 128 10.55 1.27 -26.56
N CYS L 129 9.55 1.64 -25.76
CA CYS L 129 9.49 1.16 -24.39
C CYS L 129 9.35 -0.37 -24.35
N LEU L 130 8.45 -0.93 -25.18
CA LEU L 130 8.34 -2.38 -25.21
C LEU L 130 9.70 -3.02 -25.49
N GLN L 131 10.50 -2.37 -26.34
CA GLN L 131 11.83 -2.88 -26.66
C GLN L 131 12.72 -2.92 -25.41
N VAL L 132 12.79 -1.80 -24.69
CA VAL L 132 13.64 -1.69 -23.51
C VAL L 132 13.18 -2.65 -22.41
N VAL L 133 11.87 -2.77 -22.21
CA VAL L 133 11.37 -3.68 -21.18
C VAL L 133 11.76 -5.12 -21.54
N ARG L 134 11.56 -5.50 -22.79
CA ARG L 134 11.92 -6.84 -23.23
C ARG L 134 13.40 -7.14 -23.01
N SER L 135 14.26 -6.13 -23.13
CA SER L 135 15.69 -6.37 -22.94
C SER L 135 16.06 -6.58 -21.46
N LEU L 136 15.22 -6.11 -20.54
CA LEU L 136 15.50 -6.18 -19.11
C LEU L 136 14.85 -7.35 -18.39
N VAL L 137 13.81 -7.96 -18.96
CA VAL L 137 13.05 -9.00 -18.29
C VAL L 137 13.04 -10.27 -19.15
N LYS L 138 13.33 -11.41 -18.51
CA LYS L 138 13.19 -12.69 -19.19
C LYS L 138 11.71 -13.01 -19.40
N PRO L 139 11.37 -13.67 -20.51
CA PRO L 139 9.94 -13.87 -20.86
C PRO L 139 9.16 -14.71 -19.85
N GLU L 140 9.84 -15.58 -19.09
CA GLU L 140 9.17 -16.33 -18.04
C GLU L 140 8.71 -15.40 -16.91
N ASN L 141 9.40 -14.28 -16.71
CA ASN L 141 9.10 -13.34 -15.64
C ASN L 141 8.28 -12.15 -16.10
N TYR L 142 7.78 -12.14 -17.34
CA TYR L 142 6.98 -10.99 -17.79
C TYR L 142 5.77 -10.79 -16.89
N ARG L 143 5.11 -11.88 -16.51
CA ARG L 143 3.84 -11.80 -15.79
C ARG L 143 3.98 -11.18 -14.41
N ARG L 144 5.19 -11.02 -13.90
CA ARG L 144 5.50 -10.32 -12.65
C ARG L 144 5.60 -8.79 -12.78
N LEU L 145 5.36 -8.19 -13.97
CA LEU L 145 5.61 -6.77 -14.22
C LEU L 145 4.57 -5.78 -13.69
N ASP L 146 3.43 -6.21 -13.15
CA ASP L 146 2.42 -5.28 -12.61
C ASP L 146 2.05 -4.18 -13.60
N ILE L 147 1.43 -4.62 -14.68
CA ILE L 147 0.96 -3.77 -15.76
C ILE L 147 -0.37 -4.35 -16.21
N VAL L 148 -1.13 -3.58 -17.00
CA VAL L 148 -2.39 -4.13 -17.49
C VAL L 148 -2.07 -5.35 -18.37
N ARG L 149 -2.97 -6.33 -18.37
CA ARG L 149 -2.67 -7.53 -19.15
C ARG L 149 -2.56 -7.21 -20.63
N SER L 150 -3.21 -6.14 -21.09
CA SER L 150 -3.06 -5.73 -22.49
C SER L 150 -1.59 -5.45 -22.81
N LEU L 151 -0.91 -4.71 -21.92
CA LEU L 151 0.52 -4.44 -22.12
C LEU L 151 1.35 -5.71 -21.91
N TYR L 152 0.89 -6.63 -21.05
CA TYR L 152 1.57 -7.91 -20.91
C TYR L 152 1.62 -8.63 -22.25
N GLU L 153 0.51 -8.59 -22.99
CA GLU L 153 0.44 -9.26 -24.27
C GLU L 153 1.22 -8.51 -25.34
N ASP L 154 1.26 -7.17 -25.27
CA ASP L 154 2.11 -6.43 -26.19
C ASP L 154 3.58 -6.82 -25.98
N LEU L 155 3.99 -7.08 -24.73
CA LEU L 155 5.33 -7.61 -24.50
C LEU L 155 5.53 -8.96 -25.17
N GLU L 156 4.50 -9.82 -25.15
CA GLU L 156 4.59 -11.16 -25.74
C GLU L 156 4.46 -11.17 -27.26
N ASP L 157 3.97 -10.10 -27.86
CA ASP L 157 3.92 -9.95 -29.31
C ASP L 157 5.31 -9.50 -29.82
N HIS L 158 6.30 -10.38 -29.65
CA HIS L 158 7.66 -10.08 -30.09
C HIS L 158 7.68 -9.82 -31.59
N PRO L 159 8.48 -8.87 -32.07
CA PRO L 159 8.59 -8.67 -33.52
C PRO L 159 9.12 -9.93 -34.19
N ASN L 160 8.55 -10.23 -35.36
CA ASN L 160 8.80 -11.47 -36.06
C ASN L 160 8.72 -11.27 -37.56
N VAL L 161 9.65 -11.90 -38.28
CA VAL L 161 9.77 -11.67 -39.72
C VAL L 161 8.58 -12.26 -40.46
N GLN L 162 8.12 -13.46 -40.07
CA GLN L 162 6.99 -14.07 -40.77
C GLN L 162 5.70 -13.29 -40.53
N LYS L 163 5.49 -12.79 -39.33
CA LYS L 163 4.32 -11.94 -39.09
C LYS L 163 4.40 -10.70 -39.97
N ASP L 164 5.55 -10.02 -39.95
CA ASP L 164 5.75 -8.84 -40.79
C ASP L 164 5.58 -9.17 -42.27
N LEU L 165 6.00 -10.36 -42.68
CA LEU L 165 5.84 -10.78 -44.07
C LEU L 165 4.37 -10.97 -44.41
N GLU L 166 3.62 -11.58 -43.50
CA GLU L 166 2.19 -11.74 -43.74
C GLU L 166 1.48 -10.39 -43.83
N ARG L 167 1.84 -9.44 -42.97
CA ARG L 167 1.22 -8.13 -42.99
C ARG L 167 1.44 -7.41 -44.33
N LEU L 168 2.70 -7.38 -44.80
CA LEU L 168 2.99 -6.69 -46.05
C LEU L 168 2.24 -7.28 -47.24
N THR L 169 1.91 -8.57 -47.18
CA THR L 169 1.16 -9.19 -48.27
C THR L 169 -0.30 -8.77 -48.26
N GLN L 170 -0.85 -8.45 -47.09
CA GLN L 170 -2.22 -7.93 -47.04
C GLN L 170 -2.33 -6.61 -47.79
N GLU L 171 -1.31 -5.77 -47.68
CA GLU L 171 -1.22 -4.54 -48.49
C GLU L 171 -0.60 -4.82 -49.86
#